data_7VRX
#
_entry.id   7VRX
#
_cell.length_a   96.157
_cell.length_b   96.157
_cell.length_c   407.132
_cell.angle_alpha   90.0
_cell.angle_beta   90.0
_cell.angle_gamma   120.0
#
_symmetry.space_group_name_H-M   'P 65'
#
loop_
_entity.id
_entity.type
_entity.pdbx_description
1 polymer Aminotransferase
2 non-polymer 'SULFATE ION'
3 water water
#
_entity_poly.entity_id   1
_entity_poly.type   'polypeptide(L)'
_entity_poly.pdbx_seq_one_letter_code
;MGSFGMLARRAVLTDTPVMVQIQELIRGNKDCISLAQGVVYWQPPAQALEKVKEIIWEPSVSRYGADEGLPELREALMQK
LGHENNLHKSSVMVTAGANQAFVNVVLTLCDAGDSVVMFAPYYFNAHMSFQMTGVTDILVGPGDPKTLHPDADWLESTLK
NTVPTPKLVTVVNPGNPSGTYIPESLLKRISDICKKAGCWLVIDNTYEYFMYDNRKHVCIEANHIVNIFSFS(LLP)AYG
MMGWRVGYIAYPSEVEGLAAQLLKVQDNIPICASIISQRLALYSMEMGPEWVTNQVKDLVKNREVLLEALSPLGKGAVKG
GEGAIYLWAKLPDKYMDDFKVVHWLAKRHGVVLIPGSSSGCPGYVRVSFGGLIEKDCRAAAERLRKGLEELVNSGMASLE
HHHHHHHH
;
_entity_poly.pdbx_strand_id   A,B,C,D
#
loop_
_chem_comp.id
_chem_comp.type
_chem_comp.name
_chem_comp.formula
SO4 non-polymer 'SULFATE ION' 'O4 S -2'
#
# COMPACT_ATOMS: atom_id res chain seq x y z
N VAL A 12 -40.92 -9.55 -18.59
CA VAL A 12 -39.72 -10.28 -18.23
C VAL A 12 -38.53 -9.31 -18.21
N LEU A 13 -37.83 -9.24 -19.33
CA LEU A 13 -36.80 -8.24 -19.52
C LEU A 13 -37.46 -7.02 -20.13
N THR A 14 -36.81 -5.88 -20.04
CA THR A 14 -37.46 -4.66 -20.48
C THR A 14 -37.28 -4.32 -21.93
N ASP A 15 -38.28 -3.61 -22.45
CA ASP A 15 -38.32 -3.17 -23.82
C ASP A 15 -37.08 -2.34 -24.13
N THR A 16 -36.78 -1.35 -23.27
CA THR A 16 -35.71 -0.40 -23.57
C THR A 16 -34.35 -1.06 -23.80
N PRO A 17 -33.95 -2.06 -23.00
CA PRO A 17 -32.65 -2.62 -23.37
C PRO A 17 -32.72 -3.80 -24.34
N VAL A 18 -33.83 -4.52 -24.36
CA VAL A 18 -33.98 -5.61 -25.31
C VAL A 18 -33.93 -5.04 -26.73
N MET A 19 -34.39 -3.80 -26.88
CA MET A 19 -34.37 -3.11 -28.18
C MET A 19 -33.19 -2.15 -28.33
N VAL A 20 -32.19 -2.30 -27.47
CA VAL A 20 -30.86 -1.71 -27.68
C VAL A 20 -29.99 -2.65 -28.48
N GLN A 21 -29.18 -2.11 -29.38
CA GLN A 21 -28.35 -2.95 -30.22
C GLN A 21 -27.25 -3.56 -29.37
N ILE A 22 -26.79 -4.75 -29.74
CA ILE A 22 -25.74 -5.44 -29.00
C ILE A 22 -24.38 -4.76 -29.14
N CYS A 32 -4.86 -14.15 -35.12
CA CYS A 32 -5.49 -13.00 -35.75
C CYS A 32 -4.89 -11.69 -35.25
N ILE A 33 -4.42 -10.86 -36.16
CA ILE A 33 -3.99 -9.52 -35.79
C ILE A 33 -5.21 -8.61 -35.84
N SER A 34 -5.36 -7.73 -34.84
CA SER A 34 -6.55 -6.92 -34.75
C SER A 34 -6.31 -5.47 -35.15
N LEU A 35 -7.23 -4.94 -35.93
CA LEU A 35 -7.26 -3.52 -36.25
C LEU A 35 -8.63 -2.98 -35.84
N ALA A 36 -9.18 -3.55 -34.78
CA ALA A 36 -10.60 -3.40 -34.45
C ALA A 36 -10.91 -2.33 -33.40
N GLN A 37 -10.92 -2.72 -32.13
CA GLN A 37 -11.34 -1.83 -31.04
C GLN A 37 -10.68 -0.46 -31.04
N GLY A 38 -9.41 -0.38 -31.38
CA GLY A 38 -8.78 0.92 -31.35
C GLY A 38 -8.48 1.43 -29.96
N VAL A 39 -7.25 1.15 -29.57
CA VAL A 39 -6.68 1.56 -28.31
C VAL A 39 -5.33 2.17 -28.67
N VAL A 40 -4.57 2.63 -27.69
CA VAL A 40 -3.19 3.03 -28.00
C VAL A 40 -2.27 1.94 -27.45
N TYR A 41 -1.06 1.87 -27.95
CA TYR A 41 -0.17 0.79 -27.52
C TYR A 41 0.62 1.18 -26.28
N TRP A 42 0.67 2.46 -25.96
CA TRP A 42 1.50 2.90 -24.87
C TRP A 42 0.78 2.91 -23.51
N GLN A 43 1.55 2.61 -22.46
CA GLN A 43 1.07 2.69 -21.09
C GLN A 43 1.16 4.14 -20.62
N PRO A 44 0.56 4.45 -19.46
CA PRO A 44 0.70 5.81 -18.94
C PRO A 44 2.15 6.15 -18.58
N PRO A 45 2.46 7.45 -18.35
CA PRO A 45 3.83 7.90 -18.08
C PRO A 45 4.47 7.18 -16.89
N ALA A 46 5.71 6.73 -17.04
CA ALA A 46 6.37 5.98 -15.98
C ALA A 46 6.46 6.78 -14.68
N GLN A 47 6.67 8.08 -14.78
CA GLN A 47 6.82 8.91 -13.59
C GLN A 47 5.50 9.03 -12.86
N ALA A 48 4.41 9.00 -13.60
CA ALA A 48 3.10 9.08 -12.97
C ALA A 48 2.71 7.73 -12.34
N LEU A 49 3.03 6.63 -13.02
CA LEU A 49 2.75 5.31 -12.46
C LEU A 49 3.55 5.09 -11.18
N GLU A 50 4.78 5.60 -11.14
CA GLU A 50 5.63 5.48 -9.96
C GLU A 50 5.10 6.33 -8.80
N LYS A 51 4.63 7.54 -9.09
CA LYS A 51 4.08 8.41 -8.06
C LYS A 51 2.82 7.79 -7.45
N VAL A 52 2.02 7.15 -8.29
CA VAL A 52 0.83 6.44 -7.85
C VAL A 52 1.17 5.28 -6.92
N LYS A 53 2.23 4.55 -7.25
CA LYS A 53 2.67 3.43 -6.44
C LYS A 53 2.95 3.88 -5.00
N GLU A 54 3.51 5.09 -4.89
CA GLU A 54 4.00 5.63 -3.64
C GLU A 54 2.91 6.19 -2.73
N ILE A 55 1.69 6.35 -3.26
CA ILE A 55 0.57 6.88 -2.48
C ILE A 55 -0.54 5.85 -2.27
N ILE A 56 -0.33 4.61 -2.72
CA ILE A 56 -1.35 3.56 -2.61
C ILE A 56 -1.72 3.27 -1.13
N TRP A 57 -0.85 3.66 -0.22
CA TRP A 57 -1.02 3.38 1.20
C TRP A 57 -1.85 4.43 1.93
N GLU A 58 -1.98 5.59 1.28
CA GLU A 58 -2.70 6.72 1.87
C GLU A 58 -4.17 6.41 2.12
N PRO A 59 -4.66 6.77 3.31
CA PRO A 59 -6.06 6.46 3.61
C PRO A 59 -7.02 7.21 2.69
N SER A 60 -6.66 8.42 2.27
CA SER A 60 -7.52 9.21 1.38
C SER A 60 -7.81 8.49 0.05
N VAL A 61 -6.89 7.63 -0.36
CA VAL A 61 -7.00 6.89 -1.60
C VAL A 61 -8.08 5.80 -1.51
N SER A 62 -8.36 5.32 -0.31
CA SER A 62 -9.36 4.27 -0.14
C SER A 62 -10.73 4.81 0.29
N ARG A 63 -10.80 6.11 0.60
CA ARG A 63 -12.06 6.74 0.99
C ARG A 63 -12.80 7.27 -0.23
N TYR A 64 -14.12 7.46 -0.09
CA TYR A 64 -14.91 8.11 -1.12
C TYR A 64 -14.35 9.50 -1.38
N GLY A 65 -14.41 9.94 -2.62
CA GLY A 65 -14.07 11.31 -2.95
C GLY A 65 -15.34 12.09 -3.24
N ALA A 66 -15.19 13.41 -3.34
CA ALA A 66 -16.25 14.27 -3.80
C ALA A 66 -16.74 13.77 -5.17
N ASP A 67 -18.06 13.78 -5.35
CA ASP A 67 -18.65 13.32 -6.59
C ASP A 67 -18.11 14.04 -7.84
N GLU A 68 -17.89 15.34 -7.72
CA GLU A 68 -17.42 16.14 -8.85
C GLU A 68 -15.93 15.90 -9.17
N GLY A 69 -15.22 15.16 -8.31
CA GLY A 69 -13.82 14.83 -8.50
C GLY A 69 -12.85 15.47 -7.51
N LEU A 70 -11.64 14.91 -7.45
CA LEU A 70 -10.54 15.45 -6.63
C LEU A 70 -10.32 16.94 -6.92
N PRO A 71 -10.33 17.78 -5.88
CA PRO A 71 -10.14 19.23 -6.07
C PRO A 71 -8.84 19.59 -6.79
N GLU A 72 -7.74 18.89 -6.51
CA GLU A 72 -6.50 19.19 -7.20
C GLU A 72 -6.62 18.86 -8.68
N LEU A 73 -7.32 17.77 -9.02
CA LEU A 73 -7.48 17.40 -10.43
C LEU A 73 -8.44 18.36 -11.15
N ARG A 74 -9.57 18.67 -10.52
CA ARG A 74 -10.51 19.61 -11.11
C ARG A 74 -9.85 20.95 -11.39
N GLU A 75 -9.02 21.42 -10.46
CA GLU A 75 -8.33 22.69 -10.65
C GLU A 75 -7.31 22.60 -11.78
N ALA A 76 -6.57 21.50 -11.82
CA ALA A 76 -5.63 21.25 -12.90
C ALA A 76 -6.36 21.20 -14.24
N LEU A 77 -7.54 20.61 -14.24
CA LEU A 77 -8.32 20.51 -15.47
C LEU A 77 -8.82 21.88 -15.87
N MET A 78 -9.19 22.70 -14.88
CA MET A 78 -9.61 24.07 -15.15
C MET A 78 -8.50 24.86 -15.83
N GLN A 79 -7.27 24.69 -15.35
CA GLN A 79 -6.14 25.38 -15.94
C GLN A 79 -5.92 24.89 -17.36
N LYS A 80 -6.05 23.59 -17.55
CA LYS A 80 -5.86 22.97 -18.85
C LYS A 80 -6.89 23.49 -19.87
N LEU A 81 -8.15 23.56 -19.44
CA LEU A 81 -9.22 24.01 -20.32
C LEU A 81 -8.97 25.43 -20.80
N GLY A 82 -8.51 26.27 -19.87
CA GLY A 82 -8.21 27.66 -20.17
C GLY A 82 -7.00 27.85 -21.07
N HIS A 83 -5.90 27.18 -20.76
CA HIS A 83 -4.65 27.44 -21.46
C HIS A 83 -4.54 26.62 -22.75
N GLU A 84 -5.11 25.42 -22.78
CA GLU A 84 -5.02 24.60 -23.98
C GLU A 84 -6.24 24.73 -24.88
N ASN A 85 -7.42 24.80 -24.27
CA ASN A 85 -8.66 24.75 -25.02
C ASN A 85 -9.34 26.10 -25.12
N ASN A 86 -8.80 27.08 -24.39
CA ASN A 86 -9.32 28.45 -24.36
C ASN A 86 -10.79 28.50 -23.90
N LEU A 87 -11.08 27.73 -22.86
CA LEU A 87 -12.40 27.72 -22.25
C LEU A 87 -12.30 28.34 -20.86
N HIS A 88 -13.22 29.24 -20.52
CA HIS A 88 -13.10 29.96 -19.27
C HIS A 88 -14.41 30.05 -18.52
N LYS A 89 -15.48 29.55 -19.12
CA LYS A 89 -16.78 29.63 -18.50
C LYS A 89 -17.35 28.26 -18.18
N SER A 90 -16.47 27.26 -18.10
CA SER A 90 -16.89 25.88 -17.88
C SER A 90 -16.49 25.36 -16.50
N SER A 91 -17.35 24.56 -15.90
CA SER A 91 -17.03 23.84 -14.68
C SER A 91 -16.66 22.42 -15.02
N VAL A 92 -15.96 21.73 -14.11
CA VAL A 92 -15.50 20.38 -14.40
C VAL A 92 -16.12 19.35 -13.47
N MET A 93 -16.51 18.22 -14.03
CA MET A 93 -16.90 17.07 -13.25
C MET A 93 -16.16 15.85 -13.75
N VAL A 94 -15.36 15.24 -12.87
CA VAL A 94 -14.60 14.04 -13.23
C VAL A 94 -15.45 12.80 -13.18
N THR A 95 -15.37 11.97 -14.22
CA THR A 95 -16.19 10.80 -14.31
C THR A 95 -15.37 9.54 -14.49
N ALA A 96 -16.00 8.38 -14.28
CA ALA A 96 -15.32 7.12 -14.48
C ALA A 96 -15.36 6.74 -15.96
N GLY A 97 -14.70 7.57 -16.78
CA GLY A 97 -14.69 7.36 -18.21
C GLY A 97 -15.59 8.34 -18.92
N ALA A 98 -15.28 8.60 -20.19
CA ALA A 98 -16.10 9.49 -21.02
C ALA A 98 -17.41 8.80 -21.40
N ASN A 99 -17.40 7.47 -21.39
CA ASN A 99 -18.62 6.73 -21.69
C ASN A 99 -19.65 6.96 -20.59
N GLN A 100 -19.21 6.92 -19.34
CA GLN A 100 -20.11 7.19 -18.23
C GLN A 100 -20.46 8.67 -18.23
N ALA A 101 -19.52 9.49 -18.66
CA ALA A 101 -19.75 10.90 -18.78
C ALA A 101 -20.86 11.19 -19.79
N PHE A 102 -20.86 10.44 -20.88
CA PHE A 102 -21.88 10.67 -21.90
C PHE A 102 -23.26 10.28 -21.37
N VAL A 103 -23.31 9.20 -20.60
CA VAL A 103 -24.56 8.77 -19.97
C VAL A 103 -25.08 9.81 -18.97
N ASN A 104 -24.21 10.40 -18.17
CA ASN A 104 -24.64 11.52 -17.33
C ASN A 104 -25.37 12.61 -18.12
N VAL A 105 -24.85 12.93 -19.29
CA VAL A 105 -25.39 14.02 -20.11
C VAL A 105 -26.73 13.65 -20.74
N VAL A 106 -26.81 12.42 -21.24
CA VAL A 106 -28.04 11.93 -21.88
C VAL A 106 -29.20 11.89 -20.90
N LEU A 107 -28.97 11.36 -19.70
CA LEU A 107 -29.99 11.30 -18.67
C LEU A 107 -30.37 12.68 -18.14
N THR A 108 -29.48 13.65 -18.34
CA THR A 108 -29.67 15.00 -17.83
C THR A 108 -30.30 15.94 -18.85
N LEU A 109 -30.02 15.72 -20.13
CA LEU A 109 -30.48 16.63 -21.17
C LEU A 109 -31.59 16.01 -22.05
N CYS A 110 -31.80 14.70 -21.94
CA CYS A 110 -32.80 14.02 -22.76
C CYS A 110 -33.83 13.28 -21.94
N ASP A 111 -35.09 13.38 -22.37
CA ASP A 111 -36.15 12.55 -21.83
C ASP A 111 -36.32 11.35 -22.77
N ALA A 112 -36.76 10.23 -22.24
CA ALA A 112 -37.22 9.14 -23.09
C ALA A 112 -38.31 9.69 -24.01
N GLY A 113 -38.31 9.27 -25.28
CA GLY A 113 -39.32 9.75 -26.21
C GLY A 113 -38.92 11.03 -26.95
N ASP A 114 -37.84 11.65 -26.51
CA ASP A 114 -37.29 12.80 -27.25
C ASP A 114 -36.54 12.34 -28.49
N SER A 115 -36.30 13.28 -29.40
CA SER A 115 -35.51 13.01 -30.59
C SER A 115 -34.17 13.71 -30.44
N VAL A 116 -33.12 13.09 -30.99
CA VAL A 116 -31.76 13.62 -30.93
C VAL A 116 -31.08 13.48 -32.29
N VAL A 117 -30.00 14.21 -32.50
CA VAL A 117 -29.32 14.21 -33.80
C VAL A 117 -27.85 13.76 -33.75
N MET A 118 -27.51 12.81 -34.62
CA MET A 118 -26.13 12.40 -34.86
C MET A 118 -25.77 12.58 -36.33
N PHE A 119 -24.51 12.40 -36.69
CA PHE A 119 -24.11 12.49 -38.09
C PHE A 119 -23.44 11.20 -38.52
N ALA A 120 -23.68 10.80 -39.78
CA ALA A 120 -23.10 9.56 -40.26
C ALA A 120 -21.69 9.79 -40.81
N PRO A 121 -20.78 8.85 -40.54
CA PRO A 121 -20.96 7.67 -39.67
C PRO A 121 -20.98 8.10 -38.21
N TYR A 122 -21.82 7.45 -37.40
CA TYR A 122 -21.94 7.91 -36.03
C TYR A 122 -21.20 7.00 -35.07
N TYR A 123 -20.90 7.52 -33.89
CA TYR A 123 -20.21 6.76 -32.87
C TYR A 123 -21.17 5.76 -32.22
N PHE A 124 -20.88 4.48 -32.41
CA PHE A 124 -21.75 3.38 -32.01
C PHE A 124 -22.21 3.43 -30.55
N ASN A 125 -21.26 3.57 -29.62
CA ASN A 125 -21.63 3.53 -28.20
C ASN A 125 -22.53 4.71 -27.80
N ALA A 126 -22.38 5.83 -28.48
CA ALA A 126 -23.28 6.96 -28.23
C ALA A 126 -24.70 6.62 -28.67
N HIS A 127 -24.80 5.91 -29.79
CA HIS A 127 -26.10 5.53 -30.36
C HIS A 127 -26.83 4.60 -29.38
N MET A 128 -26.14 3.57 -28.90
CA MET A 128 -26.70 2.64 -27.91
C MET A 128 -27.10 3.30 -26.60
N SER A 129 -26.32 4.28 -26.15
CA SER A 129 -26.59 4.92 -24.86
C SER A 129 -27.90 5.68 -24.90
N PHE A 130 -28.17 6.31 -26.05
CA PHE A 130 -29.47 6.91 -26.30
C PHE A 130 -30.57 5.86 -26.13
N GLN A 131 -30.47 4.77 -26.91
CA GLN A 131 -31.44 3.68 -26.88
C GLN A 131 -31.64 3.12 -25.48
N MET A 132 -30.54 2.94 -24.78
CA MET A 132 -30.54 2.33 -23.44
C MET A 132 -31.39 3.13 -22.45
N THR A 133 -31.44 4.44 -22.65
CA THR A 133 -32.19 5.30 -21.74
C THR A 133 -33.56 5.68 -22.33
N GLY A 134 -33.98 4.96 -23.37
CA GLY A 134 -35.27 5.17 -24.03
C GLY A 134 -35.35 6.31 -25.02
N VAL A 135 -34.20 6.84 -25.44
CA VAL A 135 -34.17 7.82 -26.52
C VAL A 135 -33.84 7.09 -27.81
N THR A 136 -34.89 6.70 -28.56
CA THR A 136 -34.70 5.86 -29.74
C THR A 136 -34.95 6.60 -31.06
N ASP A 137 -35.52 7.79 -30.98
CA ASP A 137 -35.75 8.60 -32.17
C ASP A 137 -34.48 9.38 -32.51
N ILE A 138 -33.52 8.68 -33.11
CA ILE A 138 -32.22 9.24 -33.40
C ILE A 138 -32.11 9.59 -34.89
N LEU A 139 -32.08 10.88 -35.17
CA LEU A 139 -31.99 11.41 -36.54
C LEU A 139 -30.54 11.49 -37.00
N VAL A 140 -30.19 10.68 -38.01
CA VAL A 140 -28.82 10.59 -38.51
C VAL A 140 -28.58 11.45 -39.76
N GLY A 141 -27.81 12.52 -39.61
CA GLY A 141 -27.55 13.44 -40.70
C GLY A 141 -26.42 13.03 -41.62
N PRO A 142 -26.36 13.61 -42.83
CA PRO A 142 -25.29 13.32 -43.79
C PRO A 142 -24.05 14.18 -43.56
N GLY A 143 -22.90 13.66 -43.96
CA GLY A 143 -21.69 14.46 -44.02
C GLY A 143 -21.36 14.69 -45.49
N ASP A 144 -20.64 15.76 -45.78
CA ASP A 144 -20.15 16.01 -47.14
C ASP A 144 -19.51 14.76 -47.70
N PRO A 145 -19.93 14.34 -48.90
CA PRO A 145 -19.44 13.09 -49.48
C PRO A 145 -17.91 13.03 -49.58
N LYS A 146 -17.24 14.18 -49.66
CA LYS A 146 -15.78 14.17 -49.80
C LYS A 146 -15.02 14.26 -48.47
N THR A 147 -15.53 15.02 -47.51
CA THR A 147 -14.80 15.23 -46.25
C THR A 147 -15.50 14.63 -45.03
N LEU A 148 -16.74 14.18 -45.23
CA LEU A 148 -17.60 13.65 -44.16
C LEU A 148 -17.91 14.67 -43.06
N HIS A 149 -17.57 15.93 -43.29
CA HIS A 149 -17.96 16.97 -42.35
C HIS A 149 -19.47 17.14 -42.36
N PRO A 150 -20.07 17.20 -41.17
CA PRO A 150 -21.50 17.36 -40.96
C PRO A 150 -22.14 18.47 -41.79
N ASP A 151 -23.22 18.13 -42.49
CA ASP A 151 -23.91 19.14 -43.28
C ASP A 151 -24.75 20.03 -42.39
N ALA A 152 -24.30 21.26 -42.23
CA ALA A 152 -24.97 22.24 -41.37
C ALA A 152 -26.32 22.71 -41.93
N ASP A 153 -26.46 22.67 -43.25
CA ASP A 153 -27.70 23.06 -43.93
C ASP A 153 -28.81 22.06 -43.62
N TRP A 154 -28.49 20.78 -43.69
CA TRP A 154 -29.42 19.73 -43.27
C TRP A 154 -29.81 19.89 -41.81
N LEU A 155 -28.84 20.22 -40.96
CA LEU A 155 -29.13 20.32 -39.53
C LEU A 155 -30.13 21.42 -39.27
N GLU A 156 -29.87 22.58 -39.86
CA GLU A 156 -30.71 23.75 -39.64
C GLU A 156 -32.15 23.46 -40.07
N SER A 157 -32.32 22.74 -41.17
CA SER A 157 -33.65 22.40 -41.67
C SER A 157 -34.34 21.36 -40.80
N THR A 158 -33.57 20.37 -40.36
CA THR A 158 -34.11 19.30 -39.52
C THR A 158 -34.57 19.86 -38.17
N LEU A 159 -33.78 20.76 -37.60
CA LEU A 159 -34.15 21.33 -36.29
C LEU A 159 -35.37 22.23 -36.44
N LYS A 160 -35.45 22.96 -37.54
CA LYS A 160 -36.58 23.84 -37.78
C LYS A 160 -37.87 23.06 -38.14
N ASN A 161 -37.71 21.94 -38.84
CA ASN A 161 -38.86 21.22 -39.41
C ASN A 161 -39.28 19.93 -38.70
N THR A 162 -38.49 19.49 -37.72
CA THR A 162 -38.88 18.35 -36.91
C THR A 162 -39.63 18.88 -35.68
N VAL A 163 -40.85 18.39 -35.49
CA VAL A 163 -41.69 18.82 -34.39
C VAL A 163 -42.05 17.61 -33.55
N PRO A 164 -41.74 17.65 -32.24
CA PRO A 164 -41.05 18.78 -31.59
C PRO A 164 -39.53 18.79 -31.87
N THR A 165 -38.91 19.94 -31.62
CA THR A 165 -37.50 20.15 -31.89
C THR A 165 -36.64 19.09 -31.20
N PRO A 166 -35.69 18.50 -31.94
CA PRO A 166 -34.74 17.60 -31.29
C PRO A 166 -34.11 18.28 -30.07
N LYS A 167 -33.88 17.51 -29.02
CA LYS A 167 -33.38 18.10 -27.76
C LYS A 167 -31.87 18.24 -27.76
N LEU A 168 -31.17 17.43 -28.54
CA LEU A 168 -29.70 17.44 -28.45
C LEU A 168 -29.05 17.00 -29.77
N VAL A 169 -27.87 17.55 -30.06
CA VAL A 169 -27.03 17.18 -31.22
C VAL A 169 -25.68 16.67 -30.70
N THR A 170 -25.24 15.51 -31.15
CA THR A 170 -23.98 14.91 -30.72
C THR A 170 -22.91 14.84 -31.79
N VAL A 171 -21.71 15.32 -31.51
CA VAL A 171 -20.59 15.15 -32.44
C VAL A 171 -19.31 14.68 -31.74
N VAL A 172 -18.42 14.05 -32.49
CA VAL A 172 -17.13 13.60 -31.99
C VAL A 172 -16.00 14.28 -32.78
N ASN A 173 -15.18 15.08 -32.09
CA ASN A 173 -14.17 15.91 -32.76
C ASN A 173 -12.79 15.78 -32.11
N PRO A 174 -11.84 15.12 -32.78
CA PRO A 174 -12.01 14.51 -34.10
C PRO A 174 -12.80 13.22 -34.03
N GLY A 175 -13.23 12.73 -35.19
CA GLY A 175 -14.28 11.76 -35.29
C GLY A 175 -13.97 10.30 -35.05
N ASN A 176 -14.94 9.64 -34.43
CA ASN A 176 -15.04 8.19 -34.36
C ASN A 176 -16.41 7.83 -34.98
N PRO A 177 -16.41 7.01 -36.05
CA PRO A 177 -15.29 6.28 -36.65
C PRO A 177 -14.61 6.97 -37.83
N SER A 178 -15.01 8.18 -38.20
CA SER A 178 -14.57 8.77 -39.47
C SER A 178 -13.08 9.10 -39.47
N GLY A 179 -12.54 9.47 -38.32
CA GLY A 179 -11.15 9.87 -38.24
C GLY A 179 -10.98 11.24 -38.87
N THR A 180 -12.09 11.96 -39.01
CA THR A 180 -12.10 13.29 -39.59
C THR A 180 -12.42 14.29 -38.51
N TYR A 181 -11.95 15.52 -38.67
CA TYR A 181 -12.21 16.53 -37.65
C TYR A 181 -13.23 17.55 -38.13
N ILE A 182 -13.72 18.36 -37.20
CA ILE A 182 -14.66 19.42 -37.51
C ILE A 182 -13.95 20.75 -37.35
N PRO A 183 -13.69 21.43 -38.47
CA PRO A 183 -13.04 22.74 -38.45
C PRO A 183 -13.77 23.72 -37.55
N GLU A 184 -13.04 24.67 -36.98
CA GLU A 184 -13.62 25.64 -36.08
C GLU A 184 -14.83 26.38 -36.64
N SER A 185 -14.77 26.76 -37.92
CA SER A 185 -15.87 27.52 -38.52
C SER A 185 -17.16 26.69 -38.53
N LEU A 186 -17.05 25.44 -38.95
CA LEU A 186 -18.20 24.56 -38.99
C LEU A 186 -18.74 24.32 -37.58
N LEU A 187 -17.85 24.08 -36.63
CA LEU A 187 -18.25 23.82 -35.25
C LEU A 187 -19.06 24.98 -34.68
N LYS A 188 -18.62 26.20 -34.93
CA LYS A 188 -19.33 27.40 -34.47
C LYS A 188 -20.65 27.62 -35.18
N ARG A 189 -20.74 27.17 -36.43
CA ARG A 189 -22.00 27.31 -37.16
C ARG A 189 -23.03 26.33 -36.60
N ILE A 190 -22.58 25.11 -36.34
CA ILE A 190 -23.44 24.11 -35.71
C ILE A 190 -23.94 24.61 -34.35
N SER A 191 -23.03 25.24 -33.61
CA SER A 191 -23.39 25.82 -32.33
C SER A 191 -24.46 26.93 -32.47
N ASP A 192 -24.29 27.80 -33.47
CA ASP A 192 -25.23 28.90 -33.71
C ASP A 192 -26.60 28.37 -34.09
N ILE A 193 -26.59 27.36 -34.94
CA ILE A 193 -27.81 26.66 -35.35
C ILE A 193 -28.56 26.05 -34.14
N CYS A 194 -27.84 25.35 -33.27
CA CYS A 194 -28.45 24.78 -32.07
C CYS A 194 -28.94 25.88 -31.13
N LYS A 195 -28.25 27.01 -31.13
CA LYS A 195 -28.63 28.12 -30.27
C LYS A 195 -29.96 28.71 -30.71
N LYS A 196 -30.13 28.88 -32.02
CA LYS A 196 -31.38 29.39 -32.58
C LYS A 196 -32.56 28.44 -32.35
N ALA A 197 -32.31 27.15 -32.53
CA ALA A 197 -33.34 26.14 -32.36
C ALA A 197 -33.61 25.86 -30.89
N GLY A 198 -32.66 26.23 -30.04
CA GLY A 198 -32.79 26.08 -28.59
C GLY A 198 -32.50 24.68 -28.09
N CYS A 199 -31.58 23.99 -28.74
CA CYS A 199 -31.21 22.65 -28.32
C CYS A 199 -29.75 22.63 -27.91
N TRP A 200 -29.33 21.53 -27.30
CA TRP A 200 -27.97 21.35 -26.81
C TRP A 200 -27.05 20.82 -27.89
N LEU A 201 -25.78 21.19 -27.79
CA LEU A 201 -24.72 20.61 -28.60
C LEU A 201 -23.74 19.90 -27.66
N VAL A 202 -23.53 18.60 -27.88
CA VAL A 202 -22.65 17.82 -27.02
C VAL A 202 -21.44 17.35 -27.81
N ILE A 203 -20.25 17.80 -27.40
CA ILE A 203 -19.04 17.50 -28.15
C ILE A 203 -18.07 16.57 -27.42
N ASP A 204 -17.74 15.45 -28.05
CA ASP A 204 -16.83 14.46 -27.49
C ASP A 204 -15.39 14.70 -28.00
N ASN A 205 -14.54 15.17 -27.08
CA ASN A 205 -13.14 15.49 -27.41
C ASN A 205 -12.12 14.44 -26.99
N THR A 206 -12.54 13.18 -26.97
CA THR A 206 -11.69 12.06 -26.58
C THR A 206 -10.35 12.04 -27.34
N TYR A 207 -10.37 12.50 -28.58
CA TYR A 207 -9.17 12.44 -29.40
C TYR A 207 -8.59 13.80 -29.69
N GLU A 208 -8.76 14.74 -28.79
CA GLU A 208 -8.29 16.11 -29.01
C GLU A 208 -6.78 16.20 -29.24
N TYR A 209 -6.03 15.28 -28.66
CA TYR A 209 -4.57 15.32 -28.77
C TYR A 209 -4.11 14.54 -29.99
N PHE A 210 -5.05 13.99 -30.74
CA PHE A 210 -4.73 13.17 -31.90
C PHE A 210 -5.06 13.91 -33.19
N MET A 211 -4.16 14.82 -33.60
CA MET A 211 -4.34 15.58 -34.82
C MET A 211 -3.17 15.36 -35.78
N TYR A 212 -3.42 15.42 -37.07
CA TYR A 212 -2.35 15.16 -38.03
C TYR A 212 -2.18 16.23 -39.10
N ASP A 213 -0.97 16.28 -39.67
CA ASP A 213 -0.63 17.23 -40.74
C ASP A 213 -0.90 18.65 -40.28
N ASN A 214 -0.66 18.89 -39.00
CA ASN A 214 -0.85 20.19 -38.37
C ASN A 214 -2.29 20.70 -38.46
N ARG A 215 -3.25 19.80 -38.58
CA ARG A 215 -4.66 20.22 -38.49
C ARG A 215 -4.97 20.63 -37.05
N LYS A 216 -5.78 21.66 -36.88
CA LYS A 216 -6.03 22.18 -35.53
C LYS A 216 -7.37 21.76 -34.92
N HIS A 217 -7.27 21.07 -33.78
CA HIS A 217 -8.43 20.79 -32.94
C HIS A 217 -8.74 22.05 -32.15
N VAL A 218 -10.03 22.36 -32.06
CA VAL A 218 -10.50 23.55 -31.37
C VAL A 218 -11.67 23.19 -30.45
N CYS A 219 -11.79 23.89 -29.33
CA CYS A 219 -12.93 23.75 -28.43
C CYS A 219 -13.69 25.05 -28.35
N ILE A 220 -15.01 24.98 -28.27
CA ILE A 220 -15.81 26.18 -28.06
C ILE A 220 -16.74 25.93 -26.89
N GLU A 221 -17.26 27.00 -26.27
CA GLU A 221 -18.17 26.85 -25.14
C GLU A 221 -19.32 27.84 -25.27
N ALA A 222 -20.42 27.52 -24.60
CA ALA A 222 -21.64 28.32 -24.62
C ALA A 222 -22.62 27.70 -23.64
N ASN A 223 -23.70 28.41 -23.32
CA ASN A 223 -24.65 27.89 -22.35
C ASN A 223 -25.48 26.75 -22.90
N HIS A 224 -25.28 26.40 -24.16
CA HIS A 224 -26.01 25.28 -24.77
C HIS A 224 -25.03 24.21 -25.23
N ILE A 225 -23.79 24.30 -24.78
CA ILE A 225 -22.76 23.31 -25.13
C ILE A 225 -22.19 22.55 -23.93
N VAL A 226 -22.05 21.23 -24.10
CA VAL A 226 -21.34 20.41 -23.13
C VAL A 226 -20.17 19.71 -23.81
N ASN A 227 -18.97 19.82 -23.23
CA ASN A 227 -17.80 19.11 -23.73
C ASN A 227 -17.44 17.89 -22.88
N ILE A 228 -17.01 16.82 -23.55
CA ILE A 228 -16.64 15.61 -22.86
C ILE A 228 -15.20 15.23 -23.22
N PHE A 229 -14.45 14.79 -22.21
CA PHE A 229 -13.05 14.42 -22.40
C PHE A 229 -12.74 13.07 -21.79
N SER A 230 -11.61 12.49 -22.17
CA SER A 230 -11.19 11.20 -21.63
C SER A 230 -9.68 11.15 -21.44
N PHE A 231 -9.24 10.39 -20.43
CA PHE A 231 -7.82 10.16 -20.23
C PHE A 231 -7.42 8.86 -20.91
N SER A 232 -8.40 8.10 -21.39
CA SER A 232 -8.14 6.74 -21.87
C SER A 232 -7.21 6.63 -23.07
N1 LLP A 233 -15.36 8.49 -26.64
C2 LLP A 233 -14.97 8.05 -27.90
C2' LLP A 233 -15.56 8.70 -29.15
C3 LLP A 233 -14.06 7.00 -28.04
O3 LLP A 233 -13.68 6.56 -29.33
C4 LLP A 233 -13.53 6.40 -26.92
C4' LLP A 233 -12.47 5.22 -27.02
C5 LLP A 233 -13.91 6.85 -25.68
C6 LLP A 233 -14.83 7.89 -25.53
C5' LLP A 233 -13.31 6.18 -24.51
OP4 LLP A 233 -14.22 6.38 -23.41
P LLP A 233 -13.68 6.04 -21.92
OP1 LLP A 233 -12.63 4.94 -21.94
OP2 LLP A 233 -13.13 7.29 -21.27
OP3 LLP A 233 -14.93 5.58 -21.15
N LLP A 233 -7.44 7.44 -24.11
CA LLP A 233 -6.67 7.30 -25.31
CB LLP A 233 -7.48 7.66 -26.52
CG LLP A 233 -8.87 6.96 -26.48
CD LLP A 233 -8.78 5.49 -26.99
CE LLP A 233 -10.09 4.83 -27.03
NZ LLP A 233 -11.15 5.80 -26.79
C LLP A 233 -5.34 8.06 -25.21
O LLP A 233 -4.28 7.45 -25.45
N ALA A 234 -5.38 9.34 -24.86
CA ALA A 234 -4.17 10.18 -24.80
C ALA A 234 -3.09 9.59 -23.90
N TYR A 235 -3.47 9.17 -22.69
CA TYR A 235 -2.49 8.71 -21.71
C TYR A 235 -2.48 7.21 -21.51
N GLY A 236 -3.11 6.48 -22.43
CA GLY A 236 -3.17 5.04 -22.34
C GLY A 236 -3.79 4.54 -21.04
N MET A 237 -4.66 5.35 -20.44
CA MET A 237 -5.27 5.00 -19.16
C MET A 237 -6.61 4.28 -19.28
N MET A 238 -6.78 3.51 -20.35
CA MET A 238 -8.05 2.82 -20.62
C MET A 238 -8.56 1.96 -19.47
N GLY A 239 -7.70 1.14 -18.89
CA GLY A 239 -8.10 0.29 -17.79
C GLY A 239 -8.37 1.00 -16.47
N TRP A 240 -8.05 2.29 -16.42
CA TRP A 240 -8.15 3.07 -15.18
C TRP A 240 -9.47 3.86 -15.02
N ARG A 241 -10.15 4.16 -16.13
CA ARG A 241 -11.51 4.75 -16.12
C ARG A 241 -11.59 6.17 -15.56
N VAL A 242 -11.09 7.14 -16.33
CA VAL A 242 -11.18 8.54 -15.97
C VAL A 242 -11.59 9.38 -17.19
N GLY A 243 -12.54 10.27 -17.00
CA GLY A 243 -12.97 11.19 -18.04
C GLY A 243 -13.50 12.40 -17.32
N TYR A 244 -13.94 13.41 -18.06
CA TYR A 244 -14.57 14.55 -17.42
C TYR A 244 -15.54 15.29 -18.34
N ILE A 245 -16.46 16.02 -17.71
CA ILE A 245 -17.43 16.85 -18.38
C ILE A 245 -17.07 18.29 -18.13
N ALA A 246 -16.98 19.08 -19.19
CA ALA A 246 -16.88 20.53 -19.07
C ALA A 246 -18.22 21.14 -19.45
N TYR A 247 -18.94 21.64 -18.46
CA TYR A 247 -20.30 22.14 -18.68
C TYR A 247 -20.41 23.60 -18.26
N PRO A 248 -21.40 24.34 -18.83
CA PRO A 248 -21.61 25.76 -18.52
C PRO A 248 -21.85 26.05 -17.04
N SER A 249 -21.07 26.96 -16.46
CA SER A 249 -21.18 27.30 -15.04
C SER A 249 -22.46 28.09 -14.71
N GLU A 250 -22.94 28.84 -15.69
CA GLU A 250 -23.99 29.85 -15.49
C GLU A 250 -25.42 29.39 -15.80
N VAL A 251 -25.57 28.18 -16.33
CA VAL A 251 -26.89 27.62 -16.58
C VAL A 251 -27.51 27.18 -15.27
N GLU A 252 -28.60 27.83 -14.87
CA GLU A 252 -29.20 27.53 -13.58
C GLU A 252 -29.61 26.05 -13.47
N GLY A 253 -29.14 25.40 -12.40
CA GLY A 253 -29.54 24.04 -12.10
C GLY A 253 -28.89 22.92 -12.89
N LEU A 254 -27.98 23.23 -13.80
CA LEU A 254 -27.33 22.18 -14.56
C LEU A 254 -26.40 21.34 -13.68
N ALA A 255 -25.61 22.01 -12.84
CA ALA A 255 -24.69 21.35 -11.93
C ALA A 255 -25.44 20.40 -11.02
N ALA A 256 -26.62 20.82 -10.58
CA ALA A 256 -27.43 20.02 -9.67
C ALA A 256 -27.90 18.74 -10.34
N GLN A 257 -28.29 18.81 -11.61
CA GLN A 257 -28.77 17.62 -12.30
C GLN A 257 -27.62 16.66 -12.54
N LEU A 258 -26.47 17.19 -12.94
CA LEU A 258 -25.31 16.37 -13.20
C LEU A 258 -24.88 15.66 -11.92
N LEU A 259 -24.96 16.39 -10.80
CA LEU A 259 -24.65 15.84 -9.47
C LEU A 259 -25.58 14.68 -9.11
N LYS A 260 -26.84 14.77 -9.53
CA LYS A 260 -27.80 13.72 -9.24
C LYS A 260 -27.45 12.42 -9.92
N VAL A 261 -27.15 12.48 -11.22
CA VAL A 261 -26.81 11.27 -11.96
C VAL A 261 -25.43 10.75 -11.51
N GLN A 262 -24.50 11.66 -11.26
CA GLN A 262 -23.15 11.25 -10.82
C GLN A 262 -23.23 10.47 -9.50
N ASP A 263 -24.05 10.95 -8.58
CA ASP A 263 -24.17 10.29 -7.27
C ASP A 263 -24.82 8.90 -7.36
N ASN A 264 -25.68 8.69 -8.35
CA ASN A 264 -26.36 7.42 -8.49
C ASN A 264 -25.56 6.40 -9.27
N ILE A 265 -24.66 6.87 -10.14
CA ILE A 265 -23.98 5.88 -10.96
C ILE A 265 -22.54 5.65 -10.42
N PRO A 266 -21.58 6.60 -10.60
CA PRO A 266 -20.29 6.19 -10.01
C PRO A 266 -20.04 6.63 -8.56
N ILE A 267 -20.86 7.53 -8.03
CA ILE A 267 -20.55 8.28 -6.81
C ILE A 267 -19.35 9.19 -7.09
N CYS A 268 -18.20 8.58 -7.33
CA CYS A 268 -17.01 9.32 -7.77
C CYS A 268 -16.14 8.39 -8.57
N ALA A 269 -15.25 8.95 -9.39
CA ALA A 269 -14.26 8.14 -10.08
C ALA A 269 -13.27 7.59 -9.06
N SER A 270 -12.68 6.43 -9.34
CA SER A 270 -11.67 5.83 -8.48
C SER A 270 -10.61 6.85 -8.12
N ILE A 271 -10.31 6.95 -6.84
CA ILE A 271 -9.37 7.95 -6.35
C ILE A 271 -7.96 7.76 -6.90
N ILE A 272 -7.49 6.53 -6.92
CA ILE A 272 -6.15 6.24 -7.41
C ILE A 272 -6.08 6.55 -8.90
N SER A 273 -7.18 6.34 -9.61
CA SER A 273 -7.21 6.66 -11.04
C SER A 273 -7.14 8.16 -11.24
N GLN A 274 -7.85 8.91 -10.40
CA GLN A 274 -7.82 10.36 -10.49
C GLN A 274 -6.43 10.88 -10.18
N ARG A 275 -5.74 10.25 -9.24
CA ARG A 275 -4.36 10.60 -8.92
C ARG A 275 -3.44 10.36 -10.12
N LEU A 276 -3.56 9.19 -10.76
CA LEU A 276 -2.77 8.90 -11.95
C LEU A 276 -3.03 9.95 -13.03
N ALA A 277 -4.30 10.30 -13.23
CA ALA A 277 -4.69 11.32 -14.20
C ALA A 277 -3.98 12.64 -13.93
N LEU A 278 -3.98 13.05 -12.66
CA LEU A 278 -3.32 14.27 -12.26
C LEU A 278 -1.81 14.22 -12.50
N TYR A 279 -1.17 13.12 -12.15
CA TYR A 279 0.27 13.00 -12.30
C TYR A 279 0.65 12.88 -13.77
N SER A 280 -0.18 12.18 -14.54
CA SER A 280 0.05 12.07 -15.98
C SER A 280 -0.01 13.44 -16.62
N MET A 281 -0.99 14.24 -16.19
CA MET A 281 -1.18 15.59 -16.71
C MET A 281 0.06 16.45 -16.55
N GLU A 282 0.82 16.20 -15.49
CA GLU A 282 1.94 17.05 -15.16
C GLU A 282 3.05 16.86 -16.18
N MET A 283 2.99 15.76 -16.93
CA MET A 283 3.92 15.54 -18.03
C MET A 283 3.74 16.58 -19.14
N GLY A 284 2.50 17.06 -19.29
CA GLY A 284 2.18 18.04 -20.31
C GLY A 284 1.66 17.39 -21.58
N PRO A 285 0.94 18.17 -22.40
CA PRO A 285 0.38 17.69 -23.67
C PRO A 285 1.44 17.13 -24.63
N GLU A 286 2.65 17.68 -24.57
CA GLU A 286 3.72 17.26 -25.48
C GLU A 286 4.12 15.81 -25.25
N TRP A 287 3.94 15.30 -24.03
CA TRP A 287 4.19 13.88 -23.79
C TRP A 287 3.30 13.01 -24.66
N VAL A 288 2.06 13.46 -24.86
CA VAL A 288 1.10 12.69 -25.66
C VAL A 288 1.37 12.88 -27.14
N THR A 289 1.43 14.15 -27.56
CA THR A 289 1.53 14.48 -28.97
C THR A 289 2.81 13.89 -29.56
N ASN A 290 3.84 13.75 -28.73
CA ASN A 290 5.06 13.09 -29.18
C ASN A 290 4.80 11.62 -29.46
N GLN A 291 3.86 11.03 -28.74
CA GLN A 291 3.51 9.62 -28.95
C GLN A 291 2.56 9.51 -30.14
N VAL A 292 1.72 10.53 -30.31
CA VAL A 292 0.80 10.60 -31.44
C VAL A 292 1.52 10.65 -32.78
N LYS A 293 2.57 11.47 -32.85
CA LYS A 293 3.39 11.60 -34.04
C LYS A 293 3.95 10.27 -34.56
N ASP A 294 4.21 9.32 -33.65
CA ASP A 294 4.74 8.02 -34.04
C ASP A 294 3.70 7.17 -34.77
N LEU A 295 2.45 7.59 -34.74
CA LEU A 295 1.37 6.86 -35.39
C LEU A 295 1.25 7.20 -36.88
N VAL A 296 1.85 8.32 -37.28
CA VAL A 296 1.77 8.77 -38.67
C VAL A 296 2.30 7.71 -39.66
N LYS A 297 3.35 6.99 -39.27
CA LYS A 297 3.89 5.94 -40.13
C LYS A 297 2.96 4.73 -40.14
N ASN A 298 2.23 4.52 -39.05
CA ASN A 298 1.20 3.48 -39.01
C ASN A 298 0.07 3.82 -39.97
N ARG A 299 -0.31 5.10 -40.00
CA ARG A 299 -1.37 5.56 -40.88
C ARG A 299 -1.04 5.29 -42.32
N GLU A 300 0.09 5.82 -42.77
CA GLU A 300 0.52 5.66 -44.16
C GLU A 300 0.67 4.21 -44.56
N VAL A 301 1.19 3.38 -43.67
CA VAL A 301 1.35 1.95 -43.93
C VAL A 301 -0.01 1.28 -44.16
N LEU A 302 -0.97 1.54 -43.27
CA LEU A 302 -2.29 0.93 -43.41
C LEU A 302 -3.05 1.59 -44.56
N LEU A 303 -2.73 2.86 -44.80
CA LEU A 303 -3.32 3.63 -45.89
C LEU A 303 -2.92 3.01 -47.22
N GLU A 304 -1.70 2.49 -47.25
CA GLU A 304 -1.13 1.86 -48.43
C GLU A 304 -1.71 0.47 -48.64
N ALA A 305 -2.17 -0.15 -47.55
CA ALA A 305 -2.80 -1.46 -47.64
C ALA A 305 -4.23 -1.36 -48.15
N LEU A 306 -4.79 -0.15 -48.10
CA LEU A 306 -6.15 0.08 -48.56
C LEU A 306 -6.15 0.63 -49.98
N SER A 307 -5.00 0.50 -50.65
CA SER A 307 -4.84 0.95 -52.02
C SER A 307 -5.74 0.24 -53.06
N PRO A 308 -5.98 -1.08 -52.91
CA PRO A 308 -6.87 -1.72 -53.88
C PRO A 308 -8.28 -1.13 -53.99
N LEU A 309 -8.70 -0.44 -52.95
CA LEU A 309 -10.09 0.02 -52.87
C LEU A 309 -10.46 1.20 -53.76
N GLY A 310 -9.49 1.97 -54.23
CA GLY A 310 -9.85 3.09 -55.08
C GLY A 310 -9.36 4.46 -54.70
N LYS A 311 -9.93 5.43 -55.41
CA LYS A 311 -9.53 6.82 -55.41
C LYS A 311 -10.06 7.58 -54.19
N GLY A 312 -11.38 7.49 -54.02
CA GLY A 312 -12.07 8.15 -52.94
C GLY A 312 -12.58 7.13 -51.94
N ALA A 313 -12.03 5.92 -51.97
CA ALA A 313 -12.54 4.84 -51.14
C ALA A 313 -12.22 5.02 -49.65
N VAL A 314 -11.12 5.69 -49.35
CA VAL A 314 -10.69 5.87 -47.96
C VAL A 314 -10.87 7.31 -47.48
N LYS A 315 -11.48 7.48 -46.31
CA LYS A 315 -11.61 8.80 -45.71
C LYS A 315 -10.90 8.83 -44.36
N GLY A 316 -10.65 10.03 -43.83
CA GLY A 316 -10.03 10.13 -42.51
C GLY A 316 -8.55 10.45 -42.54
N GLY A 317 -7.88 10.18 -41.42
CA GLY A 317 -6.48 10.48 -41.28
C GLY A 317 -6.28 11.93 -40.88
N GLU A 318 -7.39 12.63 -40.65
CA GLU A 318 -7.32 14.01 -40.21
C GLU A 318 -7.08 14.07 -38.70
N GLY A 319 -7.56 13.06 -37.99
CA GLY A 319 -7.50 13.01 -36.54
C GLY A 319 -7.86 11.64 -35.99
N ALA A 320 -7.86 11.53 -34.67
CA ALA A 320 -8.08 10.25 -33.98
C ALA A 320 -7.14 9.16 -34.48
N ILE A 321 -7.60 7.92 -34.50
CA ILE A 321 -6.76 6.80 -34.88
C ILE A 321 -7.49 5.87 -35.84
N TYR A 322 -8.33 6.44 -36.68
CA TYR A 322 -9.20 5.61 -37.52
C TYR A 322 -9.07 5.90 -39.00
N LEU A 323 -9.19 4.85 -39.80
CA LEU A 323 -9.37 4.98 -41.23
C LEU A 323 -10.72 4.42 -41.59
N TRP A 324 -11.43 5.14 -42.45
CA TRP A 324 -12.80 4.83 -42.82
C TRP A 324 -12.86 4.57 -44.32
N ALA A 325 -13.09 3.32 -44.69
CA ALA A 325 -12.96 2.91 -46.09
C ALA A 325 -14.22 2.23 -46.64
N LYS A 326 -14.59 2.62 -47.85
CA LYS A 326 -15.73 2.06 -48.57
C LYS A 326 -15.28 0.86 -49.40
N LEU A 327 -15.95 -0.26 -49.23
CA LEU A 327 -15.67 -1.45 -50.03
C LEU A 327 -16.14 -1.26 -51.48
N PRO A 328 -15.76 -2.19 -52.39
CA PRO A 328 -16.30 -2.16 -53.75
C PRO A 328 -17.82 -2.30 -53.76
N ASP A 329 -18.47 -1.76 -54.78
CA ASP A 329 -19.92 -1.65 -54.82
C ASP A 329 -20.65 -2.99 -54.71
N LYS A 330 -19.99 -4.07 -55.10
CA LYS A 330 -20.63 -5.39 -55.15
C LYS A 330 -20.58 -6.14 -53.81
N TYR A 331 -19.70 -5.72 -52.91
CA TYR A 331 -19.61 -6.33 -51.58
C TYR A 331 -20.25 -5.45 -50.51
N MET A 332 -21.59 -5.43 -50.51
CA MET A 332 -22.36 -4.59 -49.59
C MET A 332 -22.57 -5.21 -48.19
N ASP A 333 -22.16 -6.46 -48.01
CA ASP A 333 -22.30 -7.12 -46.72
C ASP A 333 -21.02 -7.00 -45.88
N ASP A 334 -20.99 -5.99 -45.01
CA ASP A 334 -19.82 -5.70 -44.19
C ASP A 334 -19.44 -6.81 -43.23
N PHE A 335 -20.45 -7.34 -42.52
CA PHE A 335 -20.23 -8.37 -41.50
C PHE A 335 -19.52 -9.61 -42.03
N LYS A 336 -19.86 -10.03 -43.25
CA LYS A 336 -19.26 -11.25 -43.81
C LYS A 336 -17.82 -11.02 -44.29
N VAL A 337 -17.53 -9.83 -44.79
CA VAL A 337 -16.17 -9.51 -45.24
C VAL A 337 -15.23 -9.48 -44.04
N VAL A 338 -15.73 -9.04 -42.90
CA VAL A 338 -14.91 -8.99 -41.69
C VAL A 338 -14.65 -10.41 -41.18
N HIS A 339 -15.68 -11.25 -41.18
CA HIS A 339 -15.48 -12.65 -40.80
C HIS A 339 -14.56 -13.32 -41.80
N TRP A 340 -14.68 -12.93 -43.07
CA TRP A 340 -13.82 -13.45 -44.13
C TRP A 340 -12.47 -12.74 -44.02
N LEU A 341 -11.82 -12.87 -42.87
CA LEU A 341 -10.53 -12.27 -42.62
C LEU A 341 -9.79 -13.06 -41.55
N ALA A 342 -9.73 -14.38 -41.76
CA ALA A 342 -8.93 -15.27 -40.92
C ALA A 342 -8.75 -16.63 -41.62
N GLY A 346 -5.66 -12.54 -42.64
CA GLY A 346 -6.16 -12.79 -41.30
C GLY A 346 -6.05 -11.62 -40.35
N VAL A 347 -6.73 -10.52 -40.68
CA VAL A 347 -6.74 -9.31 -39.85
C VAL A 347 -8.18 -8.99 -39.43
N VAL A 348 -8.37 -8.49 -38.21
CA VAL A 348 -9.71 -8.16 -37.72
C VAL A 348 -10.02 -6.68 -37.90
N LEU A 349 -11.06 -6.39 -38.67
CA LEU A 349 -11.51 -5.02 -38.89
C LEU A 349 -12.85 -4.79 -38.19
N ILE A 350 -13.37 -3.57 -38.27
CA ILE A 350 -14.67 -3.24 -37.67
C ILE A 350 -15.71 -2.99 -38.76
N PRO A 351 -16.84 -3.70 -38.69
CA PRO A 351 -17.95 -3.53 -39.65
C PRO A 351 -18.57 -2.14 -39.58
N GLY A 352 -18.66 -1.48 -40.72
CA GLY A 352 -19.17 -0.12 -40.80
C GLY A 352 -20.67 0.02 -40.61
N SER A 353 -21.41 -1.08 -40.71
CA SER A 353 -22.86 -1.05 -40.54
C SER A 353 -23.25 -0.60 -39.14
N SER A 354 -22.44 -1.01 -38.15
CA SER A 354 -22.66 -0.66 -36.75
C SER A 354 -22.59 0.85 -36.52
N SER A 355 -21.96 1.57 -37.44
CA SER A 355 -21.90 3.02 -37.35
C SER A 355 -22.92 3.62 -38.30
N GLY A 356 -23.81 2.77 -38.82
CA GLY A 356 -24.89 3.24 -39.68
C GLY A 356 -24.60 3.27 -41.17
N CYS A 357 -23.39 2.91 -41.56
CA CYS A 357 -22.99 3.01 -42.97
C CYS A 357 -22.50 1.68 -43.55
N PRO A 358 -23.44 0.88 -44.09
CA PRO A 358 -23.10 -0.39 -44.74
C PRO A 358 -22.26 -0.18 -46.01
N GLY A 359 -21.42 -1.16 -46.33
CA GLY A 359 -20.55 -1.06 -47.49
C GLY A 359 -19.20 -0.50 -47.10
N TYR A 360 -19.07 -0.13 -45.83
CA TYR A 360 -17.85 0.48 -45.33
C TYR A 360 -17.14 -0.39 -44.29
N VAL A 361 -15.90 -0.03 -43.96
CA VAL A 361 -15.15 -0.76 -42.95
C VAL A 361 -14.22 0.20 -42.21
N ARG A 362 -13.99 -0.06 -40.92
CA ARG A 362 -13.16 0.84 -40.10
C ARG A 362 -11.82 0.19 -39.74
N VAL A 363 -10.76 0.97 -39.85
CA VAL A 363 -9.43 0.47 -39.52
C VAL A 363 -8.83 1.38 -38.46
N SER A 364 -8.38 0.77 -37.36
CA SER A 364 -7.73 1.53 -36.30
C SER A 364 -6.21 1.32 -36.30
N PHE A 365 -5.46 2.42 -36.36
CA PHE A 365 -3.99 2.32 -36.45
C PHE A 365 -3.24 2.76 -35.19
N GLY A 366 -3.96 2.89 -34.07
CA GLY A 366 -3.33 3.38 -32.86
C GLY A 366 -2.84 2.29 -31.92
N GLY A 367 -3.19 1.03 -32.19
CA GLY A 367 -2.94 0.00 -31.19
C GLY A 367 -1.74 -0.91 -31.35
N LEU A 368 -0.97 -0.73 -32.43
CA LEU A 368 0.16 -1.64 -32.71
C LEU A 368 1.49 -0.92 -32.85
N ILE A 369 2.58 -1.64 -32.56
CA ILE A 369 3.92 -1.06 -32.64
C ILE A 369 4.68 -1.58 -33.85
N GLU A 370 4.28 -1.08 -35.01
CA GLU A 370 4.86 -1.49 -36.30
C GLU A 370 4.85 -3.00 -36.54
N LYS A 371 3.97 -3.69 -35.82
CA LYS A 371 3.48 -5.00 -36.26
C LYS A 371 2.25 -4.64 -37.08
N ASP A 372 2.02 -3.34 -37.15
CA ASP A 372 0.99 -2.75 -37.95
C ASP A 372 1.28 -2.96 -39.44
N CYS A 373 2.55 -3.16 -39.75
CA CYS A 373 2.94 -3.41 -41.13
C CYS A 373 2.81 -4.89 -41.40
N ARG A 374 2.81 -5.68 -40.34
CA ARG A 374 2.55 -7.10 -40.50
C ARG A 374 1.04 -7.26 -40.56
N ALA A 375 0.32 -6.29 -40.00
CA ALA A 375 -1.14 -6.30 -40.10
C ALA A 375 -1.56 -5.76 -41.46
N ALA A 376 -0.85 -4.75 -41.94
CA ALA A 376 -1.09 -4.21 -43.28
C ALA A 376 -0.45 -5.04 -44.38
N ALA A 377 0.11 -6.19 -44.04
CA ALA A 377 0.57 -7.15 -45.02
C ALA A 377 -0.53 -8.09 -45.46
N GLU A 378 -1.56 -8.22 -44.64
CA GLU A 378 -2.62 -9.20 -44.88
C GLU A 378 -3.89 -8.52 -45.39
N ARG A 379 -3.83 -8.02 -46.62
CA ARG A 379 -4.94 -7.28 -47.19
C ARG A 379 -5.79 -8.00 -48.26
N LEU A 380 -6.51 -7.20 -49.05
CA LEU A 380 -7.56 -7.65 -49.94
C LEU A 380 -7.10 -7.98 -51.36
N ARG A 381 -7.52 -9.14 -51.87
CA ARG A 381 -7.29 -9.50 -53.26
C ARG A 381 -8.29 -8.75 -54.11
N LYS A 382 -9.56 -8.86 -53.70
CA LYS A 382 -10.69 -8.22 -54.35
C LYS A 382 -10.50 -6.72 -54.54
N VAL B 12 -33.12 23.80 -22.49
CA VAL B 12 -33.69 23.64 -21.15
C VAL B 12 -33.24 22.31 -20.55
N LEU B 13 -33.52 22.10 -19.26
CA LEU B 13 -33.19 20.84 -18.61
C LEU B 13 -34.32 19.83 -18.73
N THR B 14 -33.98 18.59 -18.43
CA THR B 14 -34.86 17.47 -18.64
C THR B 14 -35.82 17.18 -17.52
N ASP B 15 -37.03 16.75 -17.86
CA ASP B 15 -38.03 16.42 -16.85
C ASP B 15 -37.55 15.32 -15.92
N THR B 16 -37.05 14.22 -16.48
CA THR B 16 -36.72 13.06 -15.64
C THR B 16 -35.70 13.35 -14.53
N PRO B 17 -34.63 14.15 -14.77
CA PRO B 17 -33.78 14.37 -13.58
C PRO B 17 -34.16 15.61 -12.77
N VAL B 18 -34.83 16.59 -13.37
CA VAL B 18 -35.22 17.78 -12.61
C VAL B 18 -36.15 17.35 -11.49
N MET B 19 -36.95 16.32 -11.73
CA MET B 19 -37.84 15.83 -10.70
C MET B 19 -37.32 14.57 -9.98
N VAL B 20 -36.04 14.23 -10.14
CA VAL B 20 -35.42 13.29 -9.20
C VAL B 20 -34.91 14.18 -8.09
N GLN B 21 -34.98 13.66 -6.87
CA GLN B 21 -34.68 14.42 -5.67
C GLN B 21 -33.19 14.74 -5.42
N ILE B 22 -32.97 15.86 -4.73
CA ILE B 22 -31.63 16.33 -4.34
C ILE B 22 -31.05 15.39 -3.27
N GLN B 23 -29.72 15.38 -3.11
CA GLN B 23 -29.03 14.45 -2.20
C GLN B 23 -28.83 14.89 -0.75
N GLU B 24 -28.14 14.01 -0.03
CA GLU B 24 -27.69 14.26 1.34
C GLU B 24 -26.69 15.41 1.37
N ALA B 36 -22.49 11.07 9.74
CA ALA B 36 -23.38 11.19 8.59
C ALA B 36 -23.17 10.08 7.57
N GLN B 37 -22.32 10.33 6.58
CA GLN B 37 -22.02 9.37 5.53
C GLN B 37 -21.52 8.05 6.13
N GLY B 38 -22.15 6.95 5.74
CA GLY B 38 -21.87 5.63 6.28
C GLY B 38 -20.67 4.94 5.69
N VAL B 39 -19.53 5.06 6.36
CA VAL B 39 -18.30 4.40 5.92
C VAL B 39 -17.64 3.61 7.08
N VAL B 40 -16.56 2.91 6.78
CA VAL B 40 -15.76 2.25 7.80
C VAL B 40 -14.46 3.00 8.03
N TYR B 41 -13.84 2.84 9.19
CA TYR B 41 -12.62 3.59 9.48
C TYR B 41 -11.36 2.86 9.02
N TRP B 42 -11.48 1.56 8.73
CA TRP B 42 -10.30 0.77 8.40
C TRP B 42 -9.95 0.76 6.90
N GLN B 43 -8.65 0.62 6.62
CA GLN B 43 -8.13 0.55 5.25
C GLN B 43 -8.30 -0.87 4.69
N PRO B 44 -8.12 -1.05 3.37
CA PRO B 44 -8.16 -2.42 2.82
C PRO B 44 -6.99 -3.27 3.36
N PRO B 45 -7.00 -4.59 3.14
CA PRO B 45 -5.94 -5.40 3.72
C PRO B 45 -4.57 -4.94 3.26
N ALA B 46 -3.65 -4.74 4.20
CA ALA B 46 -2.31 -4.26 3.90
C ALA B 46 -1.62 -5.19 2.91
N GLN B 47 -1.90 -6.49 3.05
CA GLN B 47 -1.26 -7.48 2.18
C GLN B 47 -1.79 -7.36 0.76
N ALA B 48 -3.05 -6.95 0.62
CA ALA B 48 -3.66 -6.77 -0.70
C ALA B 48 -3.15 -5.48 -1.32
N LEU B 49 -3.00 -4.44 -0.51
CA LEU B 49 -2.47 -3.18 -0.99
C LEU B 49 -1.01 -3.34 -1.48
N GLU B 50 -0.24 -4.17 -0.78
CA GLU B 50 1.15 -4.39 -1.15
C GLU B 50 1.25 -5.17 -2.46
N LYS B 51 0.34 -6.12 -2.66
CA LYS B 51 0.31 -6.88 -3.90
C LYS B 51 0.00 -5.96 -5.08
N VAL B 52 -0.89 -5.00 -4.87
CA VAL B 52 -1.26 -4.03 -5.89
C VAL B 52 -0.07 -3.17 -6.35
N LYS B 53 0.76 -2.76 -5.40
CA LYS B 53 1.95 -1.96 -5.69
C LYS B 53 2.92 -2.66 -6.67
N GLU B 54 3.03 -3.97 -6.57
CA GLU B 54 4.00 -4.69 -7.38
C GLU B 54 3.48 -5.02 -8.78
N ILE B 55 2.17 -4.82 -9.04
CA ILE B 55 1.62 -5.17 -10.34
C ILE B 55 1.25 -3.96 -11.20
N ILE B 56 1.52 -2.76 -10.70
CA ILE B 56 1.15 -1.54 -11.39
C ILE B 56 1.77 -1.38 -12.78
N TRP B 57 2.87 -2.09 -13.07
CA TRP B 57 3.59 -1.93 -14.32
C TRP B 57 3.05 -2.87 -15.39
N GLU B 58 2.25 -3.85 -14.99
CA GLU B 58 1.69 -4.80 -15.95
C GLU B 58 0.83 -4.05 -16.97
N PRO B 59 1.05 -4.32 -18.26
CA PRO B 59 0.31 -3.59 -19.30
C PRO B 59 -1.18 -3.87 -19.22
N SER B 60 -1.54 -5.08 -18.76
CA SER B 60 -2.94 -5.47 -18.59
C SER B 60 -3.68 -4.57 -17.60
N VAL B 61 -2.95 -3.98 -16.65
CA VAL B 61 -3.56 -3.13 -15.63
C VAL B 61 -4.05 -1.83 -16.28
N SER B 62 -3.38 -1.42 -17.36
CA SER B 62 -3.74 -0.18 -18.03
C SER B 62 -4.61 -0.39 -19.29
N ARG B 63 -4.85 -1.65 -19.68
CA ARG B 63 -5.73 -1.94 -20.81
C ARG B 63 -7.18 -2.12 -20.38
N TYR B 64 -8.11 -1.95 -21.32
CA TYR B 64 -9.51 -2.26 -21.05
C TYR B 64 -9.58 -3.72 -20.65
N GLY B 65 -10.46 -4.05 -19.70
CA GLY B 65 -10.71 -5.42 -19.35
C GLY B 65 -12.05 -5.86 -19.89
N ALA B 66 -12.32 -7.16 -19.80
CA ALA B 66 -13.62 -7.71 -20.14
C ALA B 66 -14.73 -7.00 -19.38
N ASP B 67 -15.82 -6.66 -20.07
CA ASP B 67 -16.94 -5.95 -19.45
C ASP B 67 -17.48 -6.69 -18.22
N GLU B 68 -17.54 -8.01 -18.29
CA GLU B 68 -18.06 -8.82 -17.19
C GLU B 68 -17.10 -8.89 -16.01
N GLY B 69 -15.87 -8.39 -16.18
CA GLY B 69 -14.89 -8.37 -15.11
C GLY B 69 -13.69 -9.28 -15.30
N LEU B 70 -12.66 -9.07 -14.49
CA LEU B 70 -11.51 -9.99 -14.49
C LEU B 70 -11.94 -11.42 -14.34
N PRO B 71 -11.53 -12.29 -15.27
CA PRO B 71 -11.89 -13.71 -15.22
C PRO B 71 -11.49 -14.35 -13.90
N GLU B 72 -10.32 -13.97 -13.41
CA GLU B 72 -9.81 -14.47 -12.15
C GLU B 72 -10.70 -14.02 -10.98
N LEU B 73 -11.20 -12.79 -11.07
CA LEU B 73 -12.07 -12.25 -10.03
C LEU B 73 -13.44 -12.89 -10.05
N ARG B 74 -14.01 -13.02 -11.24
CA ARG B 74 -15.30 -13.68 -11.40
C ARG B 74 -15.23 -15.09 -10.84
N GLU B 75 -14.11 -15.76 -11.05
CA GLU B 75 -13.92 -17.12 -10.55
C GLU B 75 -13.85 -17.14 -9.02
N ALA B 76 -13.09 -16.22 -8.44
CA ALA B 76 -13.03 -16.11 -7.00
C ALA B 76 -14.40 -15.79 -6.41
N LEU B 77 -15.16 -14.93 -7.07
CA LEU B 77 -16.48 -14.56 -6.58
C LEU B 77 -17.45 -15.73 -6.69
N MET B 78 -17.31 -16.53 -7.74
CA MET B 78 -18.12 -17.74 -7.89
C MET B 78 -17.90 -18.70 -6.71
N GLN B 79 -16.64 -18.85 -6.30
CA GLN B 79 -16.32 -19.69 -5.16
C GLN B 79 -16.87 -19.13 -3.85
N LYS B 80 -16.75 -17.81 -3.69
CA LYS B 80 -17.27 -17.17 -2.48
C LYS B 80 -18.79 -17.33 -2.34
N LEU B 81 -19.51 -17.11 -3.43
CA LEU B 81 -20.97 -17.23 -3.42
C LEU B 81 -21.40 -18.64 -3.01
N GLY B 82 -20.68 -19.64 -3.50
CA GLY B 82 -20.97 -21.02 -3.17
C GLY B 82 -20.67 -21.35 -1.72
N HIS B 83 -19.48 -20.96 -1.27
CA HIS B 83 -18.97 -21.40 0.03
C HIS B 83 -19.49 -20.54 1.19
N GLU B 84 -19.73 -19.26 0.93
CA GLU B 84 -20.22 -18.40 1.99
C GLU B 84 -21.73 -18.18 1.92
N ASN B 85 -22.24 -18.02 0.71
CA ASN B 85 -23.63 -17.65 0.49
C ASN B 85 -24.50 -18.78 -0.01
N ASN B 86 -23.88 -19.91 -0.34
CA ASN B 86 -24.58 -21.09 -0.83
C ASN B 86 -25.40 -20.79 -2.08
N LEU B 87 -24.81 -20.06 -3.02
CA LEU B 87 -25.46 -19.77 -4.28
C LEU B 87 -24.75 -20.56 -5.37
N HIS B 88 -25.50 -21.23 -6.23
CA HIS B 88 -24.89 -22.15 -7.19
C HIS B 88 -25.48 -22.00 -8.58
N LYS B 89 -26.49 -21.15 -8.74
CA LYS B 89 -27.13 -20.95 -10.03
C LYS B 89 -26.95 -19.52 -10.53
N SER B 90 -25.93 -18.83 -10.01
CA SER B 90 -25.73 -17.43 -10.35
C SER B 90 -24.47 -17.17 -11.19
N SER B 91 -24.59 -16.25 -12.15
CA SER B 91 -23.43 -15.79 -12.90
C SER B 91 -23.01 -14.49 -12.25
N VAL B 92 -21.77 -14.06 -12.49
CA VAL B 92 -21.26 -12.86 -11.84
C VAL B 92 -20.87 -11.78 -12.84
N MET B 93 -21.19 -10.53 -12.54
CA MET B 93 -20.66 -9.39 -13.30
C MET B 93 -20.06 -8.35 -12.37
N VAL B 94 -18.77 -8.06 -12.52
CA VAL B 94 -18.12 -7.04 -11.68
C VAL B 94 -18.47 -5.66 -12.18
N THR B 95 -18.82 -4.77 -11.25
CA THR B 95 -19.21 -3.42 -11.59
C THR B 95 -18.36 -2.40 -10.84
N ALA B 96 -18.37 -1.16 -11.30
CA ALA B 96 -17.65 -0.10 -10.63
C ALA B 96 -18.48 0.47 -9.49
N GLY B 97 -18.67 -0.35 -8.47
CA GLY B 97 -19.50 0.04 -7.34
C GLY B 97 -20.86 -0.64 -7.40
N ALA B 98 -21.48 -0.81 -6.24
CA ALA B 98 -22.81 -1.40 -6.16
C ALA B 98 -23.86 -0.41 -6.65
N ASN B 99 -23.52 0.87 -6.63
CA ASN B 99 -24.45 1.90 -7.10
C ASN B 99 -24.63 1.79 -8.62
N GLN B 100 -23.53 1.61 -9.34
CA GLN B 100 -23.64 1.42 -10.78
C GLN B 100 -24.26 0.07 -11.10
N ALA B 101 -24.00 -0.92 -10.25
CA ALA B 101 -24.59 -2.25 -10.41
C ALA B 101 -26.12 -2.19 -10.36
N PHE B 102 -26.65 -1.38 -9.45
CA PHE B 102 -28.08 -1.24 -9.28
C PHE B 102 -28.74 -0.56 -10.48
N VAL B 103 -28.07 0.46 -11.02
CA VAL B 103 -28.50 1.15 -12.22
C VAL B 103 -28.56 0.20 -13.41
N ASN B 104 -27.54 -0.63 -13.58
CA ASN B 104 -27.55 -1.70 -14.57
C ASN B 104 -28.83 -2.51 -14.46
N VAL B 105 -29.21 -2.80 -13.22
CA VAL B 105 -30.35 -3.64 -12.93
C VAL B 105 -31.65 -2.93 -13.26
N VAL B 106 -31.72 -1.65 -12.89
CA VAL B 106 -32.89 -0.83 -13.15
C VAL B 106 -33.12 -0.69 -14.66
N LEU B 107 -32.05 -0.39 -15.39
CA LEU B 107 -32.10 -0.21 -16.83
C LEU B 107 -32.35 -1.52 -17.58
N THR B 108 -32.07 -2.64 -16.93
CA THR B 108 -32.24 -3.96 -17.55
C THR B 108 -33.62 -4.55 -17.25
N LEU B 109 -34.18 -4.26 -16.08
CA LEU B 109 -35.42 -4.91 -15.63
C LEU B 109 -36.66 -3.99 -15.58
N CYS B 110 -36.46 -2.67 -15.67
CA CYS B 110 -37.59 -1.72 -15.60
C CYS B 110 -37.67 -0.81 -16.81
N ASP B 111 -38.90 -0.62 -17.29
CA ASP B 111 -39.14 0.40 -18.29
C ASP B 111 -39.64 1.65 -17.58
N ALA B 112 -39.37 2.82 -18.14
CA ALA B 112 -40.03 4.03 -17.67
C ALA B 112 -41.53 3.80 -17.82
N GLY B 113 -42.29 4.30 -16.84
CA GLY B 113 -43.73 4.12 -16.80
C GLY B 113 -44.13 2.88 -16.03
N ASP B 114 -43.17 2.01 -15.74
CA ASP B 114 -43.42 0.86 -14.88
C ASP B 114 -43.53 1.29 -13.42
N SER B 115 -44.05 0.41 -12.58
CA SER B 115 -44.11 0.66 -11.16
C SER B 115 -43.14 -0.28 -10.43
N VAL B 116 -42.59 0.18 -9.32
CA VAL B 116 -41.65 -0.62 -8.54
C VAL B 116 -41.98 -0.52 -7.06
N VAL B 117 -41.47 -1.46 -6.27
CA VAL B 117 -41.75 -1.50 -4.85
C VAL B 117 -40.50 -1.36 -4.02
N MET B 118 -40.51 -0.42 -3.08
CA MET B 118 -39.48 -0.30 -2.05
C MET B 118 -40.14 -0.37 -0.67
N PHE B 119 -39.34 -0.41 0.40
CA PHE B 119 -39.88 -0.35 1.76
C PHE B 119 -39.26 0.78 2.55
N ALA B 120 -40.05 1.41 3.40
CA ALA B 120 -39.57 2.50 4.22
C ALA B 120 -38.97 1.93 5.51
N PRO B 121 -37.88 2.52 6.01
CA PRO B 121 -37.13 3.57 5.31
C PRO B 121 -36.28 2.96 4.19
N TYR B 122 -36.20 3.65 3.05
CA TYR B 122 -35.52 3.08 1.89
C TYR B 122 -34.15 3.67 1.67
N TYR B 123 -33.35 2.96 0.88
CA TYR B 123 -32.04 3.42 0.51
C TYR B 123 -32.16 4.55 -0.50
N PHE B 124 -31.72 5.73 -0.08
CA PHE B 124 -31.87 6.99 -0.81
C PHE B 124 -31.46 6.95 -2.28
N ASN B 125 -30.27 6.44 -2.56
CA ASN B 125 -29.78 6.40 -3.93
C ASN B 125 -30.55 5.43 -4.79
N ALA B 126 -31.08 4.37 -4.17
CA ALA B 126 -31.91 3.45 -4.92
C ALA B 126 -33.17 4.18 -5.41
N HIS B 127 -33.73 5.03 -4.55
CA HIS B 127 -34.93 5.79 -4.88
C HIS B 127 -34.69 6.73 -6.05
N MET B 128 -33.60 7.50 -5.98
CA MET B 128 -33.22 8.42 -7.04
C MET B 128 -32.93 7.68 -8.35
N SER B 129 -32.33 6.51 -8.26
CA SER B 129 -31.91 5.80 -9.47
C SER B 129 -33.11 5.37 -10.29
N PHE B 130 -34.17 4.95 -9.60
CA PHE B 130 -35.45 4.69 -10.24
C PHE B 130 -35.93 5.94 -10.95
N GLN B 131 -36.02 7.04 -10.21
CA GLN B 131 -36.50 8.30 -10.76
C GLN B 131 -35.71 8.78 -11.98
N MET B 132 -34.39 8.66 -11.88
CA MET B 132 -33.44 9.14 -12.88
C MET B 132 -33.67 8.51 -14.25
N THR B 133 -34.15 7.28 -14.22
CA THR B 133 -34.42 6.52 -15.45
C THR B 133 -35.91 6.51 -15.81
N GLY B 134 -36.68 7.43 -15.24
CA GLY B 134 -38.08 7.58 -15.62
C GLY B 134 -38.99 6.57 -14.97
N VAL B 135 -38.47 5.90 -13.94
CA VAL B 135 -39.30 5.01 -13.14
C VAL B 135 -39.70 5.82 -11.90
N THR B 136 -40.85 6.48 -11.98
CA THR B 136 -41.30 7.40 -10.92
C THR B 136 -42.51 6.86 -10.14
N ASP B 137 -43.16 5.81 -10.66
CA ASP B 137 -44.28 5.19 -9.96
C ASP B 137 -43.73 4.19 -8.93
N ILE B 138 -43.23 4.73 -7.83
CA ILE B 138 -42.56 3.93 -6.81
C ILE B 138 -43.44 3.70 -5.60
N LEU B 139 -43.88 2.46 -5.41
CA LEU B 139 -44.76 2.12 -4.29
C LEU B 139 -43.93 1.79 -3.06
N VAL B 140 -43.99 2.66 -2.05
CA VAL B 140 -43.19 2.49 -0.84
C VAL B 140 -43.96 1.84 0.31
N GLY B 141 -43.58 0.61 0.65
CA GLY B 141 -44.25 -0.12 1.71
C GLY B 141 -43.75 0.23 3.09
N PRO B 142 -44.57 -0.05 4.11
CA PRO B 142 -44.25 0.21 5.51
C PRO B 142 -43.47 -0.92 6.15
N GLY B 143 -42.72 -0.60 7.19
CA GLY B 143 -42.15 -1.63 8.03
C GLY B 143 -42.85 -1.65 9.37
N ASP B 144 -42.78 -2.79 10.04
CA ASP B 144 -43.25 -2.91 11.42
C ASP B 144 -42.64 -1.76 12.23
N PRO B 145 -43.47 -0.98 12.92
CA PRO B 145 -42.96 0.20 13.64
C PRO B 145 -41.88 -0.12 14.69
N LYS B 146 -41.93 -1.33 15.25
CA LYS B 146 -41.01 -1.74 16.31
C LYS B 146 -39.76 -2.48 15.82
N THR B 147 -39.90 -3.24 14.73
CA THR B 147 -38.77 -4.04 14.24
C THR B 147 -38.24 -3.56 12.89
N LEU B 148 -38.97 -2.64 12.26
CA LEU B 148 -38.64 -2.09 10.94
C LEU B 148 -38.59 -3.14 9.83
N HIS B 149 -38.99 -4.38 10.13
CA HIS B 149 -39.09 -5.42 9.11
C HIS B 149 -40.22 -5.11 8.11
N PRO B 150 -39.94 -5.26 6.80
CA PRO B 150 -40.90 -5.10 5.69
C PRO B 150 -42.19 -5.89 5.88
N ASP B 151 -43.34 -5.21 5.76
CA ASP B 151 -44.64 -5.86 5.93
C ASP B 151 -44.96 -6.71 4.70
N ALA B 152 -44.81 -8.03 4.84
CA ALA B 152 -45.03 -8.93 3.73
C ALA B 152 -46.51 -9.03 3.35
N ASP B 153 -47.40 -8.78 4.30
CA ASP B 153 -48.84 -8.81 4.02
C ASP B 153 -49.21 -7.65 3.09
N TRP B 154 -48.66 -6.48 3.39
CA TRP B 154 -48.83 -5.32 2.53
C TRP B 154 -48.32 -5.62 1.13
N LEU B 155 -47.16 -6.27 1.06
CA LEU B 155 -46.58 -6.58 -0.23
C LEU B 155 -47.46 -7.53 -1.05
N GLU B 156 -47.92 -8.61 -0.42
CA GLU B 156 -48.71 -9.58 -1.15
C GLU B 156 -50.00 -8.96 -1.69
N SER B 157 -50.62 -8.13 -0.87
CA SER B 157 -51.87 -7.49 -1.27
C SER B 157 -51.63 -6.43 -2.33
N THR B 158 -50.53 -5.71 -2.21
CA THR B 158 -50.17 -4.67 -3.18
C THR B 158 -49.84 -5.25 -4.55
N LEU B 159 -49.08 -6.33 -4.58
CA LEU B 159 -48.69 -6.94 -5.85
C LEU B 159 -49.89 -7.56 -6.55
N LYS B 160 -50.77 -8.17 -5.75
CA LYS B 160 -51.97 -8.78 -6.31
C LYS B 160 -52.97 -7.73 -6.78
N ASN B 161 -53.04 -6.59 -6.11
CA ASN B 161 -54.12 -5.64 -6.38
C ASN B 161 -53.69 -4.44 -7.22
N THR B 162 -52.41 -4.33 -7.52
CA THR B 162 -51.94 -3.27 -8.40
C THR B 162 -51.89 -3.76 -9.85
N VAL B 163 -52.53 -3.01 -10.74
CA VAL B 163 -52.56 -3.35 -12.16
C VAL B 163 -52.01 -2.20 -12.99
N PRO B 164 -50.99 -2.48 -13.83
CA PRO B 164 -50.32 -3.78 -13.97
C PRO B 164 -49.38 -4.08 -12.80
N THR B 165 -48.99 -5.34 -12.65
CA THR B 165 -48.10 -5.75 -11.57
C THR B 165 -46.80 -4.95 -11.61
N PRO B 166 -46.38 -4.44 -10.45
CA PRO B 166 -45.06 -3.80 -10.34
C PRO B 166 -43.97 -4.73 -10.88
N LYS B 167 -42.92 -4.19 -11.50
CA LYS B 167 -41.90 -5.01 -12.18
C LYS B 167 -40.87 -5.63 -11.25
N LEU B 168 -40.51 -4.92 -10.19
CA LEU B 168 -39.55 -5.45 -9.24
C LEU B 168 -39.74 -4.87 -7.85
N VAL B 169 -39.28 -5.63 -6.86
CA VAL B 169 -39.23 -5.21 -5.47
C VAL B 169 -37.76 -5.11 -5.05
N THR B 170 -37.37 -4.01 -4.39
CA THR B 170 -36.00 -3.79 -3.92
C THR B 170 -35.88 -3.81 -2.41
N VAL B 171 -34.95 -4.61 -1.87
CA VAL B 171 -34.68 -4.59 -0.44
C VAL B 171 -33.19 -4.50 -0.13
N VAL B 172 -32.87 -3.99 1.06
CA VAL B 172 -31.47 -3.88 1.52
C VAL B 172 -31.26 -4.67 2.80
N ASN B 173 -30.43 -5.72 2.74
CA ASN B 173 -30.26 -6.65 3.85
C ASN B 173 -28.82 -6.98 4.25
N PRO B 174 -28.35 -6.48 5.41
CA PRO B 174 -29.09 -5.64 6.35
C PRO B 174 -29.24 -4.21 5.88
N GLY B 175 -30.12 -3.48 6.55
CA GLY B 175 -30.64 -2.25 6.01
C GLY B 175 -29.81 -0.99 6.13
N ASN B 176 -29.90 -0.21 5.07
CA ASN B 176 -29.51 1.19 5.06
C ASN B 176 -30.82 1.85 4.68
N PRO B 177 -31.35 2.73 5.56
CA PRO B 177 -30.76 3.26 6.79
C PRO B 177 -31.15 2.54 8.08
N SER B 178 -31.94 1.46 8.01
CA SER B 178 -32.56 0.91 9.22
C SER B 178 -31.59 0.24 10.18
N GLY B 179 -30.56 -0.40 9.64
CA GLY B 179 -29.63 -1.12 10.48
C GLY B 179 -30.29 -2.39 10.97
N THR B 180 -31.34 -2.80 10.27
CA THR B 180 -32.05 -4.02 10.62
C THR B 180 -31.89 -5.03 9.52
N TYR B 181 -31.98 -6.31 9.85
CA TYR B 181 -31.85 -7.33 8.83
C TYR B 181 -33.21 -7.94 8.56
N ILE B 182 -33.29 -8.72 7.50
CA ILE B 182 -34.52 -9.41 7.15
C ILE B 182 -34.34 -10.87 7.49
N PRO B 183 -35.03 -11.34 8.53
CA PRO B 183 -34.92 -12.74 8.93
C PRO B 183 -35.12 -13.66 7.73
N GLU B 184 -34.46 -14.80 7.72
CA GLU B 184 -34.50 -15.72 6.58
C GLU B 184 -35.93 -16.07 6.21
N SER B 185 -36.76 -16.26 7.23
CA SER B 185 -38.16 -16.63 7.05
C SER B 185 -38.90 -15.56 6.25
N LEU B 186 -38.73 -14.30 6.64
CA LEU B 186 -39.38 -13.19 5.96
C LEU B 186 -38.89 -13.08 4.52
N LEU B 187 -37.56 -13.15 4.34
CA LEU B 187 -36.94 -13.01 3.03
C LEU B 187 -37.44 -14.05 2.04
N LYS B 188 -37.56 -15.28 2.51
CA LYS B 188 -38.07 -16.35 1.65
C LYS B 188 -39.56 -16.15 1.36
N ARG B 189 -40.28 -15.53 2.29
CA ARG B 189 -41.70 -15.31 2.04
C ARG B 189 -41.88 -14.22 1.00
N ILE B 190 -41.13 -13.14 1.16
CA ILE B 190 -41.15 -12.05 0.20
C ILE B 190 -40.78 -12.56 -1.19
N SER B 191 -39.78 -13.45 -1.26
CA SER B 191 -39.39 -14.05 -2.53
C SER B 191 -40.51 -14.86 -3.15
N ASP B 192 -41.23 -15.60 -2.32
CA ASP B 192 -42.34 -16.44 -2.78
C ASP B 192 -43.49 -15.58 -3.30
N ILE B 193 -43.77 -14.50 -2.59
CA ILE B 193 -44.78 -13.53 -3.04
C ILE B 193 -44.41 -12.96 -4.41
N CYS B 194 -43.15 -12.54 -4.56
CA CYS B 194 -42.70 -12.02 -5.85
C CYS B 194 -42.78 -13.10 -6.93
N LYS B 195 -42.55 -14.35 -6.56
CA LYS B 195 -42.57 -15.42 -7.55
C LYS B 195 -43.97 -15.65 -8.09
N LYS B 196 -44.95 -15.69 -7.20
CA LYS B 196 -46.33 -15.90 -7.63
C LYS B 196 -46.82 -14.71 -8.46
N ALA B 197 -46.48 -13.50 -8.03
CA ALA B 197 -46.92 -12.29 -8.74
C ALA B 197 -46.15 -12.14 -10.04
N GLY B 198 -45.00 -12.81 -10.11
CA GLY B 198 -44.19 -12.84 -11.32
C GLY B 198 -43.34 -11.61 -11.54
N CYS B 199 -42.85 -11.01 -10.45
CA CYS B 199 -42.00 -9.85 -10.56
C CYS B 199 -40.62 -10.15 -9.97
N TRP B 200 -39.68 -9.25 -10.22
CA TRP B 200 -38.30 -9.46 -9.79
C TRP B 200 -38.10 -9.08 -8.33
N LEU B 201 -37.15 -9.75 -7.66
CA LEU B 201 -36.69 -9.35 -6.33
C LEU B 201 -35.20 -8.98 -6.38
N VAL B 202 -34.89 -7.76 -5.96
CA VAL B 202 -33.53 -7.26 -6.00
C VAL B 202 -33.02 -7.06 -4.57
N ILE B 203 -32.00 -7.81 -4.18
CA ILE B 203 -31.50 -7.75 -2.82
C ILE B 203 -30.09 -7.15 -2.79
N ASP B 204 -29.94 -6.08 -2.02
CA ASP B 204 -28.65 -5.42 -1.88
C ASP B 204 -27.95 -5.93 -0.62
N ASN B 205 -26.86 -6.68 -0.81
CA ASN B 205 -26.14 -7.27 0.31
C ASN B 205 -24.86 -6.52 0.65
N THR B 206 -24.85 -5.21 0.43
CA THR B 206 -23.68 -4.38 0.71
C THR B 206 -23.14 -4.58 2.15
N TYR B 207 -24.02 -4.88 3.11
CA TYR B 207 -23.56 -5.04 4.50
C TYR B 207 -23.67 -6.48 5.01
N GLU B 208 -23.51 -7.45 4.11
CA GLU B 208 -23.67 -8.86 4.47
C GLU B 208 -22.73 -9.31 5.59
N TYR B 209 -21.55 -8.71 5.65
CA TYR B 209 -20.53 -9.09 6.64
C TYR B 209 -20.69 -8.31 7.94
N PHE B 210 -21.69 -7.44 7.99
CA PHE B 210 -21.87 -6.59 9.15
C PHE B 210 -23.09 -7.01 9.97
N MET B 211 -22.98 -8.07 10.73
CA MET B 211 -24.06 -8.55 11.58
C MET B 211 -23.63 -8.57 13.04
N TYR B 212 -24.60 -8.37 13.94
CA TYR B 212 -24.29 -8.32 15.34
C TYR B 212 -25.17 -9.26 16.16
N ASP B 213 -24.66 -9.61 17.34
CA ASP B 213 -25.32 -10.51 18.28
C ASP B 213 -25.56 -11.85 17.61
N ASN B 214 -24.64 -12.20 16.70
CA ASN B 214 -24.67 -13.46 15.96
C ASN B 214 -25.97 -13.62 15.16
N ARG B 215 -26.58 -12.49 14.80
CA ARG B 215 -27.74 -12.54 13.91
C ARG B 215 -27.27 -13.01 12.54
N LYS B 216 -28.13 -13.76 11.86
CA LYS B 216 -27.71 -14.47 10.67
C LYS B 216 -28.01 -13.68 9.40
N HIS B 217 -26.98 -13.34 8.63
CA HIS B 217 -27.19 -12.83 7.29
C HIS B 217 -27.36 -14.05 6.39
N VAL B 218 -28.33 -13.99 5.49
CA VAL B 218 -28.58 -15.12 4.58
C VAL B 218 -28.77 -14.62 3.15
N CYS B 219 -28.31 -15.40 2.18
CA CYS B 219 -28.56 -15.08 0.79
C CYS B 219 -29.37 -16.19 0.18
N ILE B 220 -30.32 -15.82 -0.68
CA ILE B 220 -31.13 -16.79 -1.41
C ILE B 220 -31.08 -16.46 -2.91
N GLU B 221 -31.40 -17.45 -3.73
CA GLU B 221 -31.35 -17.25 -5.18
C GLU B 221 -32.55 -17.91 -5.86
N ALA B 222 -32.85 -17.42 -7.06
CA ALA B 222 -33.96 -17.90 -7.86
C ALA B 222 -33.91 -17.21 -9.21
N ASN B 223 -34.69 -17.69 -10.16
CA ASN B 223 -34.67 -17.11 -11.49
C ASN B 223 -35.34 -15.73 -11.53
N HIS B 224 -35.87 -15.29 -10.38
CA HIS B 224 -36.49 -13.98 -10.23
C HIS B 224 -35.77 -13.12 -9.19
N ILE B 225 -34.60 -13.57 -8.76
CA ILE B 225 -33.81 -12.85 -7.79
C ILE B 225 -32.49 -12.37 -8.40
N VAL B 226 -32.14 -11.14 -8.13
CA VAL B 226 -30.84 -10.60 -8.46
C VAL B 226 -30.20 -10.11 -7.17
N ASN B 227 -28.98 -10.55 -6.90
CA ASN B 227 -28.23 -10.09 -5.71
C ASN B 227 -27.13 -9.10 -6.09
N ILE B 228 -26.91 -8.09 -5.26
CA ILE B 228 -25.88 -7.09 -5.51
C ILE B 228 -24.91 -7.01 -4.32
N PHE B 229 -23.61 -6.91 -4.58
CA PHE B 229 -22.64 -6.82 -3.48
C PHE B 229 -21.69 -5.68 -3.74
N SER B 230 -20.96 -5.31 -2.69
CA SER B 230 -19.97 -4.26 -2.78
C SER B 230 -18.71 -4.60 -1.98
N PHE B 231 -17.57 -4.08 -2.44
CA PHE B 231 -16.33 -4.25 -1.73
C PHE B 231 -16.05 -3.06 -0.82
N SER B 232 -16.86 -2.01 -0.98
CA SER B 232 -16.60 -0.72 -0.38
C SER B 232 -16.58 -0.72 1.15
N1 LLP B 233 -25.56 0.15 -1.30
C2 LLP B 233 -25.87 0.45 0.01
C2' LLP B 233 -27.22 0.02 0.62
C3 LLP B 233 -24.96 1.17 0.81
O3 LLP B 233 -25.26 1.49 2.14
C4 LLP B 233 -23.74 1.58 0.29
C4' LLP B 233 -22.69 2.38 1.17
C5 LLP B 233 -23.44 1.27 -1.01
C6 LLP B 233 -24.35 0.56 -1.82
C5' LLP B 233 -22.14 1.70 -1.55
OP4 LLP B 233 -22.00 1.04 -2.81
P LLP B 233 -20.66 1.27 -3.68
OP1 LLP B 233 -19.63 2.05 -2.87
OP2 LLP B 233 -20.18 -0.12 -4.08
OP3 LLP B 233 -21.07 2.08 -4.91
N LLP B 233 -17.59 -1.32 1.78
CA LLP B 233 -17.72 -1.24 3.21
CB LLP B 233 -19.16 -1.22 3.66
CG LLP B 233 -20.04 -0.26 2.81
CD LLP B 233 -19.92 1.21 3.31
CE LLP B 233 -20.58 2.11 2.35
NZ LLP B 233 -21.69 1.43 1.68
C LLP B 233 -16.96 -2.36 3.90
O LLP B 233 -16.17 -2.10 4.83
N ALA B 234 -17.19 -3.60 3.45
CA ALA B 234 -16.53 -4.77 4.02
C ALA B 234 -15.00 -4.63 4.00
N TYR B 235 -14.43 -4.19 2.89
CA TYR B 235 -12.98 -4.14 2.78
C TYR B 235 -12.42 -2.73 2.80
N GLY B 236 -13.24 -1.76 3.19
CA GLY B 236 -12.82 -0.37 3.23
C GLY B 236 -12.30 0.14 1.90
N MET B 237 -12.75 -0.49 0.81
CA MET B 237 -12.30 -0.13 -0.54
C MET B 237 -13.23 0.86 -1.23
N MET B 238 -13.82 1.77 -0.46
CA MET B 238 -14.79 2.73 -0.98
C MET B 238 -14.30 3.55 -2.16
N GLY B 239 -13.09 4.11 -2.05
CA GLY B 239 -12.58 4.92 -3.13
C GLY B 239 -12.18 4.15 -4.38
N TRP B 240 -12.18 2.82 -4.32
CA TRP B 240 -11.66 2.04 -5.43
C TRP B 240 -12.73 1.63 -6.42
N ARG B 241 -13.98 1.58 -5.97
CA ARG B 241 -15.15 1.37 -6.82
C ARG B 241 -15.25 -0.03 -7.43
N VAL B 242 -15.55 -1.02 -6.60
CA VAL B 242 -15.82 -2.38 -7.07
C VAL B 242 -17.07 -2.93 -6.39
N GLY B 243 -17.94 -3.54 -7.19
CA GLY B 243 -19.12 -4.19 -6.69
C GLY B 243 -19.39 -5.30 -7.67
N TYR B 244 -20.40 -6.12 -7.42
CA TYR B 244 -20.79 -7.11 -8.41
C TYR B 244 -22.26 -7.52 -8.37
N ILE B 245 -22.71 -8.08 -9.48
CA ILE B 245 -24.04 -8.64 -9.60
C ILE B 245 -24.01 -10.16 -9.72
N ALA B 246 -24.78 -10.84 -8.88
CA ALA B 246 -25.03 -12.27 -9.03
C ALA B 246 -26.44 -12.44 -9.57
N TYR B 247 -26.56 -12.81 -10.84
CA TYR B 247 -27.85 -12.90 -11.51
C TYR B 247 -28.08 -14.32 -12.03
N PRO B 248 -29.37 -14.71 -12.21
CA PRO B 248 -29.73 -16.07 -12.66
C PRO B 248 -29.16 -16.45 -14.02
N SER B 249 -28.41 -17.55 -14.05
CA SER B 249 -27.76 -18.00 -15.26
C SER B 249 -28.74 -18.53 -16.29
N GLU B 250 -29.87 -19.05 -15.82
CA GLU B 250 -30.77 -19.79 -16.69
C GLU B 250 -31.86 -18.89 -17.27
N VAL B 251 -31.94 -17.64 -16.82
CA VAL B 251 -32.89 -16.70 -17.40
C VAL B 251 -32.38 -16.24 -18.77
N GLU B 252 -33.08 -16.67 -19.81
CA GLU B 252 -32.67 -16.43 -21.18
C GLU B 252 -32.52 -14.96 -21.52
N GLY B 253 -31.37 -14.60 -22.08
CA GLY B 253 -31.13 -13.26 -22.58
C GLY B 253 -30.81 -12.22 -21.52
N LEU B 254 -30.76 -12.62 -20.25
CA LEU B 254 -30.49 -11.68 -19.16
C LEU B 254 -29.05 -11.17 -19.19
N ALA B 255 -28.09 -12.07 -19.38
CA ALA B 255 -26.68 -11.68 -19.42
C ALA B 255 -26.42 -10.65 -20.52
N ALA B 256 -27.05 -10.85 -21.68
CA ALA B 256 -26.85 -9.95 -22.82
C ALA B 256 -27.35 -8.54 -22.55
N GLN B 257 -28.49 -8.42 -21.86
CA GLN B 257 -29.03 -7.10 -21.57
C GLN B 257 -28.12 -6.40 -20.56
N LEU B 258 -27.67 -7.15 -19.56
CA LEU B 258 -26.77 -6.61 -18.56
C LEU B 258 -25.47 -6.20 -19.22
N LEU B 259 -25.01 -7.01 -20.16
CA LEU B 259 -23.79 -6.72 -20.95
C LEU B 259 -23.90 -5.43 -21.75
N LYS B 260 -25.08 -5.15 -22.31
CA LYS B 260 -25.27 -3.93 -23.09
C LYS B 260 -25.12 -2.67 -22.24
N VAL B 261 -25.78 -2.68 -21.08
CA VAL B 261 -25.77 -1.54 -20.19
C VAL B 261 -24.37 -1.35 -19.62
N GLN B 262 -23.72 -2.47 -19.33
CA GLN B 262 -22.35 -2.44 -18.81
C GLN B 262 -21.41 -1.79 -19.82
N ASP B 263 -21.56 -2.14 -21.10
CA ASP B 263 -20.67 -1.57 -22.12
C ASP B 263 -20.87 -0.06 -22.27
N ASN B 264 -22.08 0.41 -21.96
CA ASN B 264 -22.40 1.83 -22.11
C ASN B 264 -22.05 2.69 -20.92
N ILE B 265 -22.01 2.09 -19.73
CA ILE B 265 -21.76 2.97 -18.59
C ILE B 265 -20.29 2.82 -18.12
N PRO B 266 -19.90 1.71 -17.42
CA PRO B 266 -18.48 1.83 -17.06
C PRO B 266 -17.51 1.23 -18.08
N ILE B 267 -18.02 0.45 -19.03
CA ILE B 267 -17.21 -0.44 -19.87
C ILE B 267 -16.63 -1.57 -19.02
N CYS B 268 -15.79 -1.22 -18.04
CA CYS B 268 -15.34 -2.23 -17.08
C CYS B 268 -14.96 -1.53 -15.78
N ALA B 269 -14.93 -2.27 -14.68
CA ALA B 269 -14.43 -1.72 -13.44
C ALA B 269 -12.94 -1.51 -13.62
N SER B 270 -12.36 -0.56 -12.90
CA SER B 270 -10.92 -0.34 -12.92
C SER B 270 -10.16 -1.64 -12.73
N ILE B 271 -9.19 -1.91 -13.60
CA ILE B 271 -8.43 -3.15 -13.55
C ILE B 271 -7.66 -3.28 -12.25
N ILE B 272 -7.00 -2.20 -11.84
CA ILE B 272 -6.24 -2.23 -10.61
C ILE B 272 -7.17 -2.39 -9.40
N SER B 273 -8.36 -1.79 -9.48
CA SER B 273 -9.33 -1.92 -8.41
C SER B 273 -9.83 -3.35 -8.31
N GLN B 274 -10.03 -3.98 -9.46
CA GLN B 274 -10.45 -5.38 -9.47
C GLN B 274 -9.36 -6.27 -8.88
N ARG B 275 -8.11 -5.92 -9.14
CA ARG B 275 -6.97 -6.65 -8.58
C ARG B 275 -6.94 -6.56 -7.06
N LEU B 276 -7.12 -5.36 -6.53
CA LEU B 276 -7.15 -5.18 -5.08
C LEU B 276 -8.26 -6.03 -4.47
N ALA B 277 -9.43 -6.02 -5.10
CA ALA B 277 -10.57 -6.81 -4.64
C ALA B 277 -10.24 -8.30 -4.58
N LEU B 278 -9.61 -8.82 -5.62
CA LEU B 278 -9.21 -10.22 -5.67
C LEU B 278 -8.21 -10.57 -4.57
N TYR B 279 -7.23 -9.69 -4.36
CA TYR B 279 -6.20 -9.95 -3.38
C TYR B 279 -6.76 -9.81 -1.97
N SER B 280 -7.67 -8.85 -1.80
CA SER B 280 -8.37 -8.64 -0.54
C SER B 280 -9.18 -9.88 -0.15
N MET B 281 -9.85 -10.46 -1.14
CA MET B 281 -10.66 -11.66 -0.94
C MET B 281 -9.87 -12.81 -0.33
N GLU B 282 -8.58 -12.84 -0.64
CA GLU B 282 -7.74 -13.97 -0.25
C GLU B 282 -7.49 -13.99 1.25
N MET B 283 -7.69 -12.85 1.91
CA MET B 283 -7.63 -12.79 3.37
C MET B 283 -8.76 -13.58 4.01
N GLY B 284 -9.90 -13.65 3.33
CA GLY B 284 -11.06 -14.35 3.85
C GLY B 284 -12.00 -13.43 4.61
N PRO B 285 -13.26 -13.86 4.75
CA PRO B 285 -14.33 -13.10 5.43
C PRO B 285 -13.98 -12.72 6.87
N GLU B 286 -13.20 -13.58 7.52
CA GLU B 286 -12.84 -13.38 8.92
C GLU B 286 -12.02 -12.12 9.14
N TRP B 287 -11.28 -11.70 8.11
CA TRP B 287 -10.54 -10.44 8.15
C TRP B 287 -11.50 -9.30 8.39
N VAL B 288 -12.70 -9.42 7.82
CA VAL B 288 -13.70 -8.36 7.92
C VAL B 288 -14.41 -8.39 9.28
N THR B 289 -14.90 -9.56 9.65
CA THR B 289 -15.71 -9.71 10.86
C THR B 289 -15.00 -9.38 12.17
N ASN B 290 -13.68 -9.55 12.23
CA ASN B 290 -12.91 -9.17 13.43
C ASN B 290 -12.91 -7.68 13.66
N GLN B 291 -12.98 -6.92 12.58
CA GLN B 291 -13.03 -5.47 12.72
C GLN B 291 -14.46 -5.01 12.94
N VAL B 292 -15.40 -5.77 12.37
CA VAL B 292 -16.81 -5.52 12.58
C VAL B 292 -17.16 -5.68 14.06
N LYS B 293 -16.60 -6.72 14.68
CA LYS B 293 -16.78 -6.93 16.12
C LYS B 293 -16.36 -5.72 16.93
N ASP B 294 -15.34 -5.02 16.46
CA ASP B 294 -14.83 -3.83 17.12
C ASP B 294 -15.79 -2.63 17.02
N LEU B 295 -16.81 -2.73 16.18
CA LEU B 295 -17.79 -1.65 16.00
C LEU B 295 -18.89 -1.71 17.06
N VAL B 296 -19.04 -2.87 17.69
CA VAL B 296 -20.04 -3.08 18.74
C VAL B 296 -19.81 -2.06 19.85
N LYS B 297 -18.55 -1.74 20.10
CA LYS B 297 -18.19 -0.77 21.11
C LYS B 297 -18.57 0.64 20.67
N ASN B 298 -18.48 0.89 19.36
CA ASN B 298 -18.94 2.17 18.81
C ASN B 298 -20.45 2.30 18.91
N ARG B 299 -21.15 1.20 18.63
CA ARG B 299 -22.61 1.17 18.66
C ARG B 299 -23.16 1.55 20.04
N GLU B 300 -22.70 0.86 21.08
CA GLU B 300 -23.15 1.12 22.45
C GLU B 300 -22.93 2.57 22.88
N VAL B 301 -21.79 3.14 22.50
CA VAL B 301 -21.45 4.52 22.88
C VAL B 301 -22.44 5.56 22.33
N LEU B 302 -22.72 5.47 21.04
CA LEU B 302 -23.61 6.42 20.37
C LEU B 302 -25.06 6.16 20.76
N LEU B 303 -25.37 4.91 21.09
CA LEU B 303 -26.71 4.52 21.48
C LEU B 303 -27.13 5.16 22.81
N GLU B 304 -26.19 5.27 23.74
CA GLU B 304 -26.48 5.92 25.02
C GLU B 304 -26.46 7.43 24.83
N ALA B 305 -25.79 7.88 23.77
CA ALA B 305 -25.77 9.29 23.44
C ALA B 305 -27.12 9.69 22.86
N LEU B 306 -27.89 8.68 22.44
CA LEU B 306 -29.23 8.90 21.90
C LEU B 306 -30.32 8.67 22.95
N SER B 307 -29.92 8.59 24.21
CA SER B 307 -30.87 8.37 25.30
C SER B 307 -31.90 9.50 25.54
N PRO B 308 -31.51 10.79 25.35
CA PRO B 308 -32.51 11.85 25.56
C PRO B 308 -33.77 11.75 24.70
N LEU B 309 -33.70 11.01 23.59
CA LEU B 309 -34.83 10.95 22.67
C LEU B 309 -35.96 10.08 23.23
N GLY B 310 -35.61 9.18 24.15
CA GLY B 310 -36.61 8.35 24.81
C GLY B 310 -36.38 6.86 24.62
N LYS B 311 -37.30 6.05 25.14
CA LYS B 311 -37.16 4.59 25.06
C LYS B 311 -37.75 4.08 23.75
N GLY B 312 -37.06 3.13 23.14
CA GLY B 312 -37.47 2.55 21.87
C GLY B 312 -37.48 3.59 20.75
N ALA B 313 -36.90 4.75 21.02
CA ALA B 313 -36.86 5.83 20.07
C ALA B 313 -35.85 5.45 18.98
N VAL B 314 -34.88 4.64 19.35
CA VAL B 314 -33.80 4.23 18.45
C VAL B 314 -34.01 2.80 17.98
N LYS B 315 -33.89 2.58 16.67
CA LYS B 315 -33.96 1.23 16.11
C LYS B 315 -32.65 0.89 15.39
N GLY B 316 -32.48 -0.38 15.07
CA GLY B 316 -31.30 -0.81 14.33
C GLY B 316 -30.28 -1.49 15.21
N GLY B 317 -29.04 -1.57 14.71
CA GLY B 317 -27.97 -2.24 15.43
C GLY B 317 -27.98 -3.74 15.23
N GLU B 318 -28.88 -4.24 14.41
CA GLU B 318 -28.95 -5.66 14.09
C GLU B 318 -27.92 -6.02 13.02
N GLY B 319 -27.61 -5.04 12.18
CA GLY B 319 -26.71 -5.24 11.06
C GLY B 319 -26.29 -3.91 10.47
N ALA B 320 -25.50 -3.97 9.41
CA ALA B 320 -24.95 -2.77 8.79
C ALA B 320 -24.24 -1.93 9.84
N ILE B 321 -24.30 -0.60 9.71
CA ILE B 321 -23.58 0.28 10.62
C ILE B 321 -24.44 1.46 11.06
N TYR B 322 -25.75 1.23 11.14
CA TYR B 322 -26.69 2.33 11.33
C TYR B 322 -27.55 2.21 12.57
N LEU B 323 -27.83 3.37 13.18
CA LEU B 323 -28.85 3.48 14.20
C LEU B 323 -29.93 4.42 13.68
N TRP B 324 -31.18 4.02 13.86
CA TRP B 324 -32.33 4.74 13.30
C TRP B 324 -33.20 5.23 14.44
N ALA B 325 -33.21 6.56 14.64
CA ALA B 325 -33.81 7.14 15.83
C ALA B 325 -34.88 8.21 15.53
N LYS B 326 -35.98 8.13 16.26
CA LYS B 326 -37.09 9.06 16.12
C LYS B 326 -36.90 10.30 16.99
N LEU B 327 -36.95 11.47 16.37
CA LEU B 327 -36.88 12.73 17.09
C LEU B 327 -38.19 12.96 17.84
N PRO B 328 -38.24 13.97 18.73
CA PRO B 328 -39.53 14.31 19.33
C PRO B 328 -40.55 14.74 18.28
N ASP B 329 -41.83 14.51 18.55
CA ASP B 329 -42.91 14.66 17.57
C ASP B 329 -43.02 16.05 16.93
N LYS B 330 -42.52 17.07 17.64
CA LYS B 330 -42.70 18.45 17.23
C LYS B 330 -41.66 18.90 16.19
N TYR B 331 -40.59 18.11 16.07
CA TYR B 331 -39.53 18.42 15.12
C TYR B 331 -39.62 17.55 13.86
N MET B 332 -40.59 17.86 13.01
CA MET B 332 -40.80 17.07 11.80
C MET B 332 -39.84 17.48 10.68
N ASP B 333 -39.13 18.58 10.90
CA ASP B 333 -38.15 19.03 9.93
C ASP B 333 -36.75 18.55 10.35
N ASP B 334 -36.37 17.37 9.85
CA ASP B 334 -35.10 16.76 10.22
C ASP B 334 -33.96 17.62 9.73
N PHE B 335 -34.10 18.08 8.49
CA PHE B 335 -33.09 18.90 7.84
C PHE B 335 -32.71 20.08 8.70
N LYS B 336 -33.71 20.62 9.38
CA LYS B 336 -33.53 21.81 10.20
C LYS B 336 -32.80 21.45 11.50
N VAL B 337 -33.09 20.26 12.03
CA VAL B 337 -32.43 19.75 13.23
C VAL B 337 -30.97 19.42 12.94
N VAL B 338 -30.74 18.91 11.72
CA VAL B 338 -29.40 18.51 11.29
C VAL B 338 -28.54 19.74 11.04
N HIS B 339 -29.11 20.75 10.41
CA HIS B 339 -28.41 22.02 10.19
C HIS B 339 -28.05 22.63 11.54
N TRP B 340 -28.89 22.39 12.53
CA TRP B 340 -28.68 22.90 13.88
C TRP B 340 -27.59 22.10 14.60
N LEU B 341 -27.70 20.78 14.61
CA LEU B 341 -26.71 19.91 15.26
C LEU B 341 -25.31 20.06 14.64
N GLY B 346 -21.96 20.21 17.79
CA GLY B 346 -21.50 20.32 16.42
C GLY B 346 -21.25 18.97 15.77
N VAL B 347 -22.30 18.18 15.64
CA VAL B 347 -22.21 16.86 15.01
C VAL B 347 -23.15 16.79 13.79
N VAL B 348 -22.72 16.13 12.72
CA VAL B 348 -23.53 16.02 11.52
C VAL B 348 -24.20 14.65 11.41
N LEU B 349 -25.52 14.66 11.40
CA LEU B 349 -26.28 13.43 11.22
C LEU B 349 -26.98 13.46 9.86
N ILE B 350 -27.65 12.37 9.51
CA ILE B 350 -28.39 12.32 8.25
C ILE B 350 -29.89 12.35 8.51
N PRO B 351 -30.58 13.32 7.90
CA PRO B 351 -32.04 13.48 8.02
C PRO B 351 -32.78 12.28 7.49
N GLY B 352 -33.68 11.74 8.30
CA GLY B 352 -34.42 10.55 7.94
C GLY B 352 -35.47 10.77 6.86
N SER B 353 -35.78 12.03 6.59
CA SER B 353 -36.76 12.37 5.56
C SER B 353 -36.30 11.84 4.21
N SER B 354 -34.99 11.85 3.99
CA SER B 354 -34.38 11.39 2.74
C SER B 354 -34.68 9.92 2.47
N SER B 355 -35.03 9.18 3.50
CA SER B 355 -35.33 7.75 3.35
C SER B 355 -36.83 7.49 3.36
N GLY B 356 -37.63 8.54 3.22
CA GLY B 356 -39.08 8.38 3.16
C GLY B 356 -39.74 8.52 4.52
N CYS B 357 -38.93 8.77 5.55
CA CYS B 357 -39.43 8.82 6.92
C CYS B 357 -39.09 10.14 7.59
N PRO B 358 -39.96 11.15 7.43
CA PRO B 358 -39.75 12.42 8.11
C PRO B 358 -39.90 12.25 9.62
N GLY B 359 -39.21 13.10 10.39
CA GLY B 359 -39.28 13.01 11.84
C GLY B 359 -38.19 12.16 12.44
N TYR B 360 -37.39 11.52 11.58
CA TYR B 360 -36.32 10.64 12.02
C TYR B 360 -34.94 11.17 11.64
N VAL B 361 -33.90 10.55 12.21
CA VAL B 361 -32.53 10.94 11.90
C VAL B 361 -31.65 9.69 11.98
N ARG B 362 -30.61 9.65 11.15
CA ARG B 362 -29.76 8.47 11.08
C ARG B 362 -28.35 8.68 11.64
N VAL B 363 -27.87 7.68 12.38
CA VAL B 363 -26.54 7.73 12.97
C VAL B 363 -25.67 6.59 12.50
N SER B 364 -24.50 6.93 11.97
CA SER B 364 -23.56 5.91 11.52
C SER B 364 -22.46 5.75 12.55
N PHE B 365 -22.26 4.53 13.02
CA PHE B 365 -21.25 4.29 14.04
C PHE B 365 -20.07 3.53 13.49
N GLY B 366 -19.99 3.43 12.17
CA GLY B 366 -18.95 2.63 11.53
C GLY B 366 -17.73 3.42 11.11
N GLY B 367 -17.80 4.74 11.16
CA GLY B 367 -16.76 5.54 10.54
C GLY B 367 -15.71 6.18 11.41
N LEU B 368 -15.82 6.03 12.73
CA LEU B 368 -14.89 6.71 13.62
C LEU B 368 -14.17 5.75 14.56
N ILE B 369 -12.94 6.09 14.91
CA ILE B 369 -12.09 5.28 15.77
C ILE B 369 -11.85 5.95 17.13
N GLU B 370 -12.81 5.81 18.04
CA GLU B 370 -12.75 6.46 19.36
C GLU B 370 -12.54 7.96 19.28
N LYS B 371 -12.76 8.49 18.08
CA LYS B 371 -13.07 9.89 17.87
C LYS B 371 -14.58 9.91 17.90
N ASP B 372 -15.11 8.69 18.07
CA ASP B 372 -16.53 8.41 18.21
C ASP B 372 -17.14 8.87 19.53
N CYS B 373 -16.29 9.04 20.54
CA CYS B 373 -16.76 9.50 21.85
C CYS B 373 -16.81 11.01 21.90
N ARG B 374 -16.08 11.64 20.98
CA ARG B 374 -16.14 13.08 20.80
C ARG B 374 -17.38 13.44 19.99
N ALA B 375 -17.91 12.45 19.27
CA ALA B 375 -19.15 12.61 18.53
C ALA B 375 -20.32 12.59 19.52
N ALA B 376 -20.09 11.95 20.66
CA ALA B 376 -21.04 11.91 21.76
C ALA B 376 -21.15 13.27 22.47
N ALA B 377 -20.68 14.33 21.79
CA ALA B 377 -20.93 15.70 22.24
C ALA B 377 -22.35 16.10 21.86
N GLU B 378 -23.31 15.43 22.50
CA GLU B 378 -24.72 15.64 22.25
C GLU B 378 -25.54 15.62 23.53
N LEU C 13 -0.54 -9.75 10.91
CA LEU C 13 0.73 -9.05 10.70
C LEU C 13 0.55 -7.55 10.72
N THR C 14 1.64 -6.83 10.91
CA THR C 14 1.61 -5.39 11.07
C THR C 14 1.62 -4.64 9.74
N ASP C 15 0.89 -3.52 9.69
CA ASP C 15 0.85 -2.71 8.48
C ASP C 15 2.22 -2.17 8.11
N THR C 16 2.93 -1.63 9.08
CA THR C 16 4.18 -0.94 8.81
C THR C 16 5.21 -1.76 8.03
N PRO C 17 5.36 -3.08 8.31
CA PRO C 17 6.30 -3.79 7.45
C PRO C 17 5.64 -4.47 6.25
N VAL C 18 4.35 -4.76 6.34
CA VAL C 18 3.66 -5.36 5.21
C VAL C 18 3.70 -4.39 4.03
N MET C 19 3.70 -3.10 4.33
CA MET C 19 3.73 -2.08 3.30
C MET C 19 5.10 -1.47 3.01
N VAL C 20 6.16 -2.09 3.50
CA VAL C 20 7.48 -1.77 2.97
C VAL C 20 7.71 -2.74 1.83
N GLN C 21 8.37 -2.30 0.76
CA GLN C 21 8.57 -3.19 -0.39
C GLN C 21 9.61 -4.27 -0.14
N ILE C 22 9.48 -5.37 -0.87
CA ILE C 22 10.40 -6.50 -0.77
C ILE C 22 11.75 -6.00 -1.25
N GLN C 23 12.84 -6.63 -0.80
CA GLN C 23 14.14 -6.12 -1.23
C GLN C 23 14.61 -6.79 -2.49
N GLU C 24 15.70 -6.26 -3.04
CA GLU C 24 16.43 -6.91 -4.12
C GLU C 24 17.26 -8.08 -3.61
N LEU C 25 16.62 -8.98 -2.86
CA LEU C 25 17.21 -10.25 -2.49
C LEU C 25 16.78 -11.27 -3.54
N ILE C 26 15.75 -10.88 -4.29
CA ILE C 26 15.32 -11.62 -5.46
C ILE C 26 16.52 -11.74 -6.40
N ARG C 27 16.85 -12.97 -6.78
CA ARG C 27 18.07 -13.21 -7.55
C ARG C 27 18.02 -14.43 -8.45
N GLY C 28 18.20 -14.20 -9.75
CA GLY C 28 18.46 -15.25 -10.70
C GLY C 28 19.96 -15.38 -10.89
N ASN C 29 20.69 -15.40 -9.77
CA ASN C 29 22.14 -15.60 -9.79
C ASN C 29 22.50 -17.07 -9.63
N CYS C 32 25.79 -16.92 -15.13
CA CYS C 32 25.61 -15.47 -15.17
C CYS C 32 26.60 -14.74 -14.28
N ILE C 33 27.34 -13.81 -14.88
CA ILE C 33 28.21 -12.93 -14.11
C ILE C 33 27.39 -11.73 -13.64
N SER C 34 27.65 -11.28 -12.42
CA SER C 34 26.81 -10.27 -11.81
C SER C 34 27.41 -8.86 -11.83
N LEU C 35 26.56 -7.90 -12.15
CA LEU C 35 26.89 -6.48 -12.07
C LEU C 35 25.90 -5.81 -11.13
N ALA C 36 25.45 -6.57 -10.13
CA ALA C 36 24.29 -6.19 -9.31
C ALA C 36 24.66 -5.56 -7.96
N GLN C 37 24.80 -6.38 -6.92
CA GLN C 37 25.13 -5.87 -5.59
C GLN C 37 26.41 -5.04 -5.68
N GLY C 38 26.43 -3.92 -4.97
CA GLY C 38 27.55 -3.01 -5.07
C GLY C 38 28.52 -3.11 -3.91
N VAL C 39 29.53 -3.96 -4.10
CA VAL C 39 30.61 -4.14 -3.15
C VAL C 39 31.93 -4.08 -3.91
N VAL C 40 33.04 -4.25 -3.21
CA VAL C 40 34.33 -4.33 -3.89
C VAL C 40 34.82 -5.77 -3.95
N TYR C 41 35.78 -6.01 -4.84
CA TYR C 41 36.31 -7.35 -5.03
C TYR C 41 37.47 -7.66 -4.07
N TRP C 42 38.02 -6.63 -3.42
CA TRP C 42 39.21 -6.85 -2.58
C TRP C 42 38.90 -7.22 -1.12
N GLN C 43 39.77 -8.04 -0.54
CA GLN C 43 39.62 -8.45 0.85
C GLN C 43 40.08 -7.32 1.77
N PRO C 44 39.75 -7.41 3.08
CA PRO C 44 40.27 -6.40 4.02
C PRO C 44 41.79 -6.54 4.15
N PRO C 45 42.47 -5.55 4.75
CA PRO C 45 43.93 -5.67 4.79
C PRO C 45 44.40 -6.95 5.49
N ALA C 46 45.28 -7.70 4.84
CA ALA C 46 45.79 -8.96 5.39
C ALA C 46 46.50 -8.76 6.72
N GLN C 47 47.17 -7.63 6.86
CA GLN C 47 47.95 -7.37 8.06
C GLN C 47 47.00 -7.12 9.23
N ALA C 48 45.83 -6.52 8.93
CA ALA C 48 44.82 -6.27 9.95
C ALA C 48 44.07 -7.56 10.34
N LEU C 49 43.74 -8.38 9.35
CA LEU C 49 43.13 -9.68 9.61
C LEU C 49 44.07 -10.60 10.37
N GLU C 50 45.36 -10.48 10.14
CA GLU C 50 46.32 -11.33 10.84
C GLU C 50 46.29 -11.01 12.33
N LYS C 51 46.16 -9.73 12.68
CA LYS C 51 46.07 -9.37 14.10
C LYS C 51 44.80 -9.92 14.72
N VAL C 52 43.70 -9.85 13.97
CA VAL C 52 42.42 -10.39 14.43
C VAL C 52 42.54 -11.88 14.69
N LYS C 53 43.29 -12.56 13.83
CA LYS C 53 43.49 -14.00 13.97
C LYS C 53 44.10 -14.31 15.35
N GLU C 54 44.96 -13.40 15.82
CA GLU C 54 45.69 -13.59 17.07
C GLU C 54 44.92 -13.19 18.35
N ILE C 55 43.86 -12.40 18.22
CA ILE C 55 43.22 -11.84 19.41
C ILE C 55 41.89 -12.52 19.71
N ILE C 56 41.60 -13.55 18.95
CA ILE C 56 40.36 -14.32 19.09
C ILE C 56 40.21 -14.88 20.51
N TRP C 57 41.33 -15.01 21.22
CA TRP C 57 41.38 -15.64 22.54
C TRP C 57 41.23 -14.65 23.67
N GLU C 58 41.35 -13.35 23.36
CA GLU C 58 41.22 -12.32 24.37
C GLU C 58 39.82 -12.38 24.96
N PRO C 59 39.73 -12.37 26.29
CA PRO C 59 38.41 -12.47 26.93
C PRO C 59 37.58 -11.25 26.60
N SER C 60 38.26 -10.10 26.44
CA SER C 60 37.60 -8.83 26.13
C SER C 60 36.83 -8.89 24.79
N VAL C 61 37.31 -9.73 23.88
CA VAL C 61 36.68 -9.92 22.57
C VAL C 61 35.33 -10.64 22.70
N SER C 62 35.19 -11.47 23.72
CA SER C 62 33.95 -12.24 23.89
C SER C 62 32.98 -11.58 24.86
N ARG C 63 33.42 -10.50 25.50
CA ARG C 63 32.55 -9.73 26.38
C ARG C 63 31.83 -8.59 25.66
N TYR C 64 30.68 -8.17 26.20
CA TYR C 64 29.99 -6.98 25.72
C TYR C 64 30.90 -5.79 25.81
N GLY C 65 30.85 -4.92 24.80
CA GLY C 65 31.59 -3.69 24.82
C GLY C 65 30.65 -2.53 25.08
N ALA C 66 31.22 -1.36 25.31
CA ALA C 66 30.44 -0.13 25.42
C ALA C 66 29.54 0.04 24.19
N ASP C 67 28.31 0.47 24.43
CA ASP C 67 27.32 0.66 23.37
C ASP C 67 27.77 1.60 22.27
N GLU C 68 28.43 2.67 22.67
CA GLU C 68 28.92 3.66 21.73
C GLU C 68 30.15 3.19 20.96
N GLY C 69 30.69 2.03 21.35
CA GLY C 69 31.83 1.44 20.68
C GLY C 69 33.13 1.47 21.47
N LEU C 70 34.08 0.64 21.02
CA LEU C 70 35.44 0.59 21.57
C LEU C 70 36.08 1.96 21.68
N PRO C 71 36.58 2.30 22.87
CA PRO C 71 37.23 3.61 23.06
C PRO C 71 38.38 3.83 22.06
N GLU C 72 39.16 2.79 21.77
CA GLU C 72 40.22 2.91 20.78
C GLU C 72 39.69 3.14 19.36
N LEU C 73 38.58 2.50 19.02
CA LEU C 73 38.00 2.67 17.68
C LEU C 73 37.39 4.06 17.55
N ARG C 74 36.64 4.47 18.56
CA ARG C 74 36.05 5.81 18.59
C ARG C 74 37.13 6.89 18.50
N GLU C 75 38.22 6.69 19.23
CA GLU C 75 39.31 7.68 19.25
C GLU C 75 39.99 7.74 17.89
N ALA C 76 40.22 6.58 17.29
CA ALA C 76 40.79 6.53 15.94
C ALA C 76 39.89 7.23 14.94
N LEU C 77 38.57 7.03 15.09
CA LEU C 77 37.59 7.62 14.18
C LEU C 77 37.49 9.13 14.37
N MET C 78 37.68 9.59 15.60
CA MET C 78 37.72 11.03 15.87
C MET C 78 38.84 11.68 15.08
N GLN C 79 40.00 11.05 15.10
CA GLN C 79 41.17 11.56 14.40
C GLN C 79 40.94 11.57 12.90
N LYS C 80 40.31 10.50 12.41
CA LYS C 80 40.00 10.38 10.99
C LYS C 80 39.05 11.48 10.54
N LEU C 81 37.99 11.71 11.32
CA LEU C 81 37.00 12.74 11.00
C LEU C 81 37.65 14.12 10.95
N GLY C 82 38.56 14.38 11.88
CA GLY C 82 39.26 15.64 11.92
C GLY C 82 40.22 15.86 10.76
N HIS C 83 41.06 14.87 10.51
CA HIS C 83 42.15 15.02 9.53
C HIS C 83 41.71 14.76 8.09
N GLU C 84 40.73 13.88 7.91
CA GLU C 84 40.25 13.54 6.57
C GLU C 84 38.98 14.31 6.18
N ASN C 85 38.06 14.45 7.13
CA ASN C 85 36.76 15.03 6.82
C ASN C 85 36.61 16.45 7.34
N ASN C 86 37.62 16.91 8.07
CA ASN C 86 37.62 18.27 8.62
C ASN C 86 36.42 18.51 9.54
N LEU C 87 36.14 17.53 10.39
CA LEU C 87 35.08 17.63 11.40
C LEU C 87 35.69 17.73 12.79
N HIS C 88 35.18 18.66 13.60
CA HIS C 88 35.76 18.93 14.91
C HIS C 88 34.71 19.10 15.99
N LYS C 89 33.44 19.08 15.60
CA LYS C 89 32.35 19.22 16.56
C LYS C 89 31.45 18.00 16.57
N SER C 90 31.98 16.86 16.11
CA SER C 90 31.17 15.64 16.00
C SER C 90 31.60 14.56 17.00
N SER C 91 30.61 13.87 17.55
CA SER C 91 30.82 12.71 18.40
C SER C 91 30.64 11.42 17.61
N VAL C 92 31.18 10.32 18.13
CA VAL C 92 31.16 9.06 17.38
C VAL C 92 30.42 7.92 18.09
N MET C 93 29.61 7.20 17.32
CA MET C 93 29.00 5.97 17.79
C MET C 93 29.23 4.84 16.79
N VAL C 94 29.91 3.78 17.22
CA VAL C 94 30.14 2.65 16.34
C VAL C 94 28.91 1.78 16.30
N THR C 95 28.47 1.42 15.09
CA THR C 95 27.26 0.63 14.91
C THR C 95 27.60 -0.62 14.11
N ALA C 96 26.70 -1.61 14.16
CA ALA C 96 26.90 -2.83 13.39
C ALA C 96 26.40 -2.69 11.95
N GLY C 97 27.09 -1.84 11.19
CA GLY C 97 26.75 -1.54 9.81
C GLY C 97 26.11 -0.17 9.65
N ALA C 98 26.25 0.40 8.45
CA ALA C 98 25.69 1.71 8.16
C ALA C 98 24.17 1.65 8.08
N ASN C 99 23.63 0.48 7.76
CA ASN C 99 22.19 0.31 7.70
C ASN C 99 21.53 0.39 9.07
N GLN C 100 22.10 -0.29 10.06
CA GLN C 100 21.56 -0.22 11.41
C GLN C 100 21.78 1.18 11.96
N ALA C 101 22.86 1.81 11.54
CA ALA C 101 23.14 3.18 11.93
C ALA C 101 22.06 4.15 11.46
N PHE C 102 21.60 3.97 10.22
CA PHE C 102 20.60 4.87 9.66
C PHE C 102 19.30 4.70 10.41
N VAL C 103 18.98 3.46 10.75
CA VAL C 103 17.81 3.14 11.55
C VAL C 103 17.87 3.83 12.91
N ASN C 104 19.04 3.80 13.55
CA ASN C 104 19.25 4.58 14.77
C ASN C 104 18.82 6.03 14.58
N VAL C 105 19.19 6.61 13.44
CA VAL C 105 18.91 8.02 13.17
C VAL C 105 17.42 8.24 12.92
N VAL C 106 16.81 7.33 12.16
CA VAL C 106 15.38 7.42 11.85
C VAL C 106 14.52 7.33 13.11
N LEU C 107 14.83 6.38 13.98
CA LEU C 107 14.10 6.22 15.24
C LEU C 107 14.34 7.36 16.22
N THR C 108 15.45 8.07 16.02
CA THR C 108 15.85 9.15 16.91
C THR C 108 15.35 10.51 16.42
N LEU C 109 15.27 10.68 15.11
CA LEU C 109 14.93 11.98 14.54
C LEU C 109 13.52 12.03 13.92
N CYS C 110 12.87 10.88 13.77
CA CYS C 110 11.54 10.84 13.16
C CYS C 110 10.47 10.17 14.00
N ASP C 111 9.28 10.80 14.03
CA ASP C 111 8.08 10.17 14.57
C ASP C 111 7.33 9.52 13.42
N ALA C 112 6.59 8.46 13.71
CA ALA C 112 5.66 7.91 12.73
C ALA C 112 4.67 9.01 12.33
N GLY C 113 4.35 9.09 11.04
CA GLY C 113 3.44 10.10 10.56
C GLY C 113 4.12 11.40 10.17
N ASP C 114 5.40 11.53 10.50
CA ASP C 114 6.17 12.68 10.04
C ASP C 114 6.45 12.50 8.56
N SER C 115 6.86 13.58 7.91
CA SER C 115 7.24 13.51 6.52
C SER C 115 8.74 13.70 6.40
N VAL C 116 9.33 13.07 5.39
CA VAL C 116 10.76 13.16 5.17
C VAL C 116 11.05 13.39 3.70
N VAL C 117 12.25 13.87 3.40
CA VAL C 117 12.61 14.19 2.03
C VAL C 117 13.79 13.36 1.54
N MET C 118 13.61 12.70 0.41
CA MET C 118 14.71 12.05 -0.28
C MET C 118 14.81 12.62 -1.69
N PHE C 119 15.83 12.20 -2.44
CA PHE C 119 15.96 12.60 -3.83
C PHE C 119 16.05 11.37 -4.75
N ALA C 120 15.44 11.45 -5.91
CA ALA C 120 15.48 10.35 -6.88
C ALA C 120 16.70 10.46 -7.79
N PRO C 121 17.34 9.32 -8.11
CA PRO C 121 17.08 7.99 -7.54
C PRO C 121 17.61 7.89 -6.12
N TYR C 122 16.85 7.24 -5.25
CA TYR C 122 17.22 7.15 -3.84
C TYR C 122 17.77 5.78 -3.46
N TYR C 123 18.49 5.72 -2.34
CA TYR C 123 19.03 4.46 -1.84
C TYR C 123 17.90 3.60 -1.28
N PHE C 124 17.68 2.45 -1.92
CA PHE C 124 16.53 1.57 -1.67
C PHE C 124 16.31 1.25 -0.18
N ASN C 125 17.36 0.83 0.51
CA ASN C 125 17.22 0.45 1.91
C ASN C 125 16.88 1.63 2.82
N ALA C 126 17.31 2.84 2.46
CA ALA C 126 16.96 4.02 3.24
C ALA C 126 15.44 4.27 3.19
N HIS C 127 14.87 4.04 2.02
CA HIS C 127 13.43 4.22 1.79
C HIS C 127 12.60 3.27 2.63
N MET C 128 12.98 2.00 2.59
CA MET C 128 12.32 0.95 3.34
C MET C 128 12.45 1.17 4.85
N SER C 129 13.59 1.71 5.29
CA SER C 129 13.79 1.91 6.72
C SER C 129 12.84 2.97 7.25
N PHE C 130 12.57 3.99 6.45
CA PHE C 130 11.51 4.93 6.77
C PHE C 130 10.18 4.20 6.92
N GLN C 131 9.78 3.50 5.86
CA GLN C 131 8.50 2.80 5.83
C GLN C 131 8.34 1.85 7.01
N MET C 132 9.43 1.13 7.30
CA MET C 132 9.48 0.09 8.31
C MET C 132 9.10 0.60 9.70
N THR C 133 9.40 1.86 9.97
CA THR C 133 9.10 2.42 11.27
C THR C 133 7.85 3.31 11.23
N GLY C 134 7.07 3.19 10.15
CA GLY C 134 5.84 3.94 10.02
C GLY C 134 6.03 5.36 9.55
N VAL C 135 7.21 5.65 9.00
CA VAL C 135 7.42 6.93 8.35
C VAL C 135 7.23 6.71 6.87
N THR C 136 5.97 6.89 6.45
CA THR C 136 5.53 6.52 5.11
C THR C 136 5.26 7.72 4.22
N ASP C 137 5.22 8.90 4.82
CA ASP C 137 5.03 10.12 4.07
C ASP C 137 6.37 10.59 3.53
N ILE C 138 6.83 9.95 2.46
CA ILE C 138 8.16 10.23 1.93
C ILE C 138 8.08 11.07 0.65
N LEU C 139 8.54 12.31 0.74
CA LEU C 139 8.50 13.22 -0.41
C LEU C 139 9.75 13.06 -1.25
N VAL C 140 9.59 12.52 -2.45
CA VAL C 140 10.73 12.25 -3.31
C VAL C 140 10.98 13.35 -4.32
N GLY C 141 12.04 14.12 -4.12
CA GLY C 141 12.41 15.20 -5.02
C GLY C 141 13.26 14.79 -6.20
N PRO C 142 13.27 15.62 -7.27
CA PRO C 142 14.05 15.41 -8.48
C PRO C 142 15.48 15.92 -8.34
N GLY C 143 16.37 15.41 -9.19
CA GLY C 143 17.70 15.98 -9.31
C GLY C 143 17.78 16.75 -10.62
N ASP C 144 18.75 17.66 -10.72
CA ASP C 144 18.99 18.39 -11.97
C ASP C 144 19.04 17.42 -13.15
N PRO C 145 18.27 17.72 -14.20
CA PRO C 145 18.10 16.81 -15.35
C PRO C 145 19.40 16.40 -16.04
N LYS C 146 20.43 17.24 -16.00
CA LYS C 146 21.68 16.92 -16.68
C LYS C 146 22.70 16.22 -15.79
N THR C 147 22.72 16.56 -14.50
CA THR C 147 23.73 16.01 -13.60
C THR C 147 23.18 15.07 -12.54
N LEU C 148 21.86 15.01 -12.42
CA LEU C 148 21.15 14.24 -11.40
C LEU C 148 21.48 14.63 -9.96
N HIS C 149 22.22 15.71 -9.79
CA HIS C 149 22.48 16.28 -8.46
C HIS C 149 21.18 16.82 -7.90
N PRO C 150 20.87 16.52 -6.62
CA PRO C 150 19.64 16.94 -5.96
C PRO C 150 19.24 18.39 -6.21
N ASP C 151 17.99 18.57 -6.61
CA ASP C 151 17.44 19.88 -6.92
C ASP C 151 17.17 20.69 -5.65
N ALA C 152 18.04 21.66 -5.39
CA ALA C 152 17.92 22.47 -4.18
C ALA C 152 16.71 23.40 -4.25
N ASP C 153 16.32 23.76 -5.47
CA ASP C 153 15.16 24.63 -5.66
C ASP C 153 13.88 23.91 -5.26
N TRP C 154 13.76 22.66 -5.71
CA TRP C 154 12.61 21.83 -5.34
C TRP C 154 12.53 21.67 -3.83
N LEU C 155 13.68 21.45 -3.20
CA LEU C 155 13.76 21.25 -1.76
C LEU C 155 13.30 22.48 -0.98
N GLU C 156 13.79 23.64 -1.39
CA GLU C 156 13.48 24.89 -0.70
C GLU C 156 11.98 25.20 -0.65
N SER C 157 11.31 24.99 -1.78
CA SER C 157 9.88 25.24 -1.85
C SER C 157 9.10 24.12 -1.16
N THR C 158 9.59 22.89 -1.30
CA THR C 158 8.92 21.74 -0.70
C THR C 158 8.92 21.86 0.81
N LEU C 159 10.06 22.25 1.36
CA LEU C 159 10.17 22.40 2.81
C LEU C 159 9.38 23.60 3.30
N LYS C 160 9.40 24.67 2.52
CA LYS C 160 8.70 25.89 2.90
C LYS C 160 7.17 25.76 2.81
N ASN C 161 6.70 24.99 1.83
CA ASN C 161 5.27 24.94 1.53
C ASN C 161 4.55 23.68 1.98
N THR C 162 5.28 22.71 2.51
CA THR C 162 4.66 21.51 3.08
C THR C 162 4.38 21.71 4.56
N VAL C 163 3.14 21.46 4.97
CA VAL C 163 2.74 21.67 6.36
C VAL C 163 2.17 20.39 6.98
N PRO C 164 2.73 19.98 8.13
CA PRO C 164 3.88 20.62 8.81
C PRO C 164 5.22 20.28 8.14
N THR C 165 6.24 21.07 8.46
CA THR C 165 7.56 20.91 7.87
C THR C 165 8.12 19.51 8.09
N PRO C 166 8.64 18.88 7.02
CA PRO C 166 9.34 17.59 7.11
C PRO C 166 10.47 17.61 8.15
N LYS C 167 10.67 16.48 8.85
CA LYS C 167 11.62 16.44 9.96
C LYS C 167 13.07 16.26 9.51
N LEU C 168 13.29 15.51 8.43
CA LEU C 168 14.66 15.33 7.96
C LEU C 168 14.75 15.08 6.45
N VAL C 169 15.90 15.44 5.88
CA VAL C 169 16.22 15.20 4.48
C VAL C 169 17.39 14.22 4.37
N THR C 170 17.26 13.22 3.50
CA THR C 170 18.33 12.22 3.32
C THR C 170 19.01 12.33 1.95
N VAL C 171 20.35 12.39 1.97
CA VAL C 171 21.15 12.36 0.75
C VAL C 171 22.32 11.38 0.90
N VAL C 172 22.78 10.86 -0.23
CA VAL C 172 23.90 9.93 -0.24
C VAL C 172 25.04 10.52 -1.04
N ASN C 173 26.19 10.74 -0.41
CA ASN C 173 27.30 11.43 -1.06
C ASN C 173 28.63 10.70 -0.95
N PRO C 174 29.12 10.12 -2.08
CA PRO C 174 28.51 10.06 -3.42
C PRO C 174 27.37 9.05 -3.54
N GLY C 175 26.61 9.13 -4.62
CA GLY C 175 25.32 8.48 -4.71
C GLY C 175 25.21 7.01 -5.04
N ASN C 176 24.29 6.36 -4.36
CA ASN C 176 23.80 5.03 -4.69
C ASN C 176 22.30 5.19 -4.92
N PRO C 177 21.78 4.83 -6.11
CA PRO C 177 22.40 4.15 -7.25
C PRO C 177 22.96 5.06 -8.35
N SER C 178 22.90 6.37 -8.18
CA SER C 178 23.21 7.27 -9.28
C SER C 178 24.69 7.26 -9.67
N GLY C 179 25.56 7.07 -8.68
CA GLY C 179 26.99 7.11 -8.96
C GLY C 179 27.47 8.53 -9.21
N THR C 180 26.69 9.49 -8.72
CA THR C 180 27.00 10.91 -8.85
C THR C 180 27.34 11.47 -7.49
N TYR C 181 28.13 12.53 -7.46
CA TYR C 181 28.52 13.10 -6.18
C TYR C 181 27.81 14.43 -5.95
N ILE C 182 27.88 14.93 -4.73
CA ILE C 182 27.32 16.22 -4.38
C ILE C 182 28.45 17.21 -4.13
N PRO C 183 28.64 18.18 -5.04
CA PRO C 183 29.66 19.22 -4.92
C PRO C 183 29.56 19.96 -3.59
N GLU C 184 30.69 20.44 -3.07
CA GLU C 184 30.73 21.13 -1.79
C GLU C 184 29.75 22.30 -1.78
N SER C 185 29.66 23.01 -2.90
CA SER C 185 28.78 24.17 -3.03
C SER C 185 27.31 23.81 -2.83
N LEU C 186 26.84 22.79 -3.55
CA LEU C 186 25.46 22.34 -3.45
C LEU C 186 25.15 21.82 -2.04
N LEU C 187 26.07 21.03 -1.49
CA LEU C 187 25.89 20.44 -0.16
C LEU C 187 25.68 21.51 0.90
N LYS C 188 26.46 22.59 0.82
CA LYS C 188 26.33 23.71 1.74
C LYS C 188 25.01 24.48 1.55
N ARG C 189 24.48 24.51 0.34
CA ARG C 189 23.20 25.18 0.11
C ARG C 189 22.09 24.35 0.72
N ILE C 190 22.13 23.06 0.45
CA ILE C 190 21.15 22.13 1.00
C ILE C 190 21.17 22.21 2.52
N SER C 191 22.36 22.34 3.09
CA SER C 191 22.49 22.48 4.54
C SER C 191 21.78 23.73 5.03
N ASP C 192 21.91 24.82 4.28
CA ASP C 192 21.28 26.07 4.63
C ASP C 192 19.76 25.98 4.56
N ILE C 193 19.26 25.36 3.50
CA ILE C 193 17.82 25.18 3.31
C ILE C 193 17.20 24.43 4.48
N CYS C 194 17.83 23.33 4.86
CA CYS C 194 17.39 22.52 6.01
C CYS C 194 17.49 23.33 7.30
N LYS C 195 18.50 24.19 7.35
CA LYS C 195 18.75 25.05 8.49
C LYS C 195 17.70 26.14 8.62
N LYS C 196 17.33 26.75 7.49
CA LYS C 196 16.32 27.82 7.51
C LYS C 196 15.00 27.25 7.98
N ALA C 197 14.66 26.08 7.44
CA ALA C 197 13.41 25.41 7.77
C ALA C 197 13.48 24.76 9.14
N GLY C 198 14.69 24.50 9.61
CA GLY C 198 14.85 23.90 10.92
C GLY C 198 14.62 22.40 10.95
N CYS C 199 15.04 21.72 9.87
CA CYS C 199 14.90 20.27 9.81
C CYS C 199 16.28 19.62 9.74
N TRP C 200 16.32 18.30 9.88
CA TRP C 200 17.58 17.59 9.88
C TRP C 200 18.11 17.29 8.48
N LEU C 201 19.43 17.27 8.37
CA LEU C 201 20.10 16.78 7.16
C LEU C 201 20.94 15.55 7.49
N VAL C 202 20.64 14.44 6.84
CA VAL C 202 21.34 13.18 7.09
C VAL C 202 22.13 12.77 5.84
N ILE C 203 23.45 12.72 5.95
CA ILE C 203 24.30 12.41 4.81
C ILE C 203 24.98 11.05 4.97
N ASP C 204 24.76 10.16 3.99
CA ASP C 204 25.37 8.84 3.99
C ASP C 204 26.66 8.88 3.18
N ASN C 205 27.80 8.77 3.87
CA ASN C 205 29.12 8.86 3.24
C ASN C 205 29.80 7.52 3.02
N THR C 206 29.02 6.47 2.81
CA THR C 206 29.53 5.12 2.63
C THR C 206 30.59 5.00 1.52
N TYR C 207 30.47 5.81 0.48
CA TYR C 207 31.40 5.70 -0.63
C TYR C 207 32.32 6.92 -0.70
N GLU C 208 32.65 7.48 0.46
CA GLU C 208 33.53 8.65 0.52
C GLU C 208 34.91 8.42 -0.11
N TYR C 209 35.42 7.20 -0.08
CA TYR C 209 36.75 6.95 -0.62
C TYR C 209 36.70 6.63 -2.12
N PHE C 210 35.50 6.65 -2.68
CA PHE C 210 35.29 6.26 -4.07
C PHE C 210 34.97 7.48 -4.94
N MET C 211 35.99 8.24 -5.32
CA MET C 211 35.81 9.41 -6.19
C MET C 211 36.65 9.27 -7.46
N TYR C 212 36.20 9.86 -8.56
CA TYR C 212 36.94 9.74 -9.83
C TYR C 212 37.13 11.08 -10.53
N ASP C 213 38.12 11.13 -11.42
CA ASP C 213 38.37 12.32 -12.24
C ASP C 213 38.61 13.55 -11.37
N ASN C 214 39.32 13.34 -10.26
CA ASN C 214 39.66 14.39 -9.32
C ASN C 214 38.46 15.13 -8.71
N ARG C 215 37.29 14.49 -8.73
CA ARG C 215 36.17 15.05 -8.00
C ARG C 215 36.41 14.85 -6.51
N LYS C 216 36.13 15.87 -5.71
CA LYS C 216 36.46 15.82 -4.29
C LYS C 216 35.25 15.65 -3.37
N HIS C 217 35.28 14.58 -2.57
CA HIS C 217 34.31 14.41 -1.51
C HIS C 217 34.64 15.29 -0.30
N VAL C 218 33.62 15.92 0.26
CA VAL C 218 33.82 16.79 1.40
C VAL C 218 32.75 16.47 2.44
N CYS C 219 33.08 16.61 3.71
CA CYS C 219 32.08 16.41 4.76
C CYS C 219 31.86 17.73 5.49
N ILE C 220 30.61 17.98 5.86
CA ILE C 220 30.29 19.18 6.62
C ILE C 220 29.49 18.81 7.88
N GLU C 221 29.53 19.69 8.87
CA GLU C 221 28.85 19.42 10.13
C GLU C 221 28.11 20.64 10.63
N ALA C 222 27.10 20.39 11.46
CA ALA C 222 26.27 21.41 12.04
C ALA C 222 25.32 20.72 13.00
N ASN C 223 24.65 21.50 13.84
CA ASN C 223 23.74 20.92 14.83
C ASN C 223 22.47 20.37 14.18
N HIS C 224 22.36 20.51 12.87
CA HIS C 224 21.21 19.96 12.15
C HIS C 224 21.68 18.92 11.15
N ILE C 225 22.96 18.55 11.23
CA ILE C 225 23.53 17.54 10.35
C ILE C 225 24.01 16.31 11.13
N VAL C 226 23.66 15.14 10.62
CA VAL C 226 24.18 13.87 11.11
C VAL C 226 24.84 13.14 9.94
N ASN C 227 26.09 12.74 10.11
CA ASN C 227 26.80 11.98 9.07
C ASN C 227 26.88 10.49 9.38
N ILE C 228 26.82 9.68 8.33
CA ILE C 228 26.92 8.23 8.46
C ILE C 228 28.07 7.69 7.63
N PHE C 229 28.80 6.74 8.19
CA PHE C 229 29.92 6.13 7.49
C PHE C 229 29.85 4.61 7.60
N SER C 230 30.58 3.93 6.73
CA SER C 230 30.65 2.47 6.75
C SER C 230 32.05 1.93 6.43
N PHE C 231 32.36 0.76 6.99
CA PHE C 231 33.61 0.08 6.71
C PHE C 231 33.43 -0.95 5.59
N SER C 232 32.17 -1.23 5.24
CA SER C 232 31.85 -2.36 4.35
C SER C 232 32.43 -2.26 2.94
N1 LLP C 233 24.40 2.78 2.52
C2 LLP C 233 24.75 2.68 1.18
C2' LLP C 233 24.58 3.89 0.25
C3 LLP C 233 25.24 1.48 0.68
O3 LLP C 233 25.60 1.36 -0.68
C4 LLP C 233 25.39 0.38 1.50
C4' LLP C 233 25.98 -0.94 0.88
C5 LLP C 233 25.03 0.48 2.83
C6 LLP C 233 24.54 1.69 3.34
C5' LLP C 233 25.19 -0.68 3.73
OP4 LLP C 233 26.31 -0.39 4.59
P LLP C 233 26.70 -1.43 5.78
OP1 LLP C 233 27.77 -0.73 6.61
OP2 LLP C 233 27.20 -2.72 5.17
OP3 LLP C 233 25.49 -1.72 6.65
N LLP C 233 32.21 -1.14 2.27
CA LLP C 233 32.62 -1.00 0.90
CB LLP C 233 31.76 0.04 0.20
CG LLP C 233 30.26 -0.14 0.60
CD LLP C 233 29.56 -1.21 -0.27
CE LLP C 233 28.26 -1.63 0.32
NZ LLP C 233 27.28 -0.55 0.29
C LLP C 233 34.11 -0.67 0.79
O LLP C 233 34.84 -1.38 0.06
N ALA C 234 34.57 0.34 1.52
CA ALA C 234 35.97 0.79 1.46
C ALA C 234 36.98 -0.31 1.79
N TYR C 235 36.75 -1.05 2.87
CA TYR C 235 37.73 -2.03 3.32
C TYR C 235 37.32 -3.48 3.07
N GLY C 236 36.31 -3.68 2.23
CA GLY C 236 35.83 -5.03 1.93
C GLY C 236 35.38 -5.85 3.12
N MET C 237 34.98 -5.16 4.18
CA MET C 237 34.55 -5.73 5.46
C MET C 237 33.05 -5.91 5.59
N MET C 238 32.39 -6.22 4.48
CA MET C 238 30.95 -6.32 4.40
C MET C 238 30.38 -7.25 5.45
N GLY C 239 30.95 -8.46 5.52
CA GLY C 239 30.49 -9.50 6.42
C GLY C 239 30.78 -9.29 7.89
N TRP C 240 31.55 -8.27 8.22
CA TRP C 240 31.98 -8.02 9.60
C TRP C 240 31.01 -7.07 10.30
N ARG C 241 30.32 -6.28 9.50
CA ARG C 241 29.21 -5.45 9.94
C ARG C 241 29.68 -4.36 10.90
N VAL C 242 30.36 -3.35 10.37
CA VAL C 242 30.77 -2.18 11.15
C VAL C 242 30.50 -0.90 10.39
N GLY C 243 29.90 0.07 11.07
CA GLY C 243 29.67 1.39 10.50
C GLY C 243 29.71 2.35 11.67
N TYR C 244 29.55 3.65 11.43
CA TYR C 244 29.43 4.59 12.54
C TYR C 244 28.63 5.84 12.22
N ILE C 245 28.14 6.48 13.27
CA ILE C 245 27.40 7.73 13.17
C ILE C 245 28.21 8.90 13.74
N ALA C 246 28.37 9.95 12.95
CA ALA C 246 28.94 11.20 13.44
C ALA C 246 27.81 12.22 13.62
N TYR C 247 27.49 12.51 14.88
CA TYR C 247 26.35 13.35 15.24
C TYR C 247 26.84 14.57 16.03
N PRO C 248 26.07 15.67 16.02
CA PRO C 248 26.45 16.90 16.73
C PRO C 248 26.62 16.70 18.23
N SER C 249 27.78 17.10 18.74
CA SER C 249 28.11 16.93 20.15
C SER C 249 27.29 17.86 21.03
N GLU C 250 26.89 19.00 20.47
CA GLU C 250 26.30 20.08 21.26
C GLU C 250 24.78 20.04 21.32
N VAL C 251 24.16 19.16 20.54
CA VAL C 251 22.70 19.04 20.59
C VAL C 251 22.28 18.30 21.86
N GLU C 252 21.63 19.05 22.75
CA GLU C 252 21.22 18.54 24.06
C GLU C 252 20.30 17.32 23.96
N GLY C 253 20.66 16.27 24.68
CA GLY C 253 19.83 15.09 24.78
C GLY C 253 19.90 14.18 23.56
N LEU C 254 20.69 14.56 22.57
CA LEU C 254 20.83 13.76 21.35
C LEU C 254 21.57 12.46 21.64
N ALA C 255 22.66 12.57 22.41
CA ALA C 255 23.46 11.41 22.77
C ALA C 255 22.63 10.36 23.50
N ALA C 256 21.76 10.81 24.38
CA ALA C 256 20.94 9.90 25.18
C ALA C 256 19.96 9.10 24.31
N GLN C 257 19.42 9.74 23.29
CA GLN C 257 18.46 9.08 22.41
C GLN C 257 19.15 8.02 21.56
N LEU C 258 20.32 8.35 21.04
CA LEU C 258 21.06 7.40 20.23
C LEU C 258 21.47 6.21 21.10
N LEU C 259 21.88 6.50 22.34
CA LEU C 259 22.22 5.45 23.30
C LEU C 259 21.04 4.55 23.61
N LYS C 260 19.84 5.13 23.67
CA LYS C 260 18.65 4.33 23.94
C LYS C 260 18.43 3.33 22.81
N VAL C 261 18.51 3.81 21.57
CA VAL C 261 18.27 2.97 20.41
C VAL C 261 19.39 1.95 20.25
N GLN C 262 20.62 2.40 20.48
CA GLN C 262 21.80 1.54 20.38
C GLN C 262 21.70 0.39 21.37
N ASP C 263 21.27 0.66 22.60
CA ASP C 263 21.20 -0.39 23.62
C ASP C 263 20.14 -1.44 23.31
N ASN C 264 19.08 -1.03 22.60
CA ASN C 264 17.97 -1.95 22.31
C ASN C 264 18.18 -2.81 21.06
N ILE C 265 18.96 -2.32 20.10
CA ILE C 265 19.10 -3.08 18.86
C ILE C 265 20.43 -3.88 18.84
N PRO C 266 21.60 -3.25 18.64
CA PRO C 266 22.72 -4.20 18.63
C PRO C 266 23.34 -4.47 19.98
N ILE C 267 23.05 -3.61 20.97
CA ILE C 267 23.81 -3.48 22.22
C ILE C 267 25.17 -2.92 21.84
N CYS C 268 25.96 -3.68 21.07
CA CYS C 268 27.19 -3.14 20.48
C CYS C 268 27.56 -3.89 19.20
N ALA C 269 28.41 -3.27 18.38
CA ALA C 269 28.95 -3.95 17.21
C ALA C 269 29.87 -5.06 17.71
N SER C 270 30.00 -6.13 16.93
CA SER C 270 30.90 -7.24 17.27
C SER C 270 32.27 -6.70 17.65
N ILE C 271 32.81 -7.16 18.78
CA ILE C 271 34.08 -6.65 19.26
C ILE C 271 35.19 -6.96 18.29
N ILE C 272 35.20 -8.19 17.80
CA ILE C 272 36.23 -8.64 16.87
C ILE C 272 36.17 -7.83 15.57
N SER C 273 34.95 -7.46 15.18
CA SER C 273 34.74 -6.64 14.01
C SER C 273 35.26 -5.23 14.23
N GLN C 274 35.07 -4.69 15.43
CA GLN C 274 35.56 -3.36 15.73
C GLN C 274 37.08 -3.34 15.73
N ARG C 275 37.68 -4.43 16.20
CA ARG C 275 39.13 -4.58 16.21
C ARG C 275 39.64 -4.58 14.77
N LEU C 276 39.01 -5.38 13.90
CA LEU C 276 39.41 -5.42 12.49
C LEU C 276 39.29 -4.05 11.85
N ALA C 277 38.18 -3.35 12.11
CA ALA C 277 38.02 -2.00 11.60
C ALA C 277 39.16 -1.11 12.10
N LEU C 278 39.46 -1.21 13.39
CA LEU C 278 40.54 -0.41 14.00
C LEU C 278 41.90 -0.67 13.36
N TYR C 279 42.20 -1.95 13.13
CA TYR C 279 43.49 -2.34 12.55
C TYR C 279 43.53 -1.98 11.08
N SER C 280 42.38 -2.12 10.40
CA SER C 280 42.26 -1.75 9.00
C SER C 280 42.51 -0.26 8.80
N MET C 281 41.96 0.55 9.70
CA MET C 281 42.13 1.99 9.65
C MET C 281 43.59 2.42 9.64
N GLU C 282 44.41 1.63 10.31
CA GLU C 282 45.80 1.98 10.56
C GLU C 282 46.64 1.92 9.28
N MET C 283 46.11 1.27 8.25
CA MET C 283 46.72 1.26 6.94
C MET C 283 46.70 2.66 6.32
N GLY C 284 45.71 3.45 6.68
CA GLY C 284 45.55 4.78 6.14
C GLY C 284 44.62 4.80 4.94
N PRO C 285 44.06 5.98 4.62
CA PRO C 285 43.11 6.15 3.52
C PRO C 285 43.66 5.72 2.16
N GLU C 286 44.95 5.91 1.96
CA GLU C 286 45.58 5.61 0.67
C GLU C 286 45.53 4.14 0.32
N TRP C 287 45.44 3.27 1.34
CA TRP C 287 45.28 1.84 1.06
C TRP C 287 44.01 1.63 0.23
N VAL C 288 43.00 2.44 0.51
CA VAL C 288 41.72 2.33 -0.19
C VAL C 288 41.74 3.02 -1.54
N THR C 289 42.11 4.29 -1.54
CA THR C 289 42.05 5.11 -2.76
C THR C 289 42.97 4.60 -3.86
N ASN C 290 44.08 3.97 -3.48
CA ASN C 290 44.99 3.39 -4.47
C ASN C 290 44.36 2.24 -5.23
N GLN C 291 43.47 1.51 -4.56
CA GLN C 291 42.76 0.42 -5.20
C GLN C 291 41.55 0.93 -6.00
N VAL C 292 40.98 2.04 -5.55
CA VAL C 292 39.87 2.67 -6.24
C VAL C 292 40.28 3.09 -7.67
N LYS C 293 41.51 3.57 -7.82
CA LYS C 293 42.05 3.93 -9.12
C LYS C 293 41.90 2.81 -10.14
N ASP C 294 42.00 1.57 -9.68
CA ASP C 294 41.90 0.40 -10.56
C ASP C 294 40.50 0.17 -11.12
N LEU C 295 39.51 0.86 -10.56
CA LEU C 295 38.12 0.67 -10.98
C LEU C 295 37.75 1.49 -12.21
N VAL C 296 38.54 2.53 -12.48
CA VAL C 296 38.28 3.41 -13.61
C VAL C 296 38.26 2.64 -14.93
N LYS C 297 39.12 1.64 -15.04
CA LYS C 297 39.20 0.84 -16.26
C LYS C 297 37.96 -0.03 -16.42
N ASN C 298 37.38 -0.45 -15.30
CA ASN C 298 36.10 -1.18 -15.31
C ASN C 298 34.97 -0.28 -15.79
N ARG C 299 35.00 0.96 -15.32
CA ARG C 299 34.02 1.96 -15.69
C ARG C 299 34.01 2.20 -17.20
N GLU C 300 35.20 2.53 -17.71
CA GLU C 300 35.37 2.85 -19.13
C GLU C 300 34.94 1.70 -20.04
N VAL C 301 35.25 0.47 -19.63
CA VAL C 301 34.83 -0.71 -20.39
C VAL C 301 33.32 -0.84 -20.41
N LEU C 302 32.70 -0.71 -19.25
CA LEU C 302 31.26 -0.88 -19.11
C LEU C 302 30.52 0.29 -19.74
N LEU C 303 31.17 1.45 -19.77
CA LEU C 303 30.57 2.63 -20.38
C LEU C 303 30.34 2.42 -21.87
N GLU C 304 31.25 1.68 -22.51
CA GLU C 304 31.11 1.37 -23.93
C GLU C 304 30.10 0.24 -24.16
N ALA C 305 29.85 -0.56 -23.13
CA ALA C 305 28.87 -1.64 -23.23
C ALA C 305 27.43 -1.13 -23.13
N LEU C 306 27.28 0.12 -22.68
CA LEU C 306 25.96 0.77 -22.55
C LEU C 306 25.70 1.71 -23.72
N SER C 307 26.51 1.59 -24.76
CA SER C 307 26.36 2.43 -25.96
C SER C 307 25.05 2.21 -26.76
N PRO C 308 24.54 0.95 -26.86
CA PRO C 308 23.30 0.81 -27.62
C PRO C 308 22.12 1.63 -27.10
N LEU C 309 22.19 2.07 -25.84
CA LEU C 309 21.08 2.75 -25.19
C LEU C 309 20.88 4.16 -25.73
N GLY C 310 21.91 4.70 -26.39
CA GLY C 310 21.86 6.05 -26.96
C GLY C 310 23.02 6.85 -26.39
N LYS C 311 23.12 8.15 -26.68
CA LYS C 311 24.32 8.89 -26.23
C LYS C 311 24.24 9.38 -24.79
N GLY C 312 23.33 10.31 -24.52
CA GLY C 312 23.15 10.84 -23.17
C GLY C 312 22.53 9.88 -22.17
N ALA C 313 22.43 8.60 -22.54
CA ALA C 313 21.67 7.63 -21.77
C ALA C 313 22.29 7.26 -20.43
N VAL C 314 23.60 7.35 -20.34
CA VAL C 314 24.30 6.91 -19.13
C VAL C 314 24.76 8.09 -18.28
N LYS C 315 24.47 8.04 -16.99
CA LYS C 315 24.96 9.02 -16.02
C LYS C 315 25.78 8.31 -14.93
N GLY C 316 26.50 9.08 -14.13
CA GLY C 316 27.27 8.51 -13.04
C GLY C 316 28.73 8.38 -13.38
N GLY C 317 29.46 7.59 -12.59
CA GLY C 317 30.89 7.45 -12.80
C GLY C 317 31.67 8.58 -12.14
N GLU C 318 30.97 9.45 -11.44
CA GLU C 318 31.60 10.53 -10.69
C GLU C 318 32.13 10.04 -9.35
N GLY C 319 31.48 9.02 -8.80
CA GLY C 319 31.78 8.48 -7.48
C GLY C 319 31.10 7.15 -7.23
N ALA C 320 31.34 6.57 -6.04
CA ALA C 320 30.87 5.21 -5.71
C ALA C 320 31.35 4.24 -6.79
N ILE C 321 30.55 3.23 -7.11
CA ILE C 321 30.96 2.23 -8.10
C ILE C 321 29.84 1.96 -9.11
N TYR C 322 29.04 3.00 -9.37
CA TYR C 322 27.81 2.83 -10.14
C TYR C 322 27.67 3.72 -11.37
N LEU C 323 27.11 3.12 -12.41
CA LEU C 323 26.63 3.83 -13.59
C LEU C 323 25.10 3.64 -13.67
N TRP C 324 24.41 4.72 -14.00
CA TRP C 324 22.96 4.81 -13.98
C TRP C 324 22.42 5.04 -15.39
N ALA C 325 21.74 4.06 -15.96
CA ALA C 325 21.40 4.09 -17.38
C ALA C 325 19.89 4.00 -17.63
N LYS C 326 19.41 4.82 -18.57
CA LYS C 326 17.99 4.79 -18.95
C LYS C 326 17.72 3.84 -20.10
N LEU C 327 16.79 2.91 -19.89
CA LEU C 327 16.32 2.01 -20.94
C LEU C 327 15.40 2.77 -21.91
N PRO C 328 15.05 2.16 -23.05
CA PRO C 328 14.04 2.81 -23.92
C PRO C 328 12.70 2.98 -23.19
N ASP C 329 11.92 3.97 -23.59
CA ASP C 329 10.69 4.39 -22.88
C ASP C 329 9.68 3.27 -22.69
N LYS C 330 9.72 2.27 -23.55
CA LYS C 330 8.71 1.23 -23.55
C LYS C 330 9.03 0.17 -22.50
N TYR C 331 10.28 0.18 -22.04
CA TYR C 331 10.68 -0.80 -21.05
C TYR C 331 10.68 -0.18 -19.65
N MET C 332 9.48 0.15 -19.17
CA MET C 332 9.34 0.80 -17.88
C MET C 332 9.35 -0.24 -16.77
N ASP C 333 9.24 -1.50 -17.15
CA ASP C 333 9.29 -2.60 -16.22
C ASP C 333 10.72 -3.17 -16.18
N ASP C 334 11.53 -2.63 -15.29
CA ASP C 334 12.95 -2.96 -15.23
C ASP C 334 13.22 -4.42 -14.88
N PHE C 335 12.48 -4.94 -13.88
CA PHE C 335 12.67 -6.32 -13.42
C PHE C 335 12.57 -7.34 -14.54
N LYS C 336 11.69 -7.10 -15.50
CA LYS C 336 11.50 -8.08 -16.58
C LYS C 336 12.69 -8.04 -17.55
N VAL C 337 13.25 -6.85 -17.76
CA VAL C 337 14.44 -6.71 -18.59
C VAL C 337 15.64 -7.35 -17.89
N VAL C 338 15.65 -7.23 -16.57
CA VAL C 338 16.73 -7.79 -15.75
C VAL C 338 16.62 -9.31 -15.75
N HIS C 339 15.39 -9.81 -15.65
CA HIS C 339 15.16 -11.25 -15.71
C HIS C 339 15.60 -11.78 -17.08
N TRP C 340 15.36 -10.96 -18.10
CA TRP C 340 15.71 -11.33 -19.47
C TRP C 340 17.21 -11.17 -19.81
N LEU C 341 17.99 -10.61 -18.90
CA LEU C 341 19.41 -10.44 -19.19
C LEU C 341 20.19 -11.49 -18.43
N ALA C 342 19.58 -12.01 -17.37
CA ALA C 342 20.15 -13.15 -16.65
C ALA C 342 20.06 -14.39 -17.53
N LYS C 343 18.83 -14.72 -17.94
CA LYS C 343 18.56 -15.91 -18.76
C LYS C 343 19.41 -15.99 -20.02
N ARG C 344 19.48 -14.91 -20.78
CA ARG C 344 20.30 -14.88 -21.99
C ARG C 344 21.25 -13.69 -22.00
N VAL C 348 23.61 -10.01 -14.84
CA VAL C 348 22.58 -9.59 -13.90
C VAL C 348 22.75 -8.11 -13.52
N LEU C 349 21.73 -7.30 -13.78
CA LEU C 349 21.75 -5.89 -13.39
C LEU C 349 20.76 -5.61 -12.26
N ILE C 350 20.71 -4.35 -11.81
CA ILE C 350 19.76 -3.95 -10.78
C ILE C 350 18.69 -2.99 -11.33
N PRO C 351 17.40 -3.33 -11.17
CA PRO C 351 16.25 -2.53 -11.62
C PRO C 351 16.14 -1.16 -10.94
N GLY C 352 16.05 -0.10 -11.73
CA GLY C 352 15.97 1.25 -11.21
C GLY C 352 14.65 1.63 -10.54
N SER C 353 13.62 0.82 -10.75
CA SER C 353 12.33 1.10 -10.12
C SER C 353 12.44 1.07 -8.60
N SER C 354 13.31 0.20 -8.08
CA SER C 354 13.52 0.12 -6.64
C SER C 354 14.05 1.42 -6.05
N SER C 355 14.67 2.25 -6.88
CA SER C 355 15.21 3.51 -6.41
C SER C 355 14.29 4.66 -6.77
N GLY C 356 13.07 4.31 -7.16
CA GLY C 356 12.07 5.31 -7.48
C GLY C 356 12.02 5.70 -8.96
N CYS C 357 12.89 5.09 -9.76
CA CYS C 357 13.02 5.46 -11.17
C CYS C 357 12.84 4.29 -12.12
N PRO C 358 11.59 4.01 -12.49
CA PRO C 358 11.28 2.93 -13.45
C PRO C 358 11.83 3.26 -14.83
N GLY C 359 12.21 2.24 -15.60
CA GLY C 359 12.75 2.48 -16.92
C GLY C 359 14.26 2.56 -16.92
N TYR C 360 14.86 2.49 -15.73
CA TYR C 360 16.31 2.60 -15.58
C TYR C 360 16.94 1.33 -15.05
N VAL C 361 18.26 1.24 -15.13
CA VAL C 361 18.95 0.06 -14.61
C VAL C 361 20.32 0.46 -14.06
N ARG C 362 20.76 -0.25 -13.01
CA ARG C 362 22.02 0.11 -12.35
C ARG C 362 23.10 -0.90 -12.69
N VAL C 363 24.27 -0.38 -13.02
CA VAL C 363 25.42 -1.22 -13.37
C VAL C 363 26.58 -0.90 -12.44
N SER C 364 27.08 -1.93 -11.78
CA SER C 364 28.18 -1.78 -10.84
C SER C 364 29.48 -2.24 -11.45
N PHE C 365 30.49 -1.37 -11.42
CA PHE C 365 31.79 -1.69 -12.01
C PHE C 365 32.86 -1.92 -10.96
N GLY C 366 32.44 -2.02 -9.70
CA GLY C 366 33.39 -2.18 -8.60
C GLY C 366 33.61 -3.62 -8.15
N GLY C 367 32.80 -4.54 -8.67
CA GLY C 367 32.79 -5.88 -8.12
C GLY C 367 33.52 -6.94 -8.94
N LEU C 368 34.08 -6.53 -10.07
CA LEU C 368 34.73 -7.47 -10.97
C LEU C 368 36.17 -7.06 -11.29
N ILE C 369 37.01 -8.06 -11.57
CA ILE C 369 38.43 -7.88 -11.84
C ILE C 369 38.82 -8.13 -13.30
N GLU C 370 38.52 -7.18 -14.18
CA GLU C 370 38.79 -7.32 -15.62
C GLU C 370 38.15 -8.60 -16.21
N LYS C 371 37.19 -9.17 -15.47
CA LYS C 371 36.21 -10.12 -16.00
C LYS C 371 35.04 -9.26 -16.44
N ASP C 372 35.23 -7.98 -16.18
CA ASP C 372 34.34 -6.92 -16.59
C ASP C 372 34.37 -6.73 -18.10
N CYS C 373 35.39 -7.28 -18.77
CA CYS C 373 35.46 -7.18 -20.22
C CYS C 373 34.61 -8.28 -20.81
N ARG C 374 34.37 -9.33 -20.02
CA ARG C 374 33.44 -10.37 -20.38
C ARG C 374 32.03 -9.88 -20.08
N ALA C 375 31.95 -8.85 -19.24
CA ALA C 375 30.68 -8.21 -18.90
C ALA C 375 30.18 -7.42 -20.10
N ALA C 376 31.07 -7.15 -21.04
CA ALA C 376 30.69 -6.55 -22.32
C ALA C 376 29.94 -7.58 -23.18
N ALA C 377 29.56 -8.70 -22.57
CA ALA C 377 28.60 -9.61 -23.17
C ALA C 377 27.21 -9.09 -22.85
N GLU C 378 27.15 -7.79 -22.54
CA GLU C 378 25.91 -7.12 -22.21
C GLU C 378 25.54 -6.24 -23.38
N ARG C 379 25.28 -6.85 -24.53
CA ARG C 379 24.89 -6.08 -25.70
C ARG C 379 23.38 -6.12 -25.82
N LEU C 380 22.77 -5.12 -25.18
CA LEU C 380 21.32 -4.96 -25.12
C LEU C 380 20.71 -4.80 -26.50
N LEU D 13 14.20 17.02 18.74
CA LEU D 13 14.17 15.57 18.90
C LEU D 13 12.75 14.99 18.87
N THR D 14 12.70 13.67 18.70
CA THR D 14 11.47 12.93 18.44
C THR D 14 10.68 12.51 19.68
N ASP D 15 9.35 12.50 19.55
CA ASP D 15 8.45 12.09 20.61
C ASP D 15 8.71 10.66 21.09
N THR D 16 8.81 9.74 20.13
CA THR D 16 8.91 8.31 20.46
C THR D 16 10.11 7.91 21.35
N PRO D 17 11.33 8.46 21.12
CA PRO D 17 12.41 8.05 22.00
C PRO D 17 12.69 8.94 23.22
N VAL D 18 12.32 10.22 23.15
CA VAL D 18 12.55 11.14 24.26
C VAL D 18 11.81 10.65 25.49
N MET D 19 10.66 10.02 25.29
CA MET D 19 9.89 9.47 26.38
C MET D 19 10.08 7.95 26.51
N VAL D 20 11.19 7.44 25.98
CA VAL D 20 11.57 6.02 26.17
C VAL D 20 12.47 6.02 27.40
N GLN D 21 12.32 5.03 28.29
CA GLN D 21 13.06 4.99 29.55
C GLN D 21 14.55 4.78 29.29
N ILE D 22 15.35 5.30 30.22
CA ILE D 22 16.80 5.20 30.12
C ILE D 22 17.27 3.76 30.27
N CYS D 32 35.97 -2.09 43.20
CA CYS D 32 34.58 -2.49 43.21
C CYS D 32 34.35 -3.84 42.49
N ILE D 33 33.74 -4.79 43.19
CA ILE D 33 33.31 -6.04 42.58
C ILE D 33 31.91 -5.85 41.99
N SER D 34 31.66 -6.41 40.81
CA SER D 34 30.37 -6.19 40.14
C SER D 34 29.43 -7.39 40.21
N LEU D 35 28.16 -7.12 40.56
CA LEU D 35 27.11 -8.14 40.49
C LEU D 35 25.94 -7.67 39.63
N ALA D 36 26.24 -6.87 38.60
CA ALA D 36 25.22 -6.10 37.88
C ALA D 36 24.76 -6.75 36.57
N GLN D 37 25.42 -6.42 35.47
CA GLN D 37 25.08 -6.95 34.15
C GLN D 37 25.13 -8.47 34.17
N GLY D 38 24.12 -9.10 33.60
CA GLY D 38 24.01 -10.55 33.61
C GLY D 38 24.85 -11.25 32.56
N VAL D 39 26.04 -11.69 32.94
CA VAL D 39 26.93 -12.42 32.03
C VAL D 39 27.45 -13.71 32.65
N VAL D 40 28.18 -14.50 31.86
CA VAL D 40 28.90 -15.67 32.37
C VAL D 40 30.40 -15.39 32.39
N TYR D 41 31.16 -16.14 33.17
CA TYR D 41 32.60 -15.89 33.26
C TYR D 41 33.40 -16.67 32.22
N TRP D 42 32.78 -17.68 31.62
CA TRP D 42 33.53 -18.52 30.69
C TRP D 42 33.49 -18.01 29.25
N GLN D 43 34.59 -18.25 28.54
CA GLN D 43 34.72 -17.91 27.14
C GLN D 43 34.09 -19.00 26.27
N PRO D 44 33.94 -18.74 24.95
CA PRO D 44 33.42 -19.80 24.07
C PRO D 44 34.36 -21.00 24.01
N PRO D 45 33.89 -22.14 23.50
CA PRO D 45 34.75 -23.33 23.47
C PRO D 45 36.05 -23.08 22.72
N ALA D 46 37.15 -23.46 23.34
CA ALA D 46 38.47 -23.27 22.75
C ALA D 46 38.55 -23.99 21.41
N GLN D 47 37.88 -25.13 21.32
CA GLN D 47 37.97 -25.95 20.11
C GLN D 47 37.16 -25.29 18.98
N ALA D 48 36.10 -24.55 19.34
CA ALA D 48 35.31 -23.80 18.36
C ALA D 48 36.07 -22.55 17.94
N LEU D 49 36.72 -21.91 18.90
CA LEU D 49 37.58 -20.76 18.61
C LEU D 49 38.73 -21.20 17.72
N GLU D 50 39.18 -22.44 17.91
CA GLU D 50 40.28 -23.00 17.11
C GLU D 50 39.89 -23.17 15.64
N LYS D 51 38.66 -23.61 15.38
CA LYS D 51 38.14 -23.77 14.02
C LYS D 51 38.00 -22.42 13.31
N VAL D 52 37.56 -21.41 14.05
CA VAL D 52 37.43 -20.05 13.53
C VAL D 52 38.79 -19.51 13.10
N LYS D 53 39.82 -19.81 13.89
CA LYS D 53 41.16 -19.35 13.58
C LYS D 53 41.56 -19.80 12.18
N GLU D 54 41.10 -20.98 11.79
CA GLU D 54 41.51 -21.62 10.54
C GLU D 54 40.76 -21.12 9.27
N ILE D 55 39.65 -20.40 9.44
CA ILE D 55 38.82 -19.95 8.29
C ILE D 55 38.81 -18.45 8.03
N ILE D 56 39.54 -17.67 8.81
CA ILE D 56 39.47 -16.21 8.68
C ILE D 56 39.80 -15.66 7.29
N TRP D 57 40.56 -16.43 6.51
CA TRP D 57 40.99 -15.95 5.19
C TRP D 57 40.03 -16.35 4.08
N GLU D 58 39.04 -17.18 4.39
CA GLU D 58 38.04 -17.53 3.39
C GLU D 58 37.36 -16.22 2.99
N PRO D 59 37.19 -16.00 1.67
CA PRO D 59 36.58 -14.74 1.22
C PRO D 59 35.13 -14.60 1.67
N SER D 60 34.44 -15.73 1.82
CA SER D 60 33.06 -15.76 2.29
C SER D 60 32.89 -15.15 3.68
N VAL D 61 33.94 -15.22 4.48
CA VAL D 61 33.89 -14.71 5.84
C VAL D 61 33.81 -13.19 5.80
N SER D 62 34.35 -12.57 4.74
CA SER D 62 34.34 -11.12 4.63
C SER D 62 33.20 -10.54 3.74
N ARG D 63 32.49 -11.42 3.04
CA ARG D 63 31.38 -11.04 2.16
C ARG D 63 30.03 -11.03 2.89
N TYR D 64 29.05 -10.32 2.33
CA TYR D 64 27.69 -10.40 2.86
C TYR D 64 27.25 -11.85 2.80
N GLY D 65 26.55 -12.31 3.83
CA GLY D 65 25.92 -13.60 3.79
C GLY D 65 24.43 -13.37 3.63
N ALA D 66 23.70 -14.46 3.38
CA ALA D 66 22.26 -14.41 3.33
C ALA D 66 21.66 -13.73 4.56
N ASP D 67 20.64 -12.91 4.35
CA ASP D 67 20.00 -12.21 5.45
C ASP D 67 19.52 -13.16 6.54
N GLU D 68 18.98 -14.30 6.13
CA GLU D 68 18.42 -15.27 7.08
C GLU D 68 19.48 -16.00 7.88
N GLY D 69 20.75 -15.82 7.51
CA GLY D 69 21.85 -16.44 8.22
C GLY D 69 22.54 -17.52 7.41
N LEU D 70 23.74 -17.88 7.86
CA LEU D 70 24.49 -18.97 7.26
C LEU D 70 23.64 -20.23 7.17
N PRO D 71 23.52 -20.80 5.96
CA PRO D 71 22.70 -22.00 5.74
C PRO D 71 23.08 -23.16 6.66
N GLU D 72 24.38 -23.38 6.86
CA GLU D 72 24.81 -24.44 7.76
C GLU D 72 24.37 -24.18 9.20
N LEU D 73 24.37 -22.92 9.59
CA LEU D 73 23.97 -22.55 10.95
C LEU D 73 22.49 -22.74 11.17
N ARG D 74 21.70 -22.29 10.20
CA ARG D 74 20.25 -22.46 10.25
C ARG D 74 19.90 -23.94 10.36
N GLU D 75 20.62 -24.77 9.61
CA GLU D 75 20.36 -26.20 9.62
C GLU D 75 20.73 -26.84 10.97
N ALA D 76 21.88 -26.45 11.52
CA ALA D 76 22.26 -26.94 12.84
C ALA D 76 21.20 -26.52 13.87
N LEU D 77 20.69 -25.30 13.71
CA LEU D 77 19.67 -24.77 14.63
C LEU D 77 18.33 -25.46 14.45
N MET D 78 18.02 -25.86 13.21
CA MET D 78 16.81 -26.63 12.92
C MET D 78 16.84 -27.94 13.68
N GLN D 79 17.98 -28.63 13.62
CA GLN D 79 18.15 -29.91 14.31
C GLN D 79 18.12 -29.73 15.82
N LYS D 80 18.74 -28.67 16.30
CA LYS D 80 18.75 -28.37 17.72
C LYS D 80 17.32 -28.12 18.22
N LEU D 81 16.55 -27.32 17.48
CA LEU D 81 15.17 -27.02 17.87
C LEU D 81 14.31 -28.27 17.95
N GLY D 82 14.52 -29.20 17.03
CA GLY D 82 13.76 -30.44 17.03
C GLY D 82 14.09 -31.40 18.15
N HIS D 83 15.37 -31.68 18.33
CA HIS D 83 15.82 -32.73 19.23
C HIS D 83 16.00 -32.27 20.68
N GLU D 84 16.32 -30.99 20.86
CA GLU D 84 16.50 -30.46 22.21
C GLU D 84 15.24 -29.76 22.73
N ASN D 85 14.57 -29.02 21.86
CA ASN D 85 13.42 -28.19 22.27
C ASN D 85 12.08 -28.77 21.82
N ASN D 86 12.14 -29.85 21.03
CA ASN D 86 10.96 -30.50 20.51
C ASN D 86 10.11 -29.56 19.66
N LEU D 87 10.77 -28.80 18.78
CA LEU D 87 10.09 -27.93 17.83
C LEU D 87 10.29 -28.45 16.40
N HIS D 88 9.23 -28.52 15.61
CA HIS D 88 9.32 -29.08 14.27
C HIS D 88 8.58 -28.26 13.23
N LYS D 89 7.93 -27.20 13.68
CA LYS D 89 7.16 -26.35 12.77
C LYS D 89 7.70 -24.93 12.73
N SER D 90 8.96 -24.76 13.12
CA SER D 90 9.56 -23.43 13.18
C SER D 90 10.69 -23.26 12.18
N SER D 91 10.78 -22.07 11.58
CA SER D 91 11.91 -21.72 10.73
C SER D 91 12.85 -20.81 11.50
N VAL D 92 14.11 -20.73 11.06
CA VAL D 92 15.11 -19.98 11.80
C VAL D 92 15.65 -18.78 11.03
N MET D 93 15.80 -17.67 11.75
CA MET D 93 16.49 -16.54 11.22
C MET D 93 17.56 -16.14 12.20
N VAL D 94 18.81 -16.17 11.74
CA VAL D 94 19.92 -15.78 12.58
C VAL D 94 19.97 -14.27 12.63
N THR D 95 20.14 -13.74 13.84
CA THR D 95 20.14 -12.31 14.07
C THR D 95 21.42 -11.87 14.74
N ALA D 96 21.70 -10.58 14.69
CA ALA D 96 22.86 -10.03 15.38
C ALA D 96 22.51 -9.77 16.83
N GLY D 97 22.24 -10.84 17.57
CA GLY D 97 21.82 -10.75 18.95
C GLY D 97 20.34 -11.04 19.15
N ALA D 98 19.98 -11.43 20.38
CA ALA D 98 18.59 -11.66 20.76
C ALA D 98 17.85 -10.33 20.95
N ASN D 99 18.60 -9.26 21.24
CA ASN D 99 18.00 -7.93 21.38
C ASN D 99 17.52 -7.38 20.04
N GLN D 100 18.32 -7.57 19.00
CA GLN D 100 17.92 -7.17 17.66
C GLN D 100 16.85 -8.13 17.13
N ALA D 101 16.90 -9.39 17.54
CA ALA D 101 15.88 -10.35 17.16
C ALA D 101 14.51 -9.91 17.70
N PHE D 102 14.50 -9.39 18.92
CA PHE D 102 13.24 -8.95 19.55
C PHE D 102 12.71 -7.70 18.83
N VAL D 103 13.60 -6.83 18.41
CA VAL D 103 13.21 -5.65 17.63
C VAL D 103 12.55 -6.05 16.30
N ASN D 104 13.14 -7.03 15.61
CA ASN D 104 12.52 -7.60 14.41
C ASN D 104 11.08 -8.03 14.63
N VAL D 105 10.83 -8.69 15.75
CA VAL D 105 9.49 -9.22 16.01
C VAL D 105 8.49 -8.10 16.32
N VAL D 106 8.91 -7.11 17.10
CA VAL D 106 8.07 -5.97 17.44
C VAL D 106 7.65 -5.19 16.18
N LEU D 107 8.61 -4.92 15.31
CA LEU D 107 8.36 -4.17 14.08
C LEU D 107 7.49 -4.95 13.10
N THR D 108 7.46 -6.27 13.26
CA THR D 108 6.70 -7.16 12.38
C THR D 108 5.31 -7.49 12.96
N LEU D 109 5.20 -7.53 14.28
CA LEU D 109 3.96 -7.94 14.91
C LEU D 109 3.21 -6.80 15.61
N CYS D 110 3.84 -5.64 15.74
CA CYS D 110 3.19 -4.49 16.38
C CYS D 110 3.15 -3.22 15.53
N ASP D 111 2.00 -2.55 15.53
CA ASP D 111 1.89 -1.21 14.97
C ASP D 111 2.07 -0.19 16.08
N ALA D 112 2.57 0.99 15.72
CA ALA D 112 2.57 2.10 16.66
C ALA D 112 1.12 2.34 17.08
N GLY D 113 0.91 2.58 18.36
CA GLY D 113 -0.42 2.79 18.90
C GLY D 113 -1.11 1.53 19.35
N ASP D 114 -0.54 0.37 19.01
CA ASP D 114 -1.07 -0.90 19.50
C ASP D 114 -0.73 -1.10 20.98
N SER D 115 -1.40 -2.06 21.62
CA SER D 115 -1.11 -2.37 23.01
C SER D 115 -0.44 -3.72 23.17
N VAL D 116 0.41 -3.83 24.19
CA VAL D 116 1.10 -5.09 24.47
C VAL D 116 1.11 -5.42 25.95
N VAL D 117 1.34 -6.70 26.25
CA VAL D 117 1.34 -7.17 27.63
C VAL D 117 2.67 -7.81 28.02
N MET D 118 3.24 -7.33 29.12
CA MET D 118 4.41 -7.95 29.74
C MET D 118 4.03 -8.36 31.15
N PHE D 119 4.92 -9.06 31.86
CA PHE D 119 4.65 -9.45 33.24
C PHE D 119 5.75 -8.94 34.17
N ALA D 120 5.35 -8.52 35.36
CA ALA D 120 6.29 -7.95 36.32
C ALA D 120 6.94 -9.03 37.20
N PRO D 121 8.25 -8.88 37.48
CA PRO D 121 9.12 -7.84 36.90
C PRO D 121 9.45 -8.15 35.45
N TYR D 122 9.54 -7.13 34.59
CA TYR D 122 9.70 -7.36 33.17
C TYR D 122 11.14 -7.16 32.69
N TYR D 123 11.45 -7.74 31.53
CA TYR D 123 12.76 -7.58 30.95
C TYR D 123 12.90 -6.16 30.40
N PHE D 124 13.82 -5.41 31.01
CA PHE D 124 13.98 -3.98 30.76
C PHE D 124 14.08 -3.57 29.28
N ASN D 125 14.95 -4.24 28.53
CA ASN D 125 15.16 -3.88 27.13
C ASN D 125 13.94 -4.12 26.24
N ALA D 126 13.13 -5.11 26.60
CA ALA D 126 11.89 -5.38 25.87
C ALA D 126 10.92 -4.21 26.04
N HIS D 127 10.90 -3.66 27.25
CA HIS D 127 10.04 -2.53 27.56
C HIS D 127 10.42 -1.33 26.72
N MET D 128 11.70 -0.99 26.71
CA MET D 128 12.20 0.13 25.93
C MET D 128 11.99 -0.09 24.43
N SER D 129 12.14 -1.33 23.98
CA SER D 129 12.03 -1.62 22.56
C SER D 129 10.62 -1.39 22.05
N PHE D 130 9.62 -1.73 22.87
CA PHE D 130 8.24 -1.37 22.55
C PHE D 130 8.11 0.13 22.37
N GLN D 131 8.48 0.89 23.40
CA GLN D 131 8.37 2.35 23.39
C GLN D 131 9.08 2.97 22.19
N MET D 132 10.26 2.44 21.90
CA MET D 132 11.15 2.94 20.87
C MET D 132 10.51 2.88 19.49
N THR D 133 9.61 1.92 19.29
CA THR D 133 8.94 1.74 18.01
C THR D 133 7.52 2.29 18.02
N GLY D 134 7.22 3.13 19.01
CA GLY D 134 5.93 3.80 19.09
C GLY D 134 4.80 2.95 19.66
N VAL D 135 5.17 1.84 20.29
CA VAL D 135 4.21 1.04 21.04
C VAL D 135 4.36 1.40 22.51
N THR D 136 3.56 2.33 22.98
CA THR D 136 3.77 2.86 24.32
C THR D 136 2.72 2.36 25.31
N ASP D 137 1.63 1.78 24.80
CA ASP D 137 0.60 1.24 25.68
C ASP D 137 0.93 -0.18 26.12
N ILE D 138 1.83 -0.28 27.10
CA ILE D 138 2.32 -1.58 27.55
C ILE D 138 1.63 -1.95 28.86
N LEU D 139 0.77 -2.97 28.80
CA LEU D 139 0.04 -3.39 29.99
C LEU D 139 0.87 -4.40 30.79
N VAL D 140 1.36 -3.97 31.95
CA VAL D 140 2.24 -4.81 32.77
C VAL D 140 1.47 -5.55 33.86
N GLY D 141 1.31 -6.86 33.67
CA GLY D 141 0.58 -7.68 34.61
C GLY D 141 1.39 -8.15 35.79
N PRO D 142 0.70 -8.57 36.86
CA PRO D 142 1.35 -9.06 38.07
C PRO D 142 1.71 -10.53 37.95
N GLY D 143 2.68 -10.95 38.76
CA GLY D 143 3.00 -12.36 38.89
C GLY D 143 2.48 -12.87 40.22
N ASP D 144 2.31 -14.19 40.32
CA ASP D 144 1.95 -14.82 41.58
C ASP D 144 2.87 -14.27 42.67
N PRO D 145 2.26 -13.72 43.74
CA PRO D 145 2.98 -13.03 44.82
C PRO D 145 4.03 -13.90 45.52
N LYS D 146 3.81 -15.21 45.49
CA LYS D 146 4.69 -16.14 46.19
C LYS D 146 5.81 -16.71 45.31
N THR D 147 5.52 -16.92 44.03
CA THR D 147 6.49 -17.53 43.11
C THR D 147 6.96 -16.60 41.97
N LEU D 148 6.37 -15.41 41.89
CA LEU D 148 6.63 -14.42 40.84
C LEU D 148 6.31 -14.91 39.43
N HIS D 149 5.71 -16.09 39.32
CA HIS D 149 5.25 -16.60 38.03
C HIS D 149 4.05 -15.79 37.56
N PRO D 150 4.09 -15.35 36.28
CA PRO D 150 3.04 -14.55 35.64
C PRO D 150 1.62 -15.06 35.90
N ASP D 151 0.74 -14.16 36.33
CA ASP D 151 -0.65 -14.50 36.63
C ASP D 151 -1.43 -14.73 35.34
N ALA D 152 -1.73 -15.99 35.04
CA ALA D 152 -2.47 -16.36 33.83
C ALA D 152 -3.94 -15.95 33.90
N ASP D 153 -4.48 -15.85 35.12
CA ASP D 153 -5.86 -15.40 35.30
C ASP D 153 -5.99 -13.93 34.94
N TRP D 154 -5.02 -13.12 35.40
CA TRP D 154 -5.00 -11.70 35.08
C TRP D 154 -4.93 -11.49 33.58
N LEU D 155 -4.09 -12.26 32.89
CA LEU D 155 -3.91 -12.12 31.45
C LEU D 155 -5.19 -12.47 30.70
N GLU D 156 -5.78 -13.61 31.06
CA GLU D 156 -6.98 -14.10 30.38
C GLU D 156 -8.13 -13.10 30.51
N SER D 157 -8.24 -12.49 31.69
CA SER D 157 -9.27 -11.50 31.94
C SER D 157 -8.93 -10.19 31.21
N THR D 158 -7.64 -9.85 31.18
CA THR D 158 -7.18 -8.64 30.52
C THR D 158 -7.42 -8.69 29.01
N LEU D 159 -7.16 -9.84 28.40
CA LEU D 159 -7.35 -10.00 26.96
C LEU D 159 -8.83 -9.95 26.59
N LYS D 160 -9.67 -10.49 27.47
CA LYS D 160 -11.11 -10.46 27.28
C LYS D 160 -11.66 -9.05 27.46
N ASN D 161 -11.05 -8.30 28.37
CA ASN D 161 -11.57 -7.00 28.78
C ASN D 161 -10.80 -5.79 28.25
N THR D 162 -9.69 -6.02 27.55
CA THR D 162 -9.00 -4.90 26.91
C THR D 162 -9.47 -4.72 25.48
N VAL D 163 -9.92 -3.52 25.17
CA VAL D 163 -10.39 -3.17 23.84
C VAL D 163 -9.63 -1.94 23.31
N PRO D 164 -8.99 -2.07 22.14
CA PRO D 164 -8.93 -3.32 21.36
C PRO D 164 -7.93 -4.32 21.95
N THR D 165 -8.09 -5.59 21.57
CA THR D 165 -7.24 -6.66 22.08
C THR D 165 -5.77 -6.37 21.81
N PRO D 166 -4.93 -6.50 22.85
CA PRO D 166 -3.47 -6.40 22.69
C PRO D 166 -2.96 -7.35 21.60
N LYS D 167 -1.95 -6.91 20.84
CA LYS D 167 -1.46 -7.72 19.70
C LYS D 167 -0.51 -8.84 20.15
N LEU D 168 0.33 -8.61 21.14
CA LEU D 168 1.19 -9.74 21.59
C LEU D 168 1.52 -9.66 23.07
N VAL D 169 1.84 -10.82 23.63
CA VAL D 169 2.28 -10.96 25.01
C VAL D 169 3.72 -11.46 25.05
N THR D 170 4.56 -10.82 25.87
CA THR D 170 5.97 -11.20 26.02
C THR D 170 6.29 -11.80 27.39
N VAL D 171 6.96 -12.95 27.39
CA VAL D 171 7.48 -13.56 28.61
C VAL D 171 8.93 -14.02 28.42
N VAL D 172 9.67 -14.13 29.51
CA VAL D 172 11.05 -14.61 29.47
C VAL D 172 11.18 -15.88 30.32
N ASN D 173 11.58 -16.99 29.69
CA ASN D 173 11.63 -18.28 30.38
C ASN D 173 12.96 -19.02 30.22
N PRO D 174 13.76 -19.12 31.31
CA PRO D 174 13.52 -18.59 32.65
C PRO D 174 13.75 -17.10 32.72
N GLY D 175 13.30 -16.49 33.81
CA GLY D 175 13.11 -15.06 33.86
C GLY D 175 14.30 -14.15 34.06
N ASN D 176 14.26 -13.04 33.36
CA ASN D 176 15.11 -11.89 33.65
C ASN D 176 14.14 -10.75 33.91
N PRO D 177 14.20 -10.13 35.10
CA PRO D 177 15.14 -10.28 36.20
C PRO D 177 14.72 -11.24 37.34
N SER D 178 13.60 -11.94 37.21
CA SER D 178 13.05 -12.67 38.35
C SER D 178 13.93 -13.85 38.77
N GLY D 179 14.57 -14.49 37.79
CA GLY D 179 15.35 -15.68 38.04
C GLY D 179 14.46 -16.88 38.30
N THR D 180 13.19 -16.73 37.90
CA THR D 180 12.19 -17.80 38.04
C THR D 180 11.78 -18.28 36.66
N TYR D 181 11.32 -19.52 36.56
CA TYR D 181 10.92 -20.06 35.27
C TYR D 181 9.42 -20.23 35.15
N ILE D 182 8.97 -20.54 33.95
CA ILE D 182 7.56 -20.78 33.67
C ILE D 182 7.33 -22.26 33.41
N PRO D 183 6.66 -22.95 34.36
CA PRO D 183 6.36 -24.38 34.28
C PRO D 183 5.66 -24.74 32.98
N GLU D 184 5.86 -25.96 32.50
CA GLU D 184 5.29 -26.41 31.23
C GLU D 184 3.77 -26.22 31.20
N SER D 185 3.11 -26.50 32.31
CA SER D 185 1.66 -26.34 32.39
C SER D 185 1.24 -24.89 32.18
N LEU D 186 1.91 -23.99 32.90
CA LEU D 186 1.65 -22.55 32.84
C LEU D 186 1.92 -21.99 31.46
N LEU D 187 3.02 -22.42 30.87
CA LEU D 187 3.44 -21.97 29.56
C LEU D 187 2.37 -22.28 28.50
N LYS D 188 1.81 -23.48 28.56
CA LYS D 188 0.76 -23.89 27.64
C LYS D 188 -0.56 -23.16 27.87
N ARG D 189 -0.82 -22.77 29.12
CA ARG D 189 -2.07 -22.07 29.43
C ARG D 189 -2.06 -20.66 28.87
N ILE D 190 -0.94 -19.97 29.06
CA ILE D 190 -0.76 -18.64 28.48
C ILE D 190 -0.89 -18.73 26.97
N SER D 191 -0.32 -19.79 26.40
CA SER D 191 -0.41 -20.03 24.96
C SER D 191 -1.85 -20.23 24.52
N ASP D 192 -2.62 -20.99 25.30
CA ASP D 192 -4.02 -21.25 24.99
C ASP D 192 -4.86 -19.98 25.12
N ILE D 193 -4.59 -19.22 26.17
CA ILE D 193 -5.26 -17.94 26.38
C ILE D 193 -5.03 -17.00 25.20
N CYS D 194 -3.77 -16.90 24.76
CA CYS D 194 -3.42 -16.07 23.61
C CYS D 194 -4.04 -16.56 22.29
N LYS D 195 -4.26 -17.87 22.16
CA LYS D 195 -4.81 -18.41 20.91
C LYS D 195 -6.27 -18.03 20.66
N LYS D 196 -7.12 -18.13 21.67
CA LYS D 196 -8.52 -17.74 21.51
C LYS D 196 -8.64 -16.24 21.27
N ALA D 197 -7.83 -15.47 21.99
CA ALA D 197 -7.85 -14.02 21.91
C ALA D 197 -7.26 -13.51 20.59
N GLY D 198 -6.49 -14.36 19.92
CA GLY D 198 -5.96 -14.05 18.61
C GLY D 198 -4.77 -13.11 18.65
N CYS D 199 -3.95 -13.23 19.69
CA CYS D 199 -2.77 -12.39 19.82
C CYS D 199 -1.49 -13.24 19.82
N TRP D 200 -0.34 -12.57 19.69
CA TRP D 200 0.94 -13.29 19.65
C TRP D 200 1.51 -13.56 21.04
N LEU D 201 2.22 -14.67 21.16
CA LEU D 201 3.00 -14.97 22.36
C LEU D 201 4.47 -14.99 21.99
N VAL D 202 5.25 -14.12 22.63
CA VAL D 202 6.68 -14.02 22.33
C VAL D 202 7.51 -14.45 23.54
N ILE D 203 8.21 -15.57 23.38
CA ILE D 203 8.96 -16.19 24.48
C ILE D 203 10.46 -16.10 24.27
N ASP D 204 11.14 -15.44 25.22
CA ASP D 204 12.59 -15.26 25.14
C ASP D 204 13.28 -16.38 25.90
N ASN D 205 13.98 -17.24 25.16
CA ASN D 205 14.65 -18.41 25.73
C ASN D 205 16.16 -18.21 25.87
N THR D 206 16.59 -16.98 26.11
CA THR D 206 18.00 -16.66 26.27
C THR D 206 18.69 -17.53 27.32
N TYR D 207 17.96 -17.91 28.37
CA TYR D 207 18.54 -18.68 29.46
C TYR D 207 18.04 -20.12 29.57
N GLU D 208 17.67 -20.73 28.46
CA GLU D 208 17.12 -22.09 28.49
C GLU D 208 18.07 -23.12 29.11
N TYR D 209 19.38 -22.90 28.98
CA TYR D 209 20.36 -23.86 29.48
C TYR D 209 20.71 -23.62 30.95
N PHE D 210 20.11 -22.60 31.55
CA PHE D 210 20.39 -22.22 32.93
C PHE D 210 19.22 -22.57 33.84
N MET D 211 19.13 -23.85 34.21
CA MET D 211 18.08 -24.33 35.09
C MET D 211 18.70 -24.95 36.35
N TYR D 212 17.99 -24.88 37.48
CA TYR D 212 18.53 -25.40 38.74
C TYR D 212 17.54 -26.32 39.45
N ASP D 213 18.08 -27.17 40.33
CA ASP D 213 17.28 -28.09 41.14
C ASP D 213 16.41 -28.98 40.27
N ASN D 214 16.97 -29.37 39.13
CA ASN D 214 16.31 -30.26 38.15
C ASN D 214 14.97 -29.71 37.64
N ARG D 215 14.81 -28.39 37.67
CA ARG D 215 13.65 -27.76 37.07
C ARG D 215 13.75 -27.85 35.54
N LYS D 216 12.62 -28.08 34.88
CA LYS D 216 12.63 -28.35 33.44
C LYS D 216 12.25 -27.14 32.59
N HIS D 217 13.17 -26.70 31.75
CA HIS D 217 12.83 -25.75 30.70
C HIS D 217 12.21 -26.52 29.56
N VAL D 218 11.12 -25.99 29.00
CA VAL D 218 10.45 -26.63 27.87
C VAL D 218 10.13 -25.57 26.82
N CYS D 219 10.13 -25.96 25.56
CA CYS D 219 9.73 -25.05 24.50
C CYS D 219 8.44 -25.54 23.88
N ILE D 220 7.58 -24.60 23.52
CA ILE D 220 6.33 -24.93 22.84
C ILE D 220 6.21 -24.11 21.56
N GLU D 221 5.42 -24.59 20.62
CA GLU D 221 5.29 -23.90 19.34
C GLU D 221 3.85 -23.87 18.86
N ALA D 222 3.57 -22.90 18.00
CA ALA D 222 2.25 -22.71 17.41
C ALA D 222 2.33 -21.56 16.42
N ASN D 223 1.29 -21.41 15.61
CA ASN D 223 1.26 -20.33 14.62
C ASN D 223 1.05 -18.96 15.27
N HIS D 224 0.90 -18.95 16.59
CA HIS D 224 0.79 -17.69 17.34
C HIS D 224 1.94 -17.54 18.35
N ILE D 225 2.94 -18.42 18.25
CA ILE D 225 4.10 -18.35 19.13
C ILE D 225 5.40 -18.07 18.36
N VAL D 226 6.18 -17.12 18.84
CA VAL D 226 7.51 -16.89 18.30
C VAL D 226 8.54 -17.02 19.42
N ASN D 227 9.53 -17.90 19.22
CA ASN D 227 10.59 -18.06 20.20
C ASN D 227 11.89 -17.38 19.79
N ILE D 228 12.55 -16.77 20.78
CA ILE D 228 13.80 -16.06 20.56
C ILE D 228 14.90 -16.69 21.41
N PHE D 229 16.08 -16.85 20.82
CA PHE D 229 17.20 -17.47 21.50
C PHE D 229 18.47 -16.63 21.36
N SER D 230 19.45 -16.93 22.20
CA SER D 230 20.73 -16.25 22.13
C SER D 230 21.89 -17.20 22.41
N PHE D 231 23.03 -16.91 21.79
CA PHE D 231 24.25 -17.66 22.03
C PHE D 231 25.08 -16.97 23.12
N SER D 232 24.66 -15.76 23.48
CA SER D 232 25.48 -14.86 24.30
C SER D 232 25.84 -15.38 25.69
N1 LLP D 233 17.15 -11.32 26.44
C2 LLP D 233 17.39 -11.56 27.77
C2' LLP D 233 16.26 -12.05 28.69
C3 LLP D 233 18.68 -11.38 28.30
O3 LLP D 233 18.90 -11.64 29.67
C4 LLP D 233 19.72 -10.95 27.50
C4' LLP D 233 21.17 -10.75 28.08
C5 LLP D 233 19.46 -10.71 26.16
C6 LLP D 233 18.18 -10.89 25.63
C5' LLP D 233 20.55 -10.25 25.29
OP4 LLP D 233 20.71 -11.23 24.23
P LLP D 233 21.86 -10.92 23.13
OP1 LLP D 233 21.88 -12.11 22.18
OP2 LLP D 233 21.56 -9.62 22.40
OP3 LLP D 233 23.22 -10.73 23.83
N LLP D 233 24.87 -15.98 26.39
CA LLP D 233 25.09 -16.40 27.74
CB LLP D 233 23.83 -16.12 28.53
CG LLP D 233 23.88 -14.64 29.02
CD LLP D 233 22.70 -13.84 28.41
CE LLP D 233 22.83 -12.39 28.71
NZ LLP D 233 21.50 -11.85 28.98
C LLP D 233 25.49 -17.87 27.80
O LLP D 233 26.42 -18.23 28.57
N ALA D 234 24.84 -18.71 27.01
CA ALA D 234 25.15 -20.14 26.99
C ALA D 234 26.61 -20.39 26.61
N TYR D 235 27.08 -19.74 25.56
CA TYR D 235 28.42 -20.00 25.06
C TYR D 235 29.39 -18.86 25.29
N GLY D 236 29.00 -17.93 26.18
CA GLY D 236 29.84 -16.80 26.52
C GLY D 236 30.23 -15.95 25.33
N MET D 237 29.37 -15.96 24.30
CA MET D 237 29.63 -15.24 23.06
C MET D 237 29.01 -13.86 23.04
N MET D 238 28.94 -13.20 24.20
CA MET D 238 28.26 -11.91 24.29
C MET D 238 28.77 -10.88 23.27
N GLY D 239 30.08 -10.70 23.22
CA GLY D 239 30.65 -9.71 22.31
C GLY D 239 30.59 -10.07 20.83
N TRP D 240 30.19 -11.29 20.51
CA TRP D 240 30.21 -11.74 19.12
C TRP D 240 28.86 -11.45 18.45
N ARG D 241 27.82 -11.33 19.28
CA ARG D 241 26.49 -10.85 18.85
C ARG D 241 25.80 -11.80 17.86
N VAL D 242 25.33 -12.95 18.36
CA VAL D 242 24.54 -13.88 17.58
C VAL D 242 23.35 -14.39 18.39
N GLY D 243 22.18 -14.38 17.77
CA GLY D 243 20.97 -14.91 18.38
C GLY D 243 20.11 -15.42 17.24
N TYR D 244 18.94 -15.97 17.53
CA TYR D 244 18.06 -16.34 16.42
C TYR D 244 16.57 -16.36 16.76
N ILE D 245 15.76 -16.28 15.71
CA ILE D 245 14.31 -16.36 15.82
C ILE D 245 13.80 -17.68 15.25
N ALA D 246 13.05 -18.41 16.05
CA ALA D 246 12.31 -19.58 15.59
C ALA D 246 10.85 -19.16 15.47
N TYR D 247 10.41 -19.01 14.24
CA TYR D 247 9.07 -18.48 13.95
C TYR D 247 8.28 -19.53 13.16
N PRO D 248 6.93 -19.48 13.24
CA PRO D 248 6.06 -20.45 12.57
C PRO D 248 6.27 -20.46 11.05
N SER D 249 6.55 -21.62 10.48
CA SER D 249 6.80 -21.73 9.03
C SER D 249 5.55 -21.53 8.19
N GLU D 250 4.40 -21.84 8.78
CA GLU D 250 3.16 -21.93 8.02
C GLU D 250 2.33 -20.65 8.04
N VAL D 251 2.74 -19.67 8.86
CA VAL D 251 2.06 -18.38 8.88
C VAL D 251 2.41 -17.58 7.62
N GLU D 252 1.42 -17.40 6.75
CA GLU D 252 1.60 -16.75 5.46
C GLU D 252 2.19 -15.34 5.58
N GLY D 253 3.26 -15.09 4.84
CA GLY D 253 3.84 -13.77 4.76
C GLY D 253 4.66 -13.35 5.96
N LEU D 254 4.78 -14.21 6.96
CA LEU D 254 5.55 -13.86 8.15
C LEU D 254 7.04 -13.78 7.82
N ALA D 255 7.52 -14.79 7.11
CA ALA D 255 8.91 -14.88 6.71
C ALA D 255 9.31 -13.66 5.90
N ALA D 256 8.41 -13.23 5.02
CA ALA D 256 8.66 -12.08 4.16
C ALA D 256 8.78 -10.79 4.97
N GLN D 257 7.99 -10.64 6.03
CA GLN D 257 8.05 -9.42 6.83
C GLN D 257 9.37 -9.39 7.61
N LEU D 258 9.76 -10.53 8.14
CA LEU D 258 10.99 -10.64 8.89
C LEU D 258 12.21 -10.33 8.01
N LEU D 259 12.16 -10.80 6.76
CA LEU D 259 13.20 -10.52 5.78
C LEU D 259 13.34 -9.02 5.56
N LYS D 260 12.19 -8.35 5.53
CA LYS D 260 12.16 -6.92 5.30
C LYS D 260 12.87 -6.18 6.42
N VAL D 261 12.53 -6.50 7.66
CA VAL D 261 13.12 -5.83 8.80
C VAL D 261 14.61 -6.20 8.94
N GLN D 262 14.91 -7.47 8.69
CA GLN D 262 16.28 -7.97 8.79
C GLN D 262 17.20 -7.26 7.79
N ASP D 263 16.75 -7.08 6.54
CA ASP D 263 17.60 -6.45 5.53
C ASP D 263 17.87 -4.99 5.84
N ASN D 264 16.97 -4.36 6.57
CA ASN D 264 17.10 -2.95 6.93
C ASN D 264 17.94 -2.69 8.17
N ILE D 265 18.01 -3.65 9.07
CA ILE D 265 18.72 -3.37 10.32
C ILE D 265 20.13 -4.02 10.27
N PRO D 266 20.27 -5.35 10.49
CA PRO D 266 21.67 -5.78 10.43
C PRO D 266 22.16 -6.18 9.04
N ILE D 267 21.23 -6.40 8.10
CA ILE D 267 21.46 -7.13 6.85
C ILE D 267 21.73 -8.60 7.16
N CYS D 268 22.82 -8.89 7.85
CA CYS D 268 23.06 -10.25 8.31
C CYS D 268 23.92 -10.21 9.56
N ALA D 269 23.90 -11.30 10.34
CA ALA D 269 24.81 -11.40 11.47
C ALA D 269 26.22 -11.55 10.92
N SER D 270 27.22 -11.07 11.67
CA SER D 270 28.62 -11.22 11.27
C SER D 270 28.91 -12.65 10.87
N ILE D 271 29.53 -12.85 9.71
CA ILE D 271 29.78 -14.22 9.25
C ILE D 271 30.70 -14.97 10.21
N ILE D 272 31.76 -14.32 10.67
CA ILE D 272 32.70 -15.00 11.58
C ILE D 272 31.99 -15.34 12.91
N SER D 273 31.08 -14.48 13.36
CA SER D 273 30.32 -14.75 14.57
C SER D 273 29.38 -15.92 14.35
N GLN D 274 28.80 -16.00 13.16
CA GLN D 274 27.93 -17.11 12.83
C GLN D 274 28.69 -18.44 12.76
N ARG D 275 29.93 -18.36 12.26
CA ARG D 275 30.80 -19.54 12.21
C ARG D 275 31.10 -20.06 13.60
N LEU D 276 31.49 -19.15 14.50
CA LEU D 276 31.74 -19.49 15.90
C LEU D 276 30.53 -20.11 16.57
N ALA D 277 29.35 -19.53 16.32
CA ALA D 277 28.12 -20.07 16.88
C ALA D 277 27.94 -21.51 16.44
N LEU D 278 28.13 -21.74 15.16
CA LEU D 278 27.97 -23.08 14.61
C LEU D 278 28.97 -24.05 15.23
N TYR D 279 30.22 -23.61 15.36
CA TYR D 279 31.27 -24.48 15.88
C TYR D 279 31.11 -24.71 17.39
N SER D 280 30.67 -23.69 18.11
CA SER D 280 30.37 -23.81 19.54
C SER D 280 29.24 -24.81 19.77
N MET D 281 28.23 -24.75 18.91
CA MET D 281 27.09 -25.66 18.96
C MET D 281 27.50 -27.12 18.87
N GLU D 282 28.58 -27.38 18.13
CA GLU D 282 29.01 -28.74 17.84
C GLU D 282 29.58 -29.46 19.05
N MET D 283 29.90 -28.69 20.09
CA MET D 283 30.31 -29.26 21.38
C MET D 283 29.15 -29.97 22.06
N GLY D 284 27.92 -29.52 21.78
CA GLY D 284 26.73 -30.07 22.39
C GLY D 284 26.28 -29.28 23.61
N PRO D 285 25.00 -29.42 23.98
CA PRO D 285 24.35 -28.72 25.09
C PRO D 285 25.04 -28.98 26.44
N GLU D 286 25.60 -30.18 26.61
CA GLU D 286 26.20 -30.57 27.88
C GLU D 286 27.43 -29.73 28.22
N TRP D 287 28.09 -29.19 27.19
CA TRP D 287 29.22 -28.28 27.38
C TRP D 287 28.79 -27.07 28.21
N VAL D 288 27.55 -26.63 27.99
CA VAL D 288 27.05 -25.47 28.70
C VAL D 288 26.56 -25.83 30.11
N THR D 289 25.66 -26.81 30.18
CA THR D 289 24.99 -27.12 31.43
C THR D 289 25.95 -27.61 32.51
N ASN D 290 27.04 -28.25 32.10
CA ASN D 290 28.05 -28.68 33.06
C ASN D 290 28.70 -27.49 33.75
N GLN D 291 28.79 -26.37 33.05
CA GLN D 291 29.38 -25.17 33.62
C GLN D 291 28.37 -24.41 34.47
N VAL D 292 27.10 -24.50 34.11
CA VAL D 292 26.03 -23.89 34.87
C VAL D 292 26.03 -24.48 36.28
N LYS D 293 26.28 -25.80 36.38
CA LYS D 293 26.37 -26.47 37.68
C LYS D 293 27.34 -25.81 38.65
N ASP D 294 28.43 -25.26 38.13
CA ASP D 294 29.43 -24.60 38.98
C ASP D 294 28.92 -23.29 39.55
N LEU D 295 27.80 -22.81 39.02
CA LEU D 295 27.21 -21.55 39.47
C LEU D 295 26.29 -21.76 40.68
N VAL D 296 25.89 -23.00 40.95
CA VAL D 296 25.02 -23.31 42.08
C VAL D 296 25.62 -22.84 43.40
N LYS D 297 26.94 -22.94 43.52
CA LYS D 297 27.64 -22.48 44.71
C LYS D 297 27.68 -20.95 44.77
N ASN D 298 27.68 -20.30 43.61
CA ASN D 298 27.65 -18.85 43.56
C ASN D 298 26.33 -18.34 44.13
N ARG D 299 25.26 -19.06 43.79
CA ARG D 299 23.92 -18.76 44.27
C ARG D 299 23.83 -18.84 45.80
N GLU D 300 24.23 -19.98 46.36
CA GLU D 300 24.17 -20.23 47.80
C GLU D 300 24.94 -19.19 48.62
N VAL D 301 26.10 -18.76 48.12
CA VAL D 301 26.91 -17.75 48.78
C VAL D 301 26.16 -16.42 48.86
N LEU D 302 25.61 -15.99 47.73
CA LEU D 302 24.93 -14.72 47.66
C LEU D 302 23.57 -14.75 48.37
N LEU D 303 22.94 -15.91 48.40
CA LEU D 303 21.67 -16.05 49.10
C LEU D 303 21.84 -15.82 50.59
N GLU D 304 22.97 -16.30 51.12
CA GLU D 304 23.29 -16.11 52.53
C GLU D 304 23.79 -14.70 52.77
N ALA D 305 24.29 -14.06 51.73
CA ALA D 305 24.73 -12.67 51.82
C ALA D 305 23.54 -11.71 51.81
N LEU D 306 22.39 -12.22 51.39
CA LEU D 306 21.15 -11.43 51.36
C LEU D 306 20.28 -11.72 52.58
N SER D 307 20.90 -12.36 53.58
CA SER D 307 20.20 -12.72 54.81
C SER D 307 19.65 -11.54 55.64
N PRO D 308 20.37 -10.39 55.70
CA PRO D 308 19.83 -9.26 56.48
C PRO D 308 18.46 -8.76 56.04
N LEU D 309 18.04 -9.08 54.81
CA LEU D 309 16.79 -8.58 54.27
C LEU D 309 15.56 -9.24 54.87
N GLY D 310 15.74 -10.43 55.45
CA GLY D 310 14.63 -11.17 56.04
C GLY D 310 14.52 -12.57 55.49
N LYS D 311 13.48 -13.31 55.88
CA LYS D 311 13.45 -14.73 55.54
C LYS D 311 12.90 -15.03 54.15
N GLY D 312 11.84 -14.34 53.74
CA GLY D 312 11.22 -14.57 52.44
C GLY D 312 11.48 -13.48 51.42
N ALA D 313 12.45 -12.61 51.72
CA ALA D 313 12.73 -11.42 50.92
C ALA D 313 13.33 -11.70 49.53
N VAL D 314 14.05 -12.80 49.39
CA VAL D 314 14.74 -13.09 48.14
C VAL D 314 14.04 -14.20 47.34
N LYS D 315 13.80 -13.93 46.07
CA LYS D 315 13.23 -14.93 45.17
C LYS D 315 14.14 -15.21 43.98
N GLY D 316 13.83 -16.27 43.25
CA GLY D 316 14.61 -16.66 42.09
C GLY D 316 15.49 -17.86 42.42
N GLY D 317 16.51 -18.11 41.61
CA GLY D 317 17.36 -19.27 41.80
C GLY D 317 16.75 -20.51 41.16
N GLU D 318 15.63 -20.34 40.46
CA GLU D 318 15.03 -21.44 39.73
C GLU D 318 15.70 -21.62 38.36
N GLY D 319 16.18 -20.52 37.79
CA GLY D 319 16.76 -20.54 36.47
C GLY D 319 17.46 -19.26 36.13
N ALA D 320 18.05 -19.19 34.93
CA ALA D 320 18.89 -18.06 34.53
C ALA D 320 20.02 -17.84 35.55
N ILE D 321 20.38 -16.59 35.80
CA ILE D 321 21.49 -16.31 36.71
C ILE D 321 21.16 -15.20 37.69
N TYR D 322 19.89 -15.09 38.07
CA TYR D 322 19.42 -13.94 38.83
C TYR D 322 18.76 -14.26 40.17
N LEU D 323 19.01 -13.38 41.13
CA LEU D 323 18.30 -13.35 42.40
C LEU D 323 17.52 -12.04 42.54
N TRP D 324 16.28 -12.13 43.02
CA TRP D 324 15.39 -10.97 43.07
C TRP D 324 14.99 -10.70 44.51
N ALA D 325 15.48 -9.58 45.06
CA ALA D 325 15.36 -9.32 46.49
C ALA D 325 14.69 -7.98 46.81
N LYS D 326 13.82 -8.02 47.81
CA LYS D 326 13.16 -6.76 48.22
C LYS D 326 14.03 -6.08 49.28
N LEU D 327 14.34 -4.80 49.04
CA LEU D 327 15.08 -3.91 49.98
C LEU D 327 14.08 -3.49 51.03
N PRO D 328 14.39 -2.88 52.36
CA PRO D 328 13.50 -2.43 53.44
C PRO D 328 12.40 -1.49 52.92
N ASP D 329 11.26 -1.49 53.62
CA ASP D 329 10.04 -0.88 53.12
C ASP D 329 10.13 0.60 52.75
N LYS D 330 11.00 1.36 53.42
CA LYS D 330 11.09 2.79 53.13
C LYS D 330 12.14 3.05 52.05
N TYR D 331 12.92 2.02 51.72
CA TYR D 331 14.00 2.16 50.72
C TYR D 331 13.48 1.84 49.31
N MET D 332 12.33 2.40 48.92
CA MET D 332 11.76 2.14 47.56
C MET D 332 12.62 2.82 46.50
N ASP D 333 13.61 3.60 46.93
CA ASP D 333 14.52 4.29 46.03
C ASP D 333 15.81 3.51 45.82
N ASP D 334 15.77 2.62 44.81
CA ASP D 334 16.87 1.68 44.47
C ASP D 334 18.15 2.41 44.05
N PHE D 335 18.04 3.42 43.19
CA PHE D 335 19.22 4.14 42.66
C PHE D 335 20.10 4.64 43.81
N LYS D 336 19.49 5.21 44.84
CA LYS D 336 20.26 5.73 45.96
C LYS D 336 20.92 4.60 46.73
N VAL D 337 20.21 3.49 46.85
CA VAL D 337 20.73 2.32 47.54
C VAL D 337 21.89 1.70 46.76
N VAL D 338 21.77 1.69 45.44
CA VAL D 338 22.80 1.11 44.57
C VAL D 338 24.05 1.98 44.54
N HIS D 339 23.88 3.28 44.41
CA HIS D 339 25.01 4.22 44.42
C HIS D 339 25.74 4.20 45.77
N TRP D 340 24.99 4.01 46.85
CA TRP D 340 25.57 3.97 48.19
C TRP D 340 26.31 2.66 48.46
N LEU D 341 26.25 1.73 47.52
CA LEU D 341 26.94 0.46 47.69
C LEU D 341 28.21 0.54 46.84
N GLY D 346 31.69 -1.98 48.38
CA GLY D 346 31.92 -1.60 46.99
C GLY D 346 31.44 -2.65 46.01
N VAL D 347 30.13 -2.91 46.01
CA VAL D 347 29.52 -3.88 45.12
C VAL D 347 28.45 -3.20 44.24
N VAL D 348 28.38 -3.60 42.97
CA VAL D 348 27.42 -3.02 42.05
C VAL D 348 26.20 -3.93 41.83
N LEU D 349 25.02 -3.43 42.15
CA LEU D 349 23.80 -4.17 41.88
C LEU D 349 22.98 -3.45 40.79
N ILE D 350 21.85 -4.04 40.42
CA ILE D 350 20.94 -3.46 39.43
C ILE D 350 19.67 -2.98 40.10
N PRO D 351 19.31 -1.70 39.90
CA PRO D 351 18.06 -1.17 40.47
C PRO D 351 16.83 -1.88 39.91
N GLY D 352 15.98 -2.38 40.79
CA GLY D 352 14.80 -3.13 40.39
C GLY D 352 13.68 -2.30 39.78
N SER D 353 13.75 -0.98 39.97
CA SER D 353 12.74 -0.06 39.42
C SER D 353 12.68 -0.11 37.89
N SER D 354 13.84 -0.31 37.27
CA SER D 354 13.95 -0.38 35.82
C SER D 354 13.13 -1.53 35.25
N SER D 355 12.85 -2.53 36.09
CA SER D 355 12.08 -3.67 35.65
C SER D 355 10.63 -3.52 36.07
N GLY D 356 10.27 -2.30 36.48
CA GLY D 356 8.90 -1.96 36.85
C GLY D 356 8.56 -2.13 38.32
N CYS D 357 9.51 -2.62 39.09
CA CYS D 357 9.27 -2.88 40.53
C CYS D 357 10.25 -2.07 41.37
N PRO D 358 9.88 -0.85 41.82
CA PRO D 358 10.77 -0.05 42.65
C PRO D 358 10.79 -0.67 44.06
N GLY D 359 11.89 -0.47 44.78
CA GLY D 359 12.01 -1.03 46.13
C GLY D 359 12.71 -2.38 46.11
N TYR D 360 12.95 -2.93 44.92
CA TYR D 360 13.62 -4.25 44.80
C TYR D 360 14.99 -4.07 44.15
N VAL D 361 15.76 -5.14 44.11
CA VAL D 361 17.10 -5.07 43.54
C VAL D 361 17.47 -6.43 42.96
N ARG D 362 18.27 -6.43 41.89
CA ARG D 362 18.63 -7.67 41.21
C ARG D 362 20.10 -8.02 41.47
N VAL D 363 20.36 -9.29 41.72
CA VAL D 363 21.70 -9.78 41.94
C VAL D 363 22.05 -10.86 40.94
N SER D 364 23.13 -10.65 40.19
CA SER D 364 23.56 -11.65 39.22
C SER D 364 24.78 -12.43 39.73
N PHE D 365 24.67 -13.75 39.77
CA PHE D 365 25.73 -14.61 40.29
C PHE D 365 26.45 -15.45 39.24
N GLY D 366 26.26 -15.11 37.97
CA GLY D 366 26.82 -15.90 36.90
C GLY D 366 28.16 -15.41 36.39
N GLY D 367 28.57 -14.23 36.85
CA GLY D 367 29.71 -13.56 36.26
C GLY D 367 31.03 -13.65 37.00
N LEU D 368 31.04 -14.34 38.13
CA LEU D 368 32.23 -14.40 38.99
C LEU D 368 32.68 -15.85 39.27
N ILE D 369 33.98 -16.01 39.48
CA ILE D 369 34.61 -17.30 39.72
C ILE D 369 35.09 -17.51 41.16
N GLU D 370 34.17 -17.75 42.10
CA GLU D 370 34.53 -17.86 43.52
C GLU D 370 35.33 -16.64 44.00
N LYS D 371 35.28 -15.58 43.19
CA LYS D 371 35.57 -14.22 43.59
C LYS D 371 34.24 -13.63 44.01
N ASP D 372 33.24 -14.49 43.87
CA ASP D 372 31.88 -14.22 44.27
C ASP D 372 31.75 -14.15 45.78
N CYS D 373 32.72 -14.73 46.50
CA CYS D 373 32.69 -14.69 47.95
C CYS D 373 33.32 -13.41 48.49
N ARG D 374 34.14 -12.76 47.67
CA ARG D 374 34.64 -11.44 48.02
C ARG D 374 33.56 -10.43 47.67
N ALA D 375 32.65 -10.85 46.79
CA ALA D 375 31.48 -10.08 46.40
C ALA D 375 30.46 -10.15 47.54
N ALA D 376 30.58 -11.18 48.36
CA ALA D 376 29.77 -11.33 49.57
C ALA D 376 30.19 -10.33 50.65
N ALA D 377 30.95 -9.31 50.24
CA ALA D 377 31.20 -8.12 51.04
C ALA D 377 30.03 -7.15 50.88
N GLU D 378 28.88 -7.70 50.50
CA GLU D 378 27.67 -6.93 50.27
C GLU D 378 27.03 -6.64 51.62
N ARG D 379 27.70 -5.76 52.37
CA ARG D 379 27.34 -5.34 53.73
C ARG D 379 25.85 -5.43 54.10
N LEU D 380 24.99 -4.73 53.36
CA LEU D 380 23.57 -4.58 53.73
C LEU D 380 23.39 -4.28 55.21
N ARG D 381 24.07 -3.24 55.69
CA ARG D 381 23.89 -2.78 57.06
C ARG D 381 22.60 -1.98 57.18
N LYS D 382 21.89 -2.16 58.29
CA LYS D 382 20.64 -1.44 58.54
C LYS D 382 20.39 -1.25 60.04
S SO4 E . -14.34 1.74 -30.32
O1 SO4 E . -15.36 2.57 -30.96
O2 SO4 E . -13.21 2.59 -29.95
O3 SO4 E . -14.89 1.09 -29.13
O4 SO4 E . -13.92 0.71 -31.26
S SO4 F . -25.09 6.57 2.73
O1 SO4 F . -24.41 7.33 3.79
O2 SO4 F . -24.91 7.29 1.46
O3 SO4 F . -26.51 6.48 3.03
O4 SO4 F . -24.54 5.23 2.62
S SO4 G . 23.10 -2.40 -2.84
O1 SO4 G . 21.68 -2.23 -3.14
O2 SO4 G . 23.76 -1.10 -2.87
O3 SO4 G . 23.70 -3.29 -3.84
O4 SO4 G . 23.26 -2.97 -1.50
S SO4 H . 21.04 -7.77 31.67
O1 SO4 H . 21.43 -7.45 30.31
O2 SO4 H . 20.20 -6.71 32.23
O3 SO4 H . 20.27 -9.01 31.66
O4 SO4 H . 22.24 -7.94 32.49
#